data_6AZE
# 
_entry.id   6AZE 
# 
_audit_conform.dict_name       mmcif_pdbx.dic 
_audit_conform.dict_version    5.399 
_audit_conform.dict_location   http://mmcif.pdb.org/dictionaries/ascii/mmcif_pdbx.dic 
# 
loop_
_database_2.database_id 
_database_2.database_code 
_database_2.pdbx_database_accession 
_database_2.pdbx_DOI 
PDB   6AZE         pdb_00006aze 10.2210/pdb6aze/pdb 
WWPDB D_1000230031 ?            ?                   
# 
loop_
_pdbx_audit_revision_history.ordinal 
_pdbx_audit_revision_history.data_content_type 
_pdbx_audit_revision_history.major_revision 
_pdbx_audit_revision_history.minor_revision 
_pdbx_audit_revision_history.revision_date 
1 'Structure model' 1 0 2018-09-19 
2 'Structure model' 1 1 2020-01-01 
3 'Structure model' 1 2 2024-11-20 
# 
_pdbx_audit_revision_details.ordinal             1 
_pdbx_audit_revision_details.revision_ordinal    1 
_pdbx_audit_revision_details.data_content_type   'Structure model' 
_pdbx_audit_revision_details.provider            repository 
_pdbx_audit_revision_details.type                'Initial release' 
_pdbx_audit_revision_details.description         ? 
_pdbx_audit_revision_details.details             ? 
# 
loop_
_pdbx_audit_revision_group.ordinal 
_pdbx_audit_revision_group.revision_ordinal 
_pdbx_audit_revision_group.data_content_type 
_pdbx_audit_revision_group.group 
1 2 'Structure model' 'Author supporting evidence' 
2 3 'Structure model' 'Data collection'            
3 3 'Structure model' 'Database references'        
4 3 'Structure model' 'Derived calculations'       
5 3 'Structure model' 'Structure summary'          
# 
loop_
_pdbx_audit_revision_category.ordinal 
_pdbx_audit_revision_category.revision_ordinal 
_pdbx_audit_revision_category.data_content_type 
_pdbx_audit_revision_category.category 
1 2 'Structure model' pdbx_audit_support        
2 3 'Structure model' chem_comp_atom            
3 3 'Structure model' chem_comp_bond            
4 3 'Structure model' database_2                
5 3 'Structure model' pdbx_entry_details        
6 3 'Structure model' pdbx_modification_feature 
7 3 'Structure model' struct_conn               
8 3 'Structure model' struct_conn_type          
# 
loop_
_pdbx_audit_revision_item.ordinal 
_pdbx_audit_revision_item.revision_ordinal 
_pdbx_audit_revision_item.data_content_type 
_pdbx_audit_revision_item.item 
1  2 'Structure model' '_pdbx_audit_support.funding_organization' 
2  3 'Structure model' '_database_2.pdbx_DOI'                     
3  3 'Structure model' '_database_2.pdbx_database_accession'      
4  3 'Structure model' '_struct_conn.conn_type_id'                
5  3 'Structure model' '_struct_conn.id'                          
6  3 'Structure model' '_struct_conn.pdbx_dist_value'             
7  3 'Structure model' '_struct_conn.pdbx_leaving_atom_flag'      
8  3 'Structure model' '_struct_conn.ptnr1_auth_asym_id'          
9  3 'Structure model' '_struct_conn.ptnr1_auth_comp_id'          
10 3 'Structure model' '_struct_conn.ptnr1_auth_seq_id'           
11 3 'Structure model' '_struct_conn.ptnr1_label_asym_id'         
12 3 'Structure model' '_struct_conn.ptnr1_label_atom_id'         
13 3 'Structure model' '_struct_conn.ptnr1_label_comp_id'         
14 3 'Structure model' '_struct_conn.ptnr1_label_seq_id'          
15 3 'Structure model' '_struct_conn.ptnr2_auth_asym_id'          
16 3 'Structure model' '_struct_conn.ptnr2_auth_comp_id'          
17 3 'Structure model' '_struct_conn.ptnr2_auth_seq_id'           
18 3 'Structure model' '_struct_conn.ptnr2_label_asym_id'         
19 3 'Structure model' '_struct_conn.ptnr2_label_atom_id'         
20 3 'Structure model' '_struct_conn.ptnr2_label_comp_id'         
21 3 'Structure model' '_struct_conn.ptnr2_label_seq_id'          
22 3 'Structure model' '_struct_conn_type.id'                     
# 
_pdbx_database_status.status_code                     REL 
_pdbx_database_status.status_code_sf                  REL 
_pdbx_database_status.status_code_mr                  ? 
_pdbx_database_status.entry_id                        6AZE 
_pdbx_database_status.recvd_initial_deposition_date   2017-09-11 
_pdbx_database_status.SG_entry                        N 
_pdbx_database_status.deposit_site                    RCSB 
_pdbx_database_status.process_site                    RCSB 
_pdbx_database_status.status_code_cs                  ? 
_pdbx_database_status.methods_development_category    ? 
_pdbx_database_status.pdb_format_compatible           Y 
_pdbx_database_status.status_code_nmr_data            ? 
# 
_pdbx_database_related.db_name        PDB 
_pdbx_database_related.details        'same protein with different ligand' 
_pdbx_database_related.db_id          2F6J 
_pdbx_database_related.content_type   unspecified 
# 
loop_
_audit_author.name 
_audit_author.pdbx_ordinal 
_audit_author.identifier_ORCID 
'Chen, Z.'         1 ?                   
'Ruthenburg, A.J.' 2 0000-0003-2709-4564 
# 
_citation.abstract                  ? 
_citation.abstract_id_CAS           ? 
_citation.book_id_ISBN              ? 
_citation.book_publisher            ? 
_citation.book_publisher_city       ? 
_citation.book_title                ? 
_citation.coordinate_linkage        ? 
_citation.country                   ? 
_citation.database_id_Medline       ? 
_citation.details                   ? 
_citation.id                        primary 
_citation.journal_abbrev            'To be published' 
_citation.journal_id_ASTM           ? 
_citation.journal_id_CSD            0353 
_citation.journal_id_ISSN           ? 
_citation.journal_full              ? 
_citation.journal_issue             ? 
_citation.journal_volume            ? 
_citation.language                  ? 
_citation.page_first                ? 
_citation.page_last                 ? 
_citation.title                     
;Quantitative and structural assessment of methyllysine analog engagement by cognate binding proteins reveals decrements that can impact qualitative experiment interpretation
;
_citation.year                      ? 
_citation.database_id_CSD           ? 
_citation.pdbx_database_id_DOI      ? 
_citation.pdbx_database_id_PubMed   ? 
_citation.unpublished_flag          ? 
# 
loop_
_citation_author.citation_id 
_citation_author.name 
_citation_author.ordinal 
_citation_author.identifier_ORCID 
primary 'Chen, Z.'          1 ? 
primary 'Ruthenburg, A.J.'  2 ? 
primary 'Notti, R.Q.'       3 ? 
primary 'Ueberheide, B.'    4 ? 
primary 'Banaszynski, L.A.' 5 ? 
# 
loop_
_entity.id 
_entity.type 
_entity.src_method 
_entity.pdbx_description 
_entity.formula_weight 
_entity.pdbx_number_of_molecules 
_entity.pdbx_ec 
_entity.pdbx_mutation 
_entity.pdbx_fragment 
_entity.details 
1 polymer     man 'Nucleosome-remodeling factor subunit BPTF' 19699.434 1   ? ? PHD-bromodomain ? 
2 polymer     syn ALA-ARG-THR-ML3-GLN-THR                     765.922   1   ? ? ?               ? 
3 non-polymer syn 'ZINC ION'                                  65.409    2   ? ? ?               ? 
4 water       nat water                                       18.015    102 ? ? ?               ? 
# 
_entity_name_com.entity_id   1 
_entity_name_com.name        
'Bromodomain and PHD finger-containing transcription factor,Fetal Alz-50 clone 1 protein,Fetal Alzheimer antigen' 
# 
loop_
_entity_poly.entity_id 
_entity_poly.type 
_entity_poly.nstd_linkage 
_entity_poly.nstd_monomer 
_entity_poly.pdbx_seq_one_letter_code 
_entity_poly.pdbx_seq_one_letter_code_can 
_entity_poly.pdbx_strand_id 
_entity_poly.pdbx_target_identifier 
1 'polypeptide(L)' no no  
;TKLYCICKTPYDESKFYIGCDRCQNWYHGRCVGILQSEAELIDEYVCPQCQSTEDAMTVLTPLTEKDYEGLKRVLRSLQA
HKMAWPFLEPVDPNDAPDYYGVIKEPMDLATMEERVQRRYYEKLTEFVADMTKIFDNCRYYNPSDSPFYQCAEVLESFFV
QKLKGFK
;
;TKLYCICKTPYDESKFYIGCDRCQNWYHGRCVGILQSEAELIDEYVCPQCQSTEDAMTVLTPLTEKDYEGLKRVLRSLQA
HKMAWPFLEPVDPNDAPDYYGVIKEPMDLATMEERVQRRYYEKLTEFVADMTKIFDNCRYYNPSDSPFYQCAEVLESFFV
QKLKGFK
;
A ? 
2 'polypeptide(L)' no yes 'ART(ML3)QT' ARTKQT P ? 
# 
loop_
_pdbx_entity_nonpoly.entity_id 
_pdbx_entity_nonpoly.name 
_pdbx_entity_nonpoly.comp_id 
3 'ZINC ION' ZN  
4 water      HOH 
# 
loop_
_entity_poly_seq.entity_id 
_entity_poly_seq.num 
_entity_poly_seq.mon_id 
_entity_poly_seq.hetero 
1 1   THR n 
1 2   LYS n 
1 3   LEU n 
1 4   TYR n 
1 5   CYS n 
1 6   ILE n 
1 7   CYS n 
1 8   LYS n 
1 9   THR n 
1 10  PRO n 
1 11  TYR n 
1 12  ASP n 
1 13  GLU n 
1 14  SER n 
1 15  LYS n 
1 16  PHE n 
1 17  TYR n 
1 18  ILE n 
1 19  GLY n 
1 20  CYS n 
1 21  ASP n 
1 22  ARG n 
1 23  CYS n 
1 24  GLN n 
1 25  ASN n 
1 26  TRP n 
1 27  TYR n 
1 28  HIS n 
1 29  GLY n 
1 30  ARG n 
1 31  CYS n 
1 32  VAL n 
1 33  GLY n 
1 34  ILE n 
1 35  LEU n 
1 36  GLN n 
1 37  SER n 
1 38  GLU n 
1 39  ALA n 
1 40  GLU n 
1 41  LEU n 
1 42  ILE n 
1 43  ASP n 
1 44  GLU n 
1 45  TYR n 
1 46  VAL n 
1 47  CYS n 
1 48  PRO n 
1 49  GLN n 
1 50  CYS n 
1 51  GLN n 
1 52  SER n 
1 53  THR n 
1 54  GLU n 
1 55  ASP n 
1 56  ALA n 
1 57  MET n 
1 58  THR n 
1 59  VAL n 
1 60  LEU n 
1 61  THR n 
1 62  PRO n 
1 63  LEU n 
1 64  THR n 
1 65  GLU n 
1 66  LYS n 
1 67  ASP n 
1 68  TYR n 
1 69  GLU n 
1 70  GLY n 
1 71  LEU n 
1 72  LYS n 
1 73  ARG n 
1 74  VAL n 
1 75  LEU n 
1 76  ARG n 
1 77  SER n 
1 78  LEU n 
1 79  GLN n 
1 80  ALA n 
1 81  HIS n 
1 82  LYS n 
1 83  MET n 
1 84  ALA n 
1 85  TRP n 
1 86  PRO n 
1 87  PHE n 
1 88  LEU n 
1 89  GLU n 
1 90  PRO n 
1 91  VAL n 
1 92  ASP n 
1 93  PRO n 
1 94  ASN n 
1 95  ASP n 
1 96  ALA n 
1 97  PRO n 
1 98  ASP n 
1 99  TYR n 
1 100 TYR n 
1 101 GLY n 
1 102 VAL n 
1 103 ILE n 
1 104 LYS n 
1 105 GLU n 
1 106 PRO n 
1 107 MET n 
1 108 ASP n 
1 109 LEU n 
1 110 ALA n 
1 111 THR n 
1 112 MET n 
1 113 GLU n 
1 114 GLU n 
1 115 ARG n 
1 116 VAL n 
1 117 GLN n 
1 118 ARG n 
1 119 ARG n 
1 120 TYR n 
1 121 TYR n 
1 122 GLU n 
1 123 LYS n 
1 124 LEU n 
1 125 THR n 
1 126 GLU n 
1 127 PHE n 
1 128 VAL n 
1 129 ALA n 
1 130 ASP n 
1 131 MET n 
1 132 THR n 
1 133 LYS n 
1 134 ILE n 
1 135 PHE n 
1 136 ASP n 
1 137 ASN n 
1 138 CYS n 
1 139 ARG n 
1 140 TYR n 
1 141 TYR n 
1 142 ASN n 
1 143 PRO n 
1 144 SER n 
1 145 ASP n 
1 146 SER n 
1 147 PRO n 
1 148 PHE n 
1 149 TYR n 
1 150 GLN n 
1 151 CYS n 
1 152 ALA n 
1 153 GLU n 
1 154 VAL n 
1 155 LEU n 
1 156 GLU n 
1 157 SER n 
1 158 PHE n 
1 159 PHE n 
1 160 VAL n 
1 161 GLN n 
1 162 LYS n 
1 163 LEU n 
1 164 LYS n 
1 165 GLY n 
1 166 PHE n 
1 167 LYS n 
2 1   ALA n 
2 2   ARG n 
2 3   THR n 
2 4   ML3 n 
2 5   GLN n 
2 6   THR n 
# 
_entity_src_gen.entity_id                          1 
_entity_src_gen.pdbx_src_id                        1 
_entity_src_gen.pdbx_alt_source_flag               sample 
_entity_src_gen.pdbx_seq_type                      'Biological sequence' 
_entity_src_gen.pdbx_beg_seq_num                   1 
_entity_src_gen.pdbx_end_seq_num                   167 
_entity_src_gen.gene_src_common_name               Human 
_entity_src_gen.gene_src_genus                     ? 
_entity_src_gen.pdbx_gene_src_gene                 'BPTF, FAC1, FALZ' 
_entity_src_gen.gene_src_species                   ? 
_entity_src_gen.gene_src_strain                    ? 
_entity_src_gen.gene_src_tissue                    ? 
_entity_src_gen.gene_src_tissue_fraction           ? 
_entity_src_gen.gene_src_details                   ? 
_entity_src_gen.pdbx_gene_src_fragment             ? 
_entity_src_gen.pdbx_gene_src_scientific_name      'Homo sapiens' 
_entity_src_gen.pdbx_gene_src_ncbi_taxonomy_id     9606 
_entity_src_gen.pdbx_gene_src_variant              ? 
_entity_src_gen.pdbx_gene_src_cell_line            ? 
_entity_src_gen.pdbx_gene_src_atcc                 ? 
_entity_src_gen.pdbx_gene_src_organ                ? 
_entity_src_gen.pdbx_gene_src_organelle            ? 
_entity_src_gen.pdbx_gene_src_cell                 ? 
_entity_src_gen.pdbx_gene_src_cellular_location    ? 
_entity_src_gen.host_org_common_name               ? 
_entity_src_gen.pdbx_host_org_scientific_name      'Escherichia coli' 
_entity_src_gen.pdbx_host_org_ncbi_taxonomy_id     562 
_entity_src_gen.host_org_genus                     ? 
_entity_src_gen.pdbx_host_org_gene                 ? 
_entity_src_gen.pdbx_host_org_organ                ? 
_entity_src_gen.host_org_species                   ? 
_entity_src_gen.pdbx_host_org_tissue               ? 
_entity_src_gen.pdbx_host_org_tissue_fraction      ? 
_entity_src_gen.pdbx_host_org_strain               ? 
_entity_src_gen.pdbx_host_org_variant              ? 
_entity_src_gen.pdbx_host_org_cell_line            ? 
_entity_src_gen.pdbx_host_org_atcc                 ? 
_entity_src_gen.pdbx_host_org_culture_collection   ? 
_entity_src_gen.pdbx_host_org_cell                 ? 
_entity_src_gen.pdbx_host_org_organelle            ? 
_entity_src_gen.pdbx_host_org_cellular_location    ? 
_entity_src_gen.pdbx_host_org_vector_type          ? 
_entity_src_gen.pdbx_host_org_vector               ? 
_entity_src_gen.host_org_details                   ? 
_entity_src_gen.expression_system_id               ? 
_entity_src_gen.plasmid_name                       ? 
_entity_src_gen.plasmid_details                    ? 
_entity_src_gen.pdbx_description                   ? 
# 
_pdbx_entity_src_syn.entity_id              2 
_pdbx_entity_src_syn.pdbx_src_id            1 
_pdbx_entity_src_syn.pdbx_alt_source_flag   sample 
_pdbx_entity_src_syn.pdbx_beg_seq_num       1 
_pdbx_entity_src_syn.pdbx_end_seq_num       6 
_pdbx_entity_src_syn.organism_scientific    'Homo sapiens' 
_pdbx_entity_src_syn.organism_common_name   Human 
_pdbx_entity_src_syn.ncbi_taxonomy_id       9606 
_pdbx_entity_src_syn.details                'synthetic peptide made by SPSS' 
# 
loop_
_chem_comp.id 
_chem_comp.type 
_chem_comp.mon_nstd_flag 
_chem_comp.name 
_chem_comp.pdbx_synonyms 
_chem_comp.formula 
_chem_comp.formula_weight 
ALA 'L-peptide linking' y ALANINE                                                                 ? 'C3 H7 N O2'       89.093  
ARG 'L-peptide linking' y ARGININE                                                                ? 'C6 H15 N4 O2 1'   175.209 
ASN 'L-peptide linking' y ASPARAGINE                                                              ? 'C4 H8 N2 O3'      132.118 
ASP 'L-peptide linking' y 'ASPARTIC ACID'                                                         ? 'C4 H7 N O4'       133.103 
CYS 'L-peptide linking' y CYSTEINE                                                                ? 'C3 H7 N O2 S'     121.158 
GLN 'L-peptide linking' y GLUTAMINE                                                               ? 'C5 H10 N2 O3'     146.144 
GLU 'L-peptide linking' y 'GLUTAMIC ACID'                                                         ? 'C5 H9 N O4'       147.129 
GLY 'peptide linking'   y GLYCINE                                                                 ? 'C2 H5 N O2'       75.067  
HIS 'L-peptide linking' y HISTIDINE                                                               ? 'C6 H10 N3 O2 1'   156.162 
HOH non-polymer         . WATER                                                                   ? 'H2 O'             18.015  
ILE 'L-peptide linking' y ISOLEUCINE                                                              ? 'C6 H13 N O2'      131.173 
LEU 'L-peptide linking' y LEUCINE                                                                 ? 'C6 H13 N O2'      131.173 
LYS 'L-peptide linking' y LYSINE                                                                  ? 'C6 H15 N2 O2 1'   147.195 
MET 'L-peptide linking' y METHIONINE                                                              ? 'C5 H11 N O2 S'    149.211 
ML3 'L-peptide linking' n '2-{[(2R)-2-amino-2-carboxyethyl]sulfanyl}-N,N,N-trimethylethanaminium' ? 'C8 H19 N2 O2 S 1' 207.314 
PHE 'L-peptide linking' y PHENYLALANINE                                                           ? 'C9 H11 N O2'      165.189 
PRO 'L-peptide linking' y PROLINE                                                                 ? 'C5 H9 N O2'       115.130 
SER 'L-peptide linking' y SERINE                                                                  ? 'C3 H7 N O3'       105.093 
THR 'L-peptide linking' y THREONINE                                                               ? 'C4 H9 N O3'       119.119 
TRP 'L-peptide linking' y TRYPTOPHAN                                                              ? 'C11 H12 N2 O2'    204.225 
TYR 'L-peptide linking' y TYROSINE                                                                ? 'C9 H11 N O3'      181.189 
VAL 'L-peptide linking' y VALINE                                                                  ? 'C5 H11 N O2'      117.146 
ZN  non-polymer         . 'ZINC ION'                                                              ? 'Zn 2'             65.409  
# 
loop_
_pdbx_poly_seq_scheme.asym_id 
_pdbx_poly_seq_scheme.entity_id 
_pdbx_poly_seq_scheme.seq_id 
_pdbx_poly_seq_scheme.mon_id 
_pdbx_poly_seq_scheme.ndb_seq_num 
_pdbx_poly_seq_scheme.pdb_seq_num 
_pdbx_poly_seq_scheme.auth_seq_num 
_pdbx_poly_seq_scheme.pdb_mon_id 
_pdbx_poly_seq_scheme.auth_mon_id 
_pdbx_poly_seq_scheme.pdb_strand_id 
_pdbx_poly_seq_scheme.pdb_ins_code 
_pdbx_poly_seq_scheme.hetero 
A 1 1   THR 1   7   7   THR THR A . n 
A 1 2   LYS 2   8   8   LYS LYS A . n 
A 1 3   LEU 3   9   9   LEU LEU A . n 
A 1 4   TYR 4   10  10  TYR TYR A . n 
A 1 5   CYS 5   11  11  CYS CYS A . n 
A 1 6   ILE 6   12  12  ILE ILE A . n 
A 1 7   CYS 7   13  13  CYS CYS A . n 
A 1 8   LYS 8   14  14  LYS LYS A . n 
A 1 9   THR 9   15  15  THR THR A . n 
A 1 10  PRO 10  16  16  PRO PRO A . n 
A 1 11  TYR 11  17  17  TYR TYR A . n 
A 1 12  ASP 12  18  18  ASP ASP A . n 
A 1 13  GLU 13  19  19  GLU GLU A . n 
A 1 14  SER 14  20  20  SER SER A . n 
A 1 15  LYS 15  21  21  LYS LYS A . n 
A 1 16  PHE 16  22  22  PHE PHE A . n 
A 1 17  TYR 17  23  23  TYR TYR A . n 
A 1 18  ILE 18  24  24  ILE ILE A . n 
A 1 19  GLY 19  25  25  GLY GLY A . n 
A 1 20  CYS 20  26  26  CYS CYS A . n 
A 1 21  ASP 21  27  27  ASP ASP A . n 
A 1 22  ARG 22  28  28  ARG ARG A . n 
A 1 23  CYS 23  29  29  CYS CYS A . n 
A 1 24  GLN 24  30  30  GLN GLN A . n 
A 1 25  ASN 25  31  31  ASN ASN A . n 
A 1 26  TRP 26  32  32  TRP TRP A . n 
A 1 27  TYR 27  33  33  TYR TYR A . n 
A 1 28  HIS 28  34  34  HIS HIS A . n 
A 1 29  GLY 29  35  35  GLY GLY A . n 
A 1 30  ARG 30  36  36  ARG ARG A . n 
A 1 31  CYS 31  37  37  CYS CYS A . n 
A 1 32  VAL 32  38  38  VAL VAL A . n 
A 1 33  GLY 33  39  39  GLY GLY A . n 
A 1 34  ILE 34  40  40  ILE ILE A . n 
A 1 35  LEU 35  41  41  LEU LEU A . n 
A 1 36  GLN 36  42  42  GLN GLN A . n 
A 1 37  SER 37  43  43  SER SER A . n 
A 1 38  GLU 38  44  44  GLU GLU A . n 
A 1 39  ALA 39  45  45  ALA ALA A . n 
A 1 40  GLU 40  46  46  GLU GLU A . n 
A 1 41  LEU 41  47  47  LEU LEU A . n 
A 1 42  ILE 42  48  48  ILE ILE A . n 
A 1 43  ASP 43  49  49  ASP ASP A . n 
A 1 44  GLU 44  50  50  GLU GLU A . n 
A 1 45  TYR 45  51  51  TYR TYR A . n 
A 1 46  VAL 46  52  52  VAL VAL A . n 
A 1 47  CYS 47  53  53  CYS CYS A . n 
A 1 48  PRO 48  54  54  PRO PRO A . n 
A 1 49  GLN 49  55  55  GLN GLN A . n 
A 1 50  CYS 50  56  56  CYS CYS A . n 
A 1 51  GLN 51  57  57  GLN GLN A . n 
A 1 52  SER 52  58  58  SER SER A . n 
A 1 53  THR 53  59  59  THR THR A . n 
A 1 54  GLU 54  60  60  GLU GLU A . n 
A 1 55  ASP 55  61  61  ASP ASP A . n 
A 1 56  ALA 56  62  62  ALA ALA A . n 
A 1 57  MET 57  63  63  MET MET A . n 
A 1 58  THR 58  64  64  THR THR A . n 
A 1 59  VAL 59  65  65  VAL VAL A . n 
A 1 60  LEU 60  66  66  LEU LEU A . n 
A 1 61  THR 61  67  67  THR THR A . n 
A 1 62  PRO 62  68  68  PRO PRO A . n 
A 1 63  LEU 63  69  69  LEU LEU A . n 
A 1 64  THR 64  70  70  THR THR A . n 
A 1 65  GLU 65  71  71  GLU GLU A . n 
A 1 66  LYS 66  72  72  LYS LYS A . n 
A 1 67  ASP 67  73  73  ASP ASP A . n 
A 1 68  TYR 68  74  74  TYR TYR A . n 
A 1 69  GLU 69  75  75  GLU GLU A . n 
A 1 70  GLY 70  76  76  GLY GLY A . n 
A 1 71  LEU 71  77  77  LEU LEU A . n 
A 1 72  LYS 72  78  78  LYS LYS A . n 
A 1 73  ARG 73  79  79  ARG ARG A . n 
A 1 74  VAL 74  80  80  VAL VAL A . n 
A 1 75  LEU 75  81  81  LEU LEU A . n 
A 1 76  ARG 76  82  82  ARG ARG A . n 
A 1 77  SER 77  83  83  SER SER A . n 
A 1 78  LEU 78  84  84  LEU LEU A . n 
A 1 79  GLN 79  85  85  GLN GLN A . n 
A 1 80  ALA 80  86  86  ALA ALA A . n 
A 1 81  HIS 81  87  87  HIS HIS A . n 
A 1 82  LYS 82  88  88  LYS LYS A . n 
A 1 83  MET 83  89  89  MET MET A . n 
A 1 84  ALA 84  90  90  ALA ALA A . n 
A 1 85  TRP 85  91  91  TRP TRP A . n 
A 1 86  PRO 86  92  92  PRO PRO A . n 
A 1 87  PHE 87  93  93  PHE PHE A . n 
A 1 88  LEU 88  94  94  LEU LEU A . n 
A 1 89  GLU 89  95  95  GLU GLU A . n 
A 1 90  PRO 90  96  96  PRO PRO A . n 
A 1 91  VAL 91  97  97  VAL VAL A . n 
A 1 92  ASP 92  98  98  ASP ASP A . n 
A 1 93  PRO 93  99  99  PRO PRO A . n 
A 1 94  ASN 94  100 100 ASN ASN A . n 
A 1 95  ASP 95  101 101 ASP ASP A . n 
A 1 96  ALA 96  102 102 ALA ALA A . n 
A 1 97  PRO 97  103 103 PRO PRO A . n 
A 1 98  ASP 98  104 104 ASP ASP A . n 
A 1 99  TYR 99  105 105 TYR TYR A . n 
A 1 100 TYR 100 106 106 TYR TYR A . n 
A 1 101 GLY 101 107 107 GLY GLY A . n 
A 1 102 VAL 102 108 108 VAL VAL A . n 
A 1 103 ILE 103 109 109 ILE ILE A . n 
A 1 104 LYS 104 110 110 LYS LYS A . n 
A 1 105 GLU 105 111 111 GLU GLU A . n 
A 1 106 PRO 106 112 112 PRO PRO A . n 
A 1 107 MET 107 113 113 MET MET A . n 
A 1 108 ASP 108 114 114 ASP ASP A . n 
A 1 109 LEU 109 115 115 LEU LEU A . n 
A 1 110 ALA 110 116 116 ALA ALA A . n 
A 1 111 THR 111 117 117 THR THR A . n 
A 1 112 MET 112 118 118 MET MET A . n 
A 1 113 GLU 113 119 119 GLU GLU A . n 
A 1 114 GLU 114 120 120 GLU GLU A . n 
A 1 115 ARG 115 121 121 ARG ARG A . n 
A 1 116 VAL 116 122 122 VAL VAL A . n 
A 1 117 GLN 117 123 123 GLN GLN A . n 
A 1 118 ARG 118 124 124 ARG ARG A . n 
A 1 119 ARG 119 125 125 ARG ARG A . n 
A 1 120 TYR 120 126 126 TYR TYR A . n 
A 1 121 TYR 121 127 127 TYR TYR A . n 
A 1 122 GLU 122 128 128 GLU GLU A . n 
A 1 123 LYS 123 129 129 LYS LYS A . n 
A 1 124 LEU 124 130 130 LEU LEU A . n 
A 1 125 THR 125 131 131 THR THR A . n 
A 1 126 GLU 126 132 132 GLU GLU A . n 
A 1 127 PHE 127 133 133 PHE PHE A . n 
A 1 128 VAL 128 134 134 VAL VAL A . n 
A 1 129 ALA 129 135 135 ALA ALA A . n 
A 1 130 ASP 130 136 136 ASP ASP A . n 
A 1 131 MET 131 137 137 MET MET A . n 
A 1 132 THR 132 138 138 THR THR A . n 
A 1 133 LYS 133 139 139 LYS LYS A . n 
A 1 134 ILE 134 140 140 ILE ILE A . n 
A 1 135 PHE 135 141 141 PHE PHE A . n 
A 1 136 ASP 136 142 142 ASP ASP A . n 
A 1 137 ASN 137 143 143 ASN ASN A . n 
A 1 138 CYS 138 144 144 CYS CYS A . n 
A 1 139 ARG 139 145 145 ARG ARG A . n 
A 1 140 TYR 140 146 146 TYR TYR A . n 
A 1 141 TYR 141 147 147 TYR TYR A . n 
A 1 142 ASN 142 148 148 ASN ASN A . n 
A 1 143 PRO 143 149 149 PRO PRO A . n 
A 1 144 SER 144 150 150 SER SER A . n 
A 1 145 ASP 145 151 151 ASP ASP A . n 
A 1 146 SER 146 152 152 SER SER A . n 
A 1 147 PRO 147 153 153 PRO PRO A . n 
A 1 148 PHE 148 154 154 PHE PHE A . n 
A 1 149 TYR 149 155 155 TYR TYR A . n 
A 1 150 GLN 150 156 156 GLN GLN A . n 
A 1 151 CYS 151 157 157 CYS CYS A . n 
A 1 152 ALA 152 158 158 ALA ALA A . n 
A 1 153 GLU 153 159 159 GLU GLU A . n 
A 1 154 VAL 154 160 160 VAL VAL A . n 
A 1 155 LEU 155 161 161 LEU LEU A . n 
A 1 156 GLU 156 162 162 GLU GLU A . n 
A 1 157 SER 157 163 163 SER SER A . n 
A 1 158 PHE 158 164 164 PHE PHE A . n 
A 1 159 PHE 159 165 165 PHE PHE A . n 
A 1 160 VAL 160 166 166 VAL VAL A . n 
A 1 161 GLN 161 167 167 GLN GLN A . n 
A 1 162 LYS 162 168 168 LYS LYS A . n 
A 1 163 LEU 163 169 169 LEU LEU A . n 
A 1 164 LYS 164 170 170 LYS LYS A . n 
A 1 165 GLY 165 171 171 GLY GLY A . n 
A 1 166 PHE 166 172 172 PHE PHE A . n 
A 1 167 LYS 167 173 173 LYS LYS A . n 
B 2 1   ALA 1   1   1   ALA ALA P . n 
B 2 2   ARG 2   2   2   ARG ARG P . n 
B 2 3   THR 3   3   3   THR THR P . n 
B 2 4   ML3 4   4   4   ML3 ML3 P . n 
B 2 5   GLN 5   5   5   GLN GLN P . n 
B 2 6   THR 6   6   6   THR THR P . n 
# 
_pdbx_entity_instance_feature.ordinal        1 
_pdbx_entity_instance_feature.comp_id        ML3 
_pdbx_entity_instance_feature.asym_id        ? 
_pdbx_entity_instance_feature.seq_num        ? 
_pdbx_entity_instance_feature.auth_comp_id   ML3 
_pdbx_entity_instance_feature.auth_asym_id   ? 
_pdbx_entity_instance_feature.auth_seq_num   ? 
_pdbx_entity_instance_feature.feature_type   'SUBJECT OF INVESTIGATION' 
_pdbx_entity_instance_feature.details        ? 
# 
loop_
_pdbx_nonpoly_scheme.asym_id 
_pdbx_nonpoly_scheme.entity_id 
_pdbx_nonpoly_scheme.mon_id 
_pdbx_nonpoly_scheme.ndb_seq_num 
_pdbx_nonpoly_scheme.pdb_seq_num 
_pdbx_nonpoly_scheme.auth_seq_num 
_pdbx_nonpoly_scheme.pdb_mon_id 
_pdbx_nonpoly_scheme.auth_mon_id 
_pdbx_nonpoly_scheme.pdb_strand_id 
_pdbx_nonpoly_scheme.pdb_ins_code 
C 3 ZN  1   201 1   ZN  ZN  A . 
D 3 ZN  1   202 2   ZN  ZN  A . 
E 4 HOH 1   301 26  HOH HOH A . 
E 4 HOH 2   302 53  HOH HOH A . 
E 4 HOH 3   303 1   HOH HOH A . 
E 4 HOH 4   304 57  HOH HOH A . 
E 4 HOH 5   305 58  HOH HOH A . 
E 4 HOH 6   306 2   HOH HOH A . 
E 4 HOH 7   307 51  HOH HOH A . 
E 4 HOH 8   308 39  HOH HOH A . 
E 4 HOH 9   309 3   HOH HOH A . 
E 4 HOH 10  310 30  HOH HOH A . 
E 4 HOH 11  311 74  HOH HOH A . 
E 4 HOH 12  312 9   HOH HOH A . 
E 4 HOH 13  313 28  HOH HOH A . 
E 4 HOH 14  314 24  HOH HOH A . 
E 4 HOH 15  315 59  HOH HOH A . 
E 4 HOH 16  316 72  HOH HOH A . 
E 4 HOH 17  317 98  HOH HOH A . 
E 4 HOH 18  318 52  HOH HOH A . 
E 4 HOH 19  319 47  HOH HOH A . 
E 4 HOH 20  320 14  HOH HOH A . 
E 4 HOH 21  321 46  HOH HOH A . 
E 4 HOH 22  322 20  HOH HOH A . 
E 4 HOH 23  323 70  HOH HOH A . 
E 4 HOH 24  324 18  HOH HOH A . 
E 4 HOH 25  325 22  HOH HOH A . 
E 4 HOH 26  326 23  HOH HOH A . 
E 4 HOH 27  327 12  HOH HOH A . 
E 4 HOH 28  328 56  HOH HOH A . 
E 4 HOH 29  329 90  HOH HOH A . 
E 4 HOH 30  330 16  HOH HOH A . 
E 4 HOH 31  331 49  HOH HOH A . 
E 4 HOH 32  332 69  HOH HOH A . 
E 4 HOH 33  333 81  HOH HOH A . 
E 4 HOH 34  334 11  HOH HOH A . 
E 4 HOH 35  335 54  HOH HOH A . 
E 4 HOH 36  336 27  HOH HOH A . 
E 4 HOH 37  337 15  HOH HOH A . 
E 4 HOH 38  338 50  HOH HOH A . 
E 4 HOH 39  339 40  HOH HOH A . 
E 4 HOH 40  340 5   HOH HOH A . 
E 4 HOH 41  341 97  HOH HOH A . 
E 4 HOH 42  342 10  HOH HOH A . 
E 4 HOH 43  343 19  HOH HOH A . 
E 4 HOH 44  344 68  HOH HOH A . 
E 4 HOH 45  345 7   HOH HOH A . 
E 4 HOH 46  346 21  HOH HOH A . 
E 4 HOH 47  347 25  HOH HOH A . 
E 4 HOH 48  348 64  HOH HOH A . 
E 4 HOH 49  349 91  HOH HOH A . 
E 4 HOH 50  350 17  HOH HOH A . 
E 4 HOH 51  351 35  HOH HOH A . 
E 4 HOH 52  352 29  HOH HOH A . 
E 4 HOH 53  353 89  HOH HOH A . 
E 4 HOH 54  354 42  HOH HOH A . 
E 4 HOH 55  355 36  HOH HOH A . 
E 4 HOH 56  356 43  HOH HOH A . 
E 4 HOH 57  357 61  HOH HOH A . 
E 4 HOH 58  358 96  HOH HOH A . 
E 4 HOH 59  359 38  HOH HOH A . 
E 4 HOH 60  360 63  HOH HOH A . 
E 4 HOH 61  361 95  HOH HOH A . 
E 4 HOH 62  362 87  HOH HOH A . 
E 4 HOH 63  363 82  HOH HOH A . 
E 4 HOH 64  364 8   HOH HOH A . 
E 4 HOH 65  365 78  HOH HOH A . 
E 4 HOH 66  366 33  HOH HOH A . 
E 4 HOH 67  367 6   HOH HOH A . 
E 4 HOH 68  368 94  HOH HOH A . 
E 4 HOH 69  369 84  HOH HOH A . 
E 4 HOH 70  370 45  HOH HOH A . 
E 4 HOH 71  371 101 HOH HOH A . 
E 4 HOH 72  372 75  HOH HOH A . 
E 4 HOH 73  373 60  HOH HOH A . 
E 4 HOH 74  374 76  HOH HOH A . 
E 4 HOH 75  375 67  HOH HOH A . 
E 4 HOH 76  376 79  HOH HOH A . 
E 4 HOH 77  377 13  HOH HOH A . 
E 4 HOH 78  378 73  HOH HOH A . 
E 4 HOH 79  379 85  HOH HOH A . 
E 4 HOH 80  380 92  HOH HOH A . 
E 4 HOH 81  381 48  HOH HOH A . 
E 4 HOH 82  382 62  HOH HOH A . 
E 4 HOH 83  383 102 HOH HOH A . 
E 4 HOH 84  384 71  HOH HOH A . 
E 4 HOH 85  385 100 HOH HOH A . 
E 4 HOH 86  386 65  HOH HOH A . 
E 4 HOH 87  387 34  HOH HOH A . 
E 4 HOH 88  388 31  HOH HOH A . 
E 4 HOH 89  389 66  HOH HOH A . 
E 4 HOH 90  390 44  HOH HOH A . 
E 4 HOH 91  391 86  HOH HOH A . 
E 4 HOH 92  392 37  HOH HOH A . 
E 4 HOH 93  393 93  HOH HOH A . 
E 4 HOH 94  394 55  HOH HOH A . 
E 4 HOH 95  395 80  HOH HOH A . 
E 4 HOH 96  396 77  HOH HOH A . 
E 4 HOH 97  397 83  HOH HOH A . 
E 4 HOH 98  398 32  HOH HOH A . 
E 4 HOH 99  399 99  HOH HOH A . 
E 4 HOH 100 400 41  HOH HOH A . 
E 4 HOH 101 401 88  HOH HOH A . 
F 4 HOH 1   101 4   HOH HOH P . 
# 
loop_
_pdbx_unobs_or_zero_occ_atoms.id 
_pdbx_unobs_or_zero_occ_atoms.PDB_model_num 
_pdbx_unobs_or_zero_occ_atoms.polymer_flag 
_pdbx_unobs_or_zero_occ_atoms.occupancy_flag 
_pdbx_unobs_or_zero_occ_atoms.auth_asym_id 
_pdbx_unobs_or_zero_occ_atoms.auth_comp_id 
_pdbx_unobs_or_zero_occ_atoms.auth_seq_id 
_pdbx_unobs_or_zero_occ_atoms.PDB_ins_code 
_pdbx_unobs_or_zero_occ_atoms.auth_atom_id 
_pdbx_unobs_or_zero_occ_atoms.label_alt_id 
_pdbx_unobs_or_zero_occ_atoms.label_asym_id 
_pdbx_unobs_or_zero_occ_atoms.label_comp_id 
_pdbx_unobs_or_zero_occ_atoms.label_seq_id 
_pdbx_unobs_or_zero_occ_atoms.label_atom_id 
1  1 Y 1 A THR 7  ? OG1 ? A THR 1  OG1 
2  1 Y 1 A THR 7  ? CG2 ? A THR 1  CG2 
3  1 Y 1 A LYS 8  ? O   ? A LYS 2  O   
4  1 Y 1 A LYS 8  ? CD  ? A LYS 2  CD  
5  1 Y 1 A LYS 8  ? CE  ? A LYS 2  CE  
6  1 Y 1 A LYS 8  ? NZ  ? A LYS 2  NZ  
7  1 Y 1 A ARG 36 ? CG  ? A ARG 30 CG  
8  1 Y 1 A ARG 36 ? CD  ? A ARG 30 CD  
9  1 Y 1 A ARG 36 ? NE  ? A ARG 30 NE  
10 1 Y 1 A ARG 36 ? CZ  ? A ARG 30 CZ  
11 1 Y 1 A ARG 36 ? NH1 ? A ARG 30 NH1 
12 1 Y 1 A ARG 36 ? NH2 ? A ARG 30 NH2 
13 1 Y 1 P GLN 5  ? CG  ? B GLN 5  CG  
14 1 Y 1 P GLN 5  ? CD  ? B GLN 5  CD  
15 1 Y 1 P GLN 5  ? OE1 ? B GLN 5  OE1 
16 1 Y 1 P GLN 5  ? NE2 ? B GLN 5  NE2 
# 
loop_
_software.citation_id 
_software.classification 
_software.compiler_name 
_software.compiler_version 
_software.contact_author 
_software.contact_author_email 
_software.date 
_software.description 
_software.dependencies 
_software.hardware 
_software.language 
_software.location 
_software.mods 
_software.name 
_software.os 
_software.os_version 
_software.type 
_software.version 
_software.pdbx_ordinal 
? 'data collection' ? ? ? ? ? ? ? ? ? ? ? DENZO       ? ? ? .     1 
? 'data scaling'    ? ? ? ? ? ? ? ? ? ? ? SCALEPACK   ? ? ? .     2 
? phasing           ? ? ? ? ? ? ? ? ? ? ? PHASER      ? ? ? 2.5.5 3 
? refinement        ? ? ? ? ? ? ? ? ? ? ? PHENIX      ? ? ? .     4 
? 'data extraction' ? ? ? ? ? ? ? ? ? ? ? PDB_EXTRACT ? ? ? 3.22  5 
# 
_cell.angle_alpha                  90.000 
_cell.angle_alpha_esd              ? 
_cell.angle_beta                   90.000 
_cell.angle_beta_esd               ? 
_cell.angle_gamma                  90.000 
_cell.angle_gamma_esd              ? 
_cell.entry_id                     6AZE 
_cell.details                      ? 
_cell.formula_units_Z              ? 
_cell.length_a                     38.263 
_cell.length_a_esd                 ? 
_cell.length_b                     64.130 
_cell.length_b_esd                 ? 
_cell.length_c                     85.670 
_cell.length_c_esd                 ? 
_cell.volume                       ? 
_cell.volume_esd                   ? 
_cell.Z_PDB                        4 
_cell.reciprocal_angle_alpha       ? 
_cell.reciprocal_angle_beta        ? 
_cell.reciprocal_angle_gamma       ? 
_cell.reciprocal_angle_alpha_esd   ? 
_cell.reciprocal_angle_beta_esd    ? 
_cell.reciprocal_angle_gamma_esd   ? 
_cell.reciprocal_length_a          ? 
_cell.reciprocal_length_b          ? 
_cell.reciprocal_length_c          ? 
_cell.reciprocal_length_a_esd      ? 
_cell.reciprocal_length_b_esd      ? 
_cell.reciprocal_length_c_esd      ? 
_cell.pdbx_unique_axis             ? 
# 
_symmetry.entry_id                         6AZE 
_symmetry.cell_setting                     ? 
_symmetry.Int_Tables_number                19 
_symmetry.space_group_name_Hall            ? 
_symmetry.space_group_name_H-M             'P 21 21 21' 
_symmetry.pdbx_full_space_group_name_H-M   ? 
# 
_exptl.absorpt_coefficient_mu     ? 
_exptl.absorpt_correction_T_max   ? 
_exptl.absorpt_correction_T_min   ? 
_exptl.absorpt_correction_type    ? 
_exptl.absorpt_process_details    ? 
_exptl.entry_id                   6AZE 
_exptl.crystals_number            1 
_exptl.details                    ? 
_exptl.method                     'X-RAY DIFFRACTION' 
_exptl.method_details             ? 
# 
_exptl_crystal.colour                      ? 
_exptl_crystal.density_diffrn              ? 
_exptl_crystal.density_Matthews            2.57 
_exptl_crystal.density_method              ? 
_exptl_crystal.density_percent_sol         52.10 
_exptl_crystal.description                 ? 
_exptl_crystal.F_000                       ? 
_exptl_crystal.id                          1 
_exptl_crystal.preparation                 ? 
_exptl_crystal.size_max                    ? 
_exptl_crystal.size_mid                    ? 
_exptl_crystal.size_min                    ? 
_exptl_crystal.size_rad                    ? 
_exptl_crystal.colour_lustre               ? 
_exptl_crystal.colour_modifier             ? 
_exptl_crystal.colour_primary              ? 
_exptl_crystal.density_meas                ? 
_exptl_crystal.density_meas_esd            ? 
_exptl_crystal.density_meas_gt             ? 
_exptl_crystal.density_meas_lt             ? 
_exptl_crystal.density_meas_temp           ? 
_exptl_crystal.density_meas_temp_esd       ? 
_exptl_crystal.density_meas_temp_gt        ? 
_exptl_crystal.density_meas_temp_lt        ? 
_exptl_crystal.pdbx_crystal_image_url      ? 
_exptl_crystal.pdbx_crystal_image_format   ? 
_exptl_crystal.pdbx_mosaicity              ? 
_exptl_crystal.pdbx_mosaicity_esd          ? 
# 
_exptl_crystal_grow.apparatus       ? 
_exptl_crystal_grow.atmosphere      ? 
_exptl_crystal_grow.crystal_id      1 
_exptl_crystal_grow.details         ? 
_exptl_crystal_grow.method          'VAPOR DIFFUSION, HANGING DROP' 
_exptl_crystal_grow.method_ref      ? 
_exptl_crystal_grow.pH              7.5 
_exptl_crystal_grow.pressure        ? 
_exptl_crystal_grow.pressure_esd    ? 
_exptl_crystal_grow.seeding         ? 
_exptl_crystal_grow.seeding_ref     ? 
_exptl_crystal_grow.temp            298 
_exptl_crystal_grow.temp_details    ? 
_exptl_crystal_grow.temp_esd        ? 
_exptl_crystal_grow.time            ? 
_exptl_crystal_grow.pdbx_details    
;1uL complex solution (~8 mg/ml of [1:1.2 protein to peptide molar ratio] in 100 mM KCl, 10 mM HEPES   KOH, pH 7.5 and 5 mM DTT) + 1 uL reservoir (12% (w/v) polyethylene glycol 6000, 5% glycerol, 100 mM KCl, and 10 mM MgCl2 buffer), equilibrated against 1mL of reservoir in Nextal hanging drop plate format.
;
_exptl_crystal_grow.pdbx_pH_range   ? 
# 
_diffrn.ambient_environment    ? 
_diffrn.ambient_temp           100 
_diffrn.ambient_temp_details   ? 
_diffrn.ambient_temp_esd       ? 
_diffrn.crystal_id             1 
_diffrn.crystal_support        ? 
_diffrn.crystal_treatment      ? 
_diffrn.details                ? 
_diffrn.id                     1 
_diffrn.ambient_pressure       ? 
_diffrn.ambient_pressure_esd   ? 
_diffrn.ambient_pressure_gt    ? 
_diffrn.ambient_pressure_lt    ? 
_diffrn.ambient_temp_gt        ? 
_diffrn.ambient_temp_lt        ? 
# 
_diffrn_detector.details                      ? 
_diffrn_detector.detector                     CCD 
_diffrn_detector.diffrn_id                    1 
_diffrn_detector.type                         'MARMOSAIC 300 mm CCD' 
_diffrn_detector.area_resol_mean              ? 
_diffrn_detector.dtime                        ? 
_diffrn_detector.pdbx_frames_total            ? 
_diffrn_detector.pdbx_collection_time_total   ? 
_diffrn_detector.pdbx_collection_date         2011-11-21 
# 
_diffrn_radiation.collimation                      ? 
_diffrn_radiation.diffrn_id                        1 
_diffrn_radiation.filter_edge                      ? 
_diffrn_radiation.inhomogeneity                    ? 
_diffrn_radiation.monochromator                    ? 
_diffrn_radiation.polarisn_norm                    ? 
_diffrn_radiation.polarisn_ratio                   ? 
_diffrn_radiation.probe                            ? 
_diffrn_radiation.type                             ? 
_diffrn_radiation.xray_symbol                      ? 
_diffrn_radiation.wavelength_id                    1 
_diffrn_radiation.pdbx_monochromatic_or_laue_m_l   M 
_diffrn_radiation.pdbx_wavelength_list             ? 
_diffrn_radiation.pdbx_wavelength                  ? 
_diffrn_radiation.pdbx_diffrn_protocol             'SINGLE WAVELENGTH' 
_diffrn_radiation.pdbx_analyzer                    ? 
_diffrn_radiation.pdbx_scattering_type             x-ray 
# 
_diffrn_radiation_wavelength.id           1 
_diffrn_radiation_wavelength.wavelength   0.97856 
_diffrn_radiation_wavelength.wt           1.0 
# 
_diffrn_source.current                     ? 
_diffrn_source.details                     ? 
_diffrn_source.diffrn_id                   1 
_diffrn_source.power                       ? 
_diffrn_source.size                        ? 
_diffrn_source.source                      SYNCHROTRON 
_diffrn_source.target                      ? 
_diffrn_source.type                        'APS BEAMLINE 21-ID-G' 
_diffrn_source.voltage                     ? 
_diffrn_source.take-off_angle              ? 
_diffrn_source.pdbx_wavelength_list        0.97856 
_diffrn_source.pdbx_wavelength             ? 
_diffrn_source.pdbx_synchrotron_beamline   21-ID-G 
_diffrn_source.pdbx_synchrotron_site       APS 
# 
_reflns.B_iso_Wilson_estimate            ? 
_reflns.entry_id                         6AZE 
_reflns.data_reduction_details           ? 
_reflns.data_reduction_method            ? 
_reflns.d_resolution_high                2.450 
_reflns.d_resolution_low                 25.000 
_reflns.details                          ? 
_reflns.limit_h_max                      ? 
_reflns.limit_h_min                      ? 
_reflns.limit_k_max                      ? 
_reflns.limit_k_min                      ? 
_reflns.limit_l_max                      ? 
_reflns.limit_l_min                      ? 
_reflns.number_all                       ? 
_reflns.number_obs                       6994 
_reflns.observed_criterion               ? 
_reflns.observed_criterion_F_max         ? 
_reflns.observed_criterion_F_min         ? 
_reflns.observed_criterion_I_max         ? 
_reflns.observed_criterion_I_min         ? 
_reflns.observed_criterion_sigma_F       ? 
_reflns.observed_criterion_sigma_I       ? 
_reflns.percent_possible_obs             85.200 
_reflns.R_free_details                   ? 
_reflns.Rmerge_F_all                     ? 
_reflns.Rmerge_F_obs                     ? 
_reflns.Friedel_coverage                 ? 
_reflns.number_gt                        ? 
_reflns.threshold_expression             ? 
_reflns.pdbx_redundancy                  4.800 
_reflns.pdbx_Rmerge_I_obs                0.103 
_reflns.pdbx_Rmerge_I_all                ? 
_reflns.pdbx_Rsym_value                  ? 
_reflns.pdbx_netI_over_av_sigmaI         ? 
_reflns.pdbx_netI_over_sigmaI            7.000 
_reflns.pdbx_res_netI_over_av_sigmaI_2   ? 
_reflns.pdbx_res_netI_over_sigmaI_2      ? 
_reflns.pdbx_chi_squared                 1.050 
_reflns.pdbx_scaling_rejects             ? 
_reflns.pdbx_d_res_high_opt              ? 
_reflns.pdbx_d_res_low_opt               ? 
_reflns.pdbx_d_res_opt_method            ? 
_reflns.phase_calculation_details        ? 
_reflns.pdbx_Rrim_I_all                  ? 
_reflns.pdbx_Rpim_I_all                  ? 
_reflns.pdbx_d_opt                       ? 
_reflns.pdbx_number_measured_all         ? 
_reflns.pdbx_diffrn_id                   1 
_reflns.pdbx_ordinal                     1 
_reflns.pdbx_CC_half                     ? 
_reflns.pdbx_R_split                     ? 
# 
loop_
_reflns_shell.d_res_high 
_reflns_shell.d_res_low 
_reflns_shell.meanI_over_sigI_all 
_reflns_shell.meanI_over_sigI_obs 
_reflns_shell.number_measured_all 
_reflns_shell.number_measured_obs 
_reflns_shell.number_possible 
_reflns_shell.number_unique_all 
_reflns_shell.number_unique_obs 
_reflns_shell.percent_possible_all 
_reflns_shell.percent_possible_obs 
_reflns_shell.Rmerge_F_all 
_reflns_shell.Rmerge_F_obs 
_reflns_shell.Rmerge_I_all 
_reflns_shell.Rmerge_I_obs 
_reflns_shell.meanI_over_sigI_gt 
_reflns_shell.meanI_over_uI_all 
_reflns_shell.meanI_over_uI_gt 
_reflns_shell.number_measured_gt 
_reflns_shell.number_unique_gt 
_reflns_shell.percent_possible_gt 
_reflns_shell.Rmerge_F_gt 
_reflns_shell.Rmerge_I_gt 
_reflns_shell.pdbx_redundancy 
_reflns_shell.pdbx_Rsym_value 
_reflns_shell.pdbx_chi_squared 
_reflns_shell.pdbx_netI_over_sigmaI_all 
_reflns_shell.pdbx_netI_over_sigmaI_obs 
_reflns_shell.pdbx_Rrim_I_all 
_reflns_shell.pdbx_Rpim_I_all 
_reflns_shell.pdbx_rejects 
_reflns_shell.pdbx_ordinal 
_reflns_shell.pdbx_diffrn_id 
_reflns_shell.pdbx_CC_half 
_reflns_shell.pdbx_R_split 
2.450 2.490  ? ? ? ? ? ? 307 76.600 ? ? ? ? 0.319 ? ? ? ? ? ? ? ? 3.000 ? 1.083 ? ? ? ? ? 1  1 ? ? 
2.490 2.540  ? ? ? ? ? ? 312 78.400 ? ? ? ? 0.273 ? ? ? ? ? ? ? ? 3.100 ? 1.002 ? ? ? ? ? 2  1 ? ? 
2.540 2.590  ? ? ? ? ? ? 326 81.300 ? ? ? ? 0.251 ? ? ? ? ? ? ? ? 3.500 ? 0.980 ? ? ? ? ? 3  1 ? ? 
2.590 2.640  ? ? ? ? ? ? 332 85.800 ? ? ? ? 0.284 ? ? ? ? ? ? ? ? 3.700 ? 1.080 ? ? ? ? ? 4  1 ? ? 
2.640 2.700  ? ? ? ? ? ? 355 85.100 ? ? ? ? 0.219 ? ? ? ? ? ? ? ? 4.000 ? 1.073 ? ? ? ? ? 5  1 ? ? 
2.700 2.760  ? ? ? ? ? ? 355 86.800 ? ? ? ? 0.226 ? ? ? ? ? ? ? ? 4.400 ? 1.055 ? ? ? ? ? 6  1 ? ? 
2.760 2.830  ? ? ? ? ? ? 338 88.300 ? ? ? ? 0.209 ? ? ? ? ? ? ? ? 4.600 ? 1.097 ? ? ? ? ? 7  1 ? ? 
2.830 2.900  ? ? ? ? ? ? 364 89.200 ? ? ? ? 0.182 ? ? ? ? ? ? ? ? 4.800 ? 1.035 ? ? ? ? ? 8  1 ? ? 
2.900 2.990  ? ? ? ? ? ? 364 89.400 ? ? ? ? 0.155 ? ? ? ? ? ? ? ? 4.900 ? 1.065 ? ? ? ? ? 9  1 ? ? 
2.990 3.090  ? ? ? ? ? ? 349 88.600 ? ? ? ? 0.153 ? ? ? ? ? ? ? ? 5.200 ? 1.051 ? ? ? ? ? 10 1 ? ? 
3.090 3.200  ? ? ? ? ? ? 374 88.600 ? ? ? ? 0.146 ? ? ? ? ? ? ? ? 5.300 ? 1.094 ? ? ? ? ? 11 1 ? ? 
3.200 3.320  ? ? ? ? ? ? 342 88.100 ? ? ? ? 0.123 ? ? ? ? ? ? ? ? 5.400 ? 1.092 ? ? ? ? ? 12 1 ? ? 
3.320 3.470  ? ? ? ? ? ? 370 87.700 ? ? ? ? 0.113 ? ? ? ? ? ? ? ? 5.400 ? 1.063 ? ? ? ? ? 13 1 ? ? 
3.470 3.660  ? ? ? ? ? ? 348 87.400 ? ? ? ? 0.090 ? ? ? ? ? ? ? ? 5.400 ? 1.082 ? ? ? ? ? 14 1 ? ? 
3.660 3.890  ? ? ? ? ? ? 362 86.200 ? ? ? ? 0.073 ? ? ? ? ? ? ? ? 5.500 ? 1.040 ? ? ? ? ? 15 1 ? ? 
3.890 4.180  ? ? ? ? ? ? 350 85.200 ? ? ? ? 0.067 ? ? ? ? ? ? ? ? 5.500 ? 1.021 ? ? ? ? ? 16 1 ? ? 
4.180 4.600  ? ? ? ? ? ? 356 86.000 ? ? ? ? 0.065 ? ? ? ? ? ? ? ? 5.400 ? 1.060 ? ? ? ? ? 17 1 ? ? 
4.600 5.260  ? ? ? ? ? ? 357 84.400 ? ? ? ? 0.062 ? ? ? ? ? ? ? ? 5.400 ? 0.999 ? ? ? ? ? 18 1 ? ? 
5.260 6.610  ? ? ? ? ? ? 366 82.600 ? ? ? ? 0.077 ? ? ? ? ? ? ? ? 5.300 ? 1.024 ? ? ? ? ? 19 1 ? ? 
6.610 25.000 ? ? ? ? ? ? 367 78.900 ? ? ? ? 0.066 ? ? ? ? ? ? ? ? 5.000 ? 0.993 ? ? ? ? ? 20 1 ? ? 
# 
_refine.aniso_B[1][1]                            ? 
_refine.aniso_B[1][2]                            ? 
_refine.aniso_B[1][3]                            ? 
_refine.aniso_B[2][2]                            ? 
_refine.aniso_B[2][3]                            ? 
_refine.aniso_B[3][3]                            ? 
_refine.B_iso_max                                76.510 
_refine.B_iso_mean                               24.5300 
_refine.B_iso_min                                11.090 
_refine.correlation_coeff_Fo_to_Fc               ? 
_refine.correlation_coeff_Fo_to_Fc_free          ? 
_refine.details                                  PHENIX 
_refine.diff_density_max                         ? 
_refine.diff_density_max_esd                     ? 
_refine.diff_density_min                         ? 
_refine.diff_density_min_esd                     ? 
_refine.diff_density_rms                         ? 
_refine.diff_density_rms_esd                     ? 
_refine.entry_id                                 6AZE 
_refine.pdbx_refine_id                           'X-RAY DIFFRACTION' 
_refine.ls_abs_structure_details                 ? 
_refine.ls_abs_structure_Flack                   ? 
_refine.ls_abs_structure_Flack_esd               ? 
_refine.ls_abs_structure_Rogers                  ? 
_refine.ls_abs_structure_Rogers_esd              ? 
_refine.ls_d_res_high                            2.4510 
_refine.ls_d_res_low                             23.6230 
_refine.ls_extinction_coef                       ? 
_refine.ls_extinction_coef_esd                   ? 
_refine.ls_extinction_expression                 ? 
_refine.ls_extinction_method                     ? 
_refine.ls_goodness_of_fit_all                   ? 
_refine.ls_goodness_of_fit_all_esd               ? 
_refine.ls_goodness_of_fit_obs                   ? 
_refine.ls_goodness_of_fit_obs_esd               ? 
_refine.ls_hydrogen_treatment                    ? 
_refine.ls_matrix_type                           ? 
_refine.ls_number_constraints                    ? 
_refine.ls_number_parameters                     ? 
_refine.ls_number_reflns_all                     ? 
_refine.ls_number_reflns_obs                     6975 
_refine.ls_number_reflns_R_free                  356 
_refine.ls_number_reflns_R_work                  ? 
_refine.ls_number_restraints                     ? 
_refine.ls_percent_reflns_obs                    85.2200 
_refine.ls_percent_reflns_R_free                 5.1000 
_refine.ls_R_factor_all                          ? 
_refine.ls_R_factor_obs                          0.1814 
_refine.ls_R_factor_R_free                       0.2131 
_refine.ls_R_factor_R_free_error                 ? 
_refine.ls_R_factor_R_free_error_details         ? 
_refine.ls_R_factor_R_work                       0.1797 
_refine.ls_R_Fsqd_factor_obs                     ? 
_refine.ls_R_I_factor_obs                        ? 
_refine.ls_redundancy_reflns_all                 ? 
_refine.ls_redundancy_reflns_obs                 ? 
_refine.ls_restrained_S_all                      ? 
_refine.ls_restrained_S_obs                      ? 
_refine.ls_shift_over_esd_max                    ? 
_refine.ls_shift_over_esd_mean                   ? 
_refine.ls_structure_factor_coef                 ? 
_refine.ls_weighting_details                     ? 
_refine.ls_weighting_scheme                      ? 
_refine.ls_wR_factor_all                         ? 
_refine.ls_wR_factor_obs                         ? 
_refine.ls_wR_factor_R_free                      ? 
_refine.ls_wR_factor_R_work                      ? 
_refine.occupancy_max                            ? 
_refine.occupancy_min                            ? 
_refine.solvent_model_details                    ? 
_refine.solvent_model_param_bsol                 ? 
_refine.solvent_model_param_ksol                 ? 
_refine.ls_R_factor_gt                           ? 
_refine.ls_goodness_of_fit_gt                    ? 
_refine.ls_goodness_of_fit_ref                   ? 
_refine.ls_shift_over_su_max                     ? 
_refine.ls_shift_over_su_max_lt                  ? 
_refine.ls_shift_over_su_mean                    ? 
_refine.ls_shift_over_su_mean_lt                 ? 
_refine.pdbx_ls_sigma_I                          ? 
_refine.pdbx_ls_sigma_F                          1.360 
_refine.pdbx_ls_sigma_Fsqd                       ? 
_refine.pdbx_data_cutoff_high_absF               ? 
_refine.pdbx_data_cutoff_high_rms_absF           ? 
_refine.pdbx_data_cutoff_low_absF                ? 
_refine.pdbx_isotropic_thermal_model             ? 
_refine.pdbx_ls_cross_valid_method               'FREE R-VALUE' 
_refine.pdbx_method_to_determine_struct          'MOLECULAR REPLACEMENT' 
_refine.pdbx_starting_model                      ? 
_refine.pdbx_stereochemistry_target_values       ? 
_refine.pdbx_R_Free_selection_details            'Random selection' 
_refine.pdbx_stereochem_target_val_spec_case     ? 
_refine.pdbx_overall_ESU_R                       ? 
_refine.pdbx_overall_ESU_R_Free                  ? 
_refine.pdbx_solvent_vdw_probe_radii             1.1100 
_refine.pdbx_solvent_ion_probe_radii             ? 
_refine.pdbx_solvent_shrinkage_radii             0.9000 
_refine.pdbx_real_space_R                        ? 
_refine.pdbx_density_correlation                 ? 
_refine.pdbx_pd_number_of_powder_patterns        ? 
_refine.pdbx_pd_number_of_points                 ? 
_refine.pdbx_pd_meas_number_of_points            ? 
_refine.pdbx_pd_proc_ls_prof_R_factor            ? 
_refine.pdbx_pd_proc_ls_prof_wR_factor           ? 
_refine.pdbx_pd_Marquardt_correlation_coeff      ? 
_refine.pdbx_pd_Fsqrd_R_factor                   ? 
_refine.pdbx_pd_ls_matrix_band_width             ? 
_refine.pdbx_overall_phase_error                 21.3800 
_refine.pdbx_overall_SU_R_free_Cruickshank_DPI   ? 
_refine.pdbx_overall_SU_R_free_Blow_DPI          ? 
_refine.pdbx_overall_SU_R_Blow_DPI               ? 
_refine.pdbx_TLS_residual_ADP_flag               ? 
_refine.pdbx_diffrn_id                           1 
_refine.overall_SU_B                             ? 
_refine.overall_SU_ML                            0.2600 
_refine.overall_SU_R_Cruickshank_DPI             ? 
_refine.overall_SU_R_free                        ? 
_refine.overall_FOM_free_R_set                   ? 
_refine.overall_FOM_work_R_set                   ? 
_refine.pdbx_average_fsc_overall                 ? 
_refine.pdbx_average_fsc_work                    ? 
_refine.pdbx_average_fsc_free                    ? 
# 
_refine_hist.cycle_id                         final 
_refine_hist.pdbx_refine_id                   'X-RAY DIFFRACTION' 
_refine_hist.d_res_high                       2.4510 
_refine_hist.d_res_low                        23.6230 
_refine_hist.pdbx_number_atoms_ligand         2 
_refine_hist.number_atoms_solvent             102 
_refine_hist.number_atoms_total               1517 
_refine_hist.pdbx_number_residues_total       173 
_refine_hist.pdbx_B_iso_mean_ligand           19.18 
_refine_hist.pdbx_B_iso_mean_solvent          27.04 
_refine_hist.pdbx_number_atoms_protein        1413 
_refine_hist.pdbx_number_atoms_nucleic_acid   0 
# 
loop_
_refine_ls_restr.pdbx_refine_id 
_refine_ls_restr.criterion 
_refine_ls_restr.dev_ideal 
_refine_ls_restr.dev_ideal_target 
_refine_ls_restr.number 
_refine_ls_restr.rejects 
_refine_ls_restr.type 
_refine_ls_restr.weight 
_refine_ls_restr.pdbx_restraint_function 
'X-RAY DIFFRACTION' ? 0.012  ? 1456 ? f_bond_d           ? ? 
'X-RAY DIFFRACTION' ? 1.469  ? 1973 ? f_angle_d          ? ? 
'X-RAY DIFFRACTION' ? 0.056  ? 206  ? f_chiral_restr     ? ? 
'X-RAY DIFFRACTION' ? 0.009  ? 252  ? f_plane_restr      ? ? 
'X-RAY DIFFRACTION' ? 15.028 ? 542  ? f_dihedral_angle_d ? ? 
# 
loop_
_refine_ls_shell.pdbx_refine_id 
_refine_ls_shell.d_res_high 
_refine_ls_shell.d_res_low 
_refine_ls_shell.number_reflns_all 
_refine_ls_shell.number_reflns_obs 
_refine_ls_shell.number_reflns_R_free 
_refine_ls_shell.number_reflns_R_work 
_refine_ls_shell.percent_reflns_obs 
_refine_ls_shell.percent_reflns_R_free 
_refine_ls_shell.R_factor_all 
_refine_ls_shell.R_factor_obs 
_refine_ls_shell.R_factor_R_free 
_refine_ls_shell.R_factor_R_free_error 
_refine_ls_shell.R_factor_R_work 
_refine_ls_shell.redundancy_reflns_all 
_refine_ls_shell.redundancy_reflns_obs 
_refine_ls_shell.wR_factor_all 
_refine_ls_shell.wR_factor_obs 
_refine_ls_shell.wR_factor_R_free 
_refine_ls_shell.wR_factor_R_work 
_refine_ls_shell.pdbx_total_number_of_bins_used 
_refine_ls_shell.pdbx_phase_error 
_refine_ls_shell.pdbx_fsc_work 
_refine_ls_shell.pdbx_fsc_free 
'X-RAY DIFFRACTION' 2.4507 2.8048  2200 . 113 2087 83.0000 . . . 0.2952 0.0000 0.2153 . . . . . . 3 . . . 
'X-RAY DIFFRACTION' 2.8048 3.5318  2391 . 121 2270 89.0000 . . . 0.2219 0.0000 0.1908 . . . . . . 3 . . . 
'X-RAY DIFFRACTION' 3.5318 23.6246 2384 . 122 2262 84.0000 . . . 0.1774 0.0000 0.1584 . . . . . . 3 . . . 
# 
_struct.entry_id                     6AZE 
_struct.title                        'Crystal Structure of the BPTF PHD-bromodomain module bound to H3KC4me3 methyl lysine analog' 
_struct.pdbx_model_details           ? 
_struct.pdbx_formula_weight          ? 
_struct.pdbx_formula_weight_method   ? 
_struct.pdbx_model_type_details      ? 
_struct.pdbx_CASP_flag               N 
# 
_struct_keywords.entry_id        6AZE 
_struct_keywords.text            'PHD-finger, bromodomain, histone reader, methyllsine analog, MLA, GENE REGULATION' 
_struct_keywords.pdbx_keywords   'GENE REGULATION' 
# 
loop_
_struct_asym.id 
_struct_asym.pdbx_blank_PDB_chainid_flag 
_struct_asym.pdbx_modified 
_struct_asym.entity_id 
_struct_asym.details 
A N N 1 ? 
B N N 2 ? 
C N N 3 ? 
D N N 3 ? 
E N N 4 ? 
F N N 4 ? 
# 
loop_
_struct_ref.id 
_struct_ref.db_name 
_struct_ref.db_code 
_struct_ref.pdbx_db_accession 
_struct_ref.pdbx_db_isoform 
_struct_ref.entity_id 
_struct_ref.pdbx_seq_one_letter_code 
_struct_ref.pdbx_align_begin 
1 UNP BPTF_HUMAN Q12830 ? 1 
;TKLYCICKTPYDESKFYIGCDRCQNWYHGRCVGILQSEAELIDEYVCPQCQSTEDAMTVLTPLTEKDYEGLKRVLRSLQA
HKMAWPFLEPVDPNDAPDYYGVIKEPMDLATMEERVQRRYYEKLTEFVADMTKIFDNCRYYNPSDSPFYQCAEVLESFFV
QKLKGFK
;
2866 
2 PDB 6AZE       6AZE   ? 2 ? 1    
# 
loop_
_struct_ref_seq.align_id 
_struct_ref_seq.ref_id 
_struct_ref_seq.pdbx_PDB_id_code 
_struct_ref_seq.pdbx_strand_id 
_struct_ref_seq.seq_align_beg 
_struct_ref_seq.pdbx_seq_align_beg_ins_code 
_struct_ref_seq.seq_align_end 
_struct_ref_seq.pdbx_seq_align_end_ins_code 
_struct_ref_seq.pdbx_db_accession 
_struct_ref_seq.db_align_beg 
_struct_ref_seq.pdbx_db_align_beg_ins_code 
_struct_ref_seq.db_align_end 
_struct_ref_seq.pdbx_db_align_end_ins_code 
_struct_ref_seq.pdbx_auth_seq_align_beg 
_struct_ref_seq.pdbx_auth_seq_align_end 
1 1 6AZE A 1 ? 167 ? Q12830 2866 ? 3032 ? 7 173 
2 2 6AZE P 1 ? 6   ? 6AZE   1    ? 6    ? 1 6   
# 
_pdbx_struct_assembly.id                   1 
_pdbx_struct_assembly.details              author_and_software_defined_assembly 
_pdbx_struct_assembly.method_details       PISA 
_pdbx_struct_assembly.oligomeric_details   dimeric 
_pdbx_struct_assembly.oligomeric_count     2 
# 
loop_
_pdbx_struct_assembly_prop.biol_id 
_pdbx_struct_assembly_prop.type 
_pdbx_struct_assembly_prop.value 
_pdbx_struct_assembly_prop.details 
1 'ABSA (A^2)' 1060  ? 
1 MORE         -3    ? 
1 'SSA (A^2)'  10700 ? 
# 
_pdbx_struct_assembly_gen.assembly_id       1 
_pdbx_struct_assembly_gen.oper_expression   1 
_pdbx_struct_assembly_gen.asym_id_list      A,B,C,D,E,F 
# 
_pdbx_struct_assembly_auth_evidence.id                     1 
_pdbx_struct_assembly_auth_evidence.assembly_id            1 
_pdbx_struct_assembly_auth_evidence.experimental_support   'isothermal titration calorimetry' 
_pdbx_struct_assembly_auth_evidence.details                
'monomeric binding model fits well. No evidence for oligomerization from gel filtration and DLS.' 
# 
_pdbx_struct_oper_list.id                   1 
_pdbx_struct_oper_list.type                 'identity operation' 
_pdbx_struct_oper_list.name                 1_555 
_pdbx_struct_oper_list.symmetry_operation   x,y,z 
_pdbx_struct_oper_list.matrix[1][1]         1.0000000000 
_pdbx_struct_oper_list.matrix[1][2]         0.0000000000 
_pdbx_struct_oper_list.matrix[1][3]         0.0000000000 
_pdbx_struct_oper_list.vector[1]            0.0000000000 
_pdbx_struct_oper_list.matrix[2][1]         0.0000000000 
_pdbx_struct_oper_list.matrix[2][2]         1.0000000000 
_pdbx_struct_oper_list.matrix[2][3]         0.0000000000 
_pdbx_struct_oper_list.vector[2]            0.0000000000 
_pdbx_struct_oper_list.matrix[3][1]         0.0000000000 
_pdbx_struct_oper_list.matrix[3][2]         0.0000000000 
_pdbx_struct_oper_list.matrix[3][3]         1.0000000000 
_pdbx_struct_oper_list.vector[3]            0.0000000000 
# 
loop_
_struct_conf.conf_type_id 
_struct_conf.id 
_struct_conf.pdbx_PDB_helix_id 
_struct_conf.beg_label_comp_id 
_struct_conf.beg_label_asym_id 
_struct_conf.beg_label_seq_id 
_struct_conf.pdbx_beg_PDB_ins_code 
_struct_conf.end_label_comp_id 
_struct_conf.end_label_asym_id 
_struct_conf.end_label_seq_id 
_struct_conf.pdbx_end_PDB_ins_code 
_struct_conf.beg_auth_comp_id 
_struct_conf.beg_auth_asym_id 
_struct_conf.beg_auth_seq_id 
_struct_conf.end_auth_comp_id 
_struct_conf.end_auth_asym_id 
_struct_conf.end_auth_seq_id 
_struct_conf.pdbx_PDB_helix_class 
_struct_conf.details 
_struct_conf.pdbx_PDB_helix_length 
HELX_P HELX_P1 AA1 LEU A 35  ? LEU A 41  ? LEU A 41  LEU A 47  1 ? 7  
HELX_P HELX_P2 AA2 CYS A 47  ? THR A 58  ? CYS A 53  THR A 64  1 ? 12 
HELX_P HELX_P3 AA3 THR A 64  ? ALA A 80  ? THR A 70  ALA A 86  1 ? 17 
HELX_P HELX_P4 AA4 HIS A 81  ? LEU A 88  ? HIS A 87  LEU A 94  5 ? 8  
HELX_P HELX_P5 AA5 ASP A 92  ? ASP A 95  ? ASP A 98  ASP A 101 5 ? 4  
HELX_P HELX_P6 AA6 ALA A 96  ? ILE A 103 ? ALA A 102 ILE A 109 1 ? 8  
HELX_P HELX_P7 AA7 ASP A 108 ? ARG A 118 ? ASP A 114 ARG A 124 1 ? 11 
HELX_P HELX_P8 AA8 LYS A 123 ? ASN A 142 ? LYS A 129 ASN A 148 1 ? 20 
HELX_P HELX_P9 AA9 SER A 146 ? LYS A 164 ? SER A 152 LYS A 170 1 ? 19 
# 
_struct_conf_type.id          HELX_P 
_struct_conf_type.criteria    ? 
_struct_conf_type.reference   ? 
# 
loop_
_struct_conn.id 
_struct_conn.conn_type_id 
_struct_conn.pdbx_leaving_atom_flag 
_struct_conn.pdbx_PDB_id 
_struct_conn.ptnr1_label_asym_id 
_struct_conn.ptnr1_label_comp_id 
_struct_conn.ptnr1_label_seq_id 
_struct_conn.ptnr1_label_atom_id 
_struct_conn.pdbx_ptnr1_label_alt_id 
_struct_conn.pdbx_ptnr1_PDB_ins_code 
_struct_conn.pdbx_ptnr1_standard_comp_id 
_struct_conn.ptnr1_symmetry 
_struct_conn.ptnr2_label_asym_id 
_struct_conn.ptnr2_label_comp_id 
_struct_conn.ptnr2_label_seq_id 
_struct_conn.ptnr2_label_atom_id 
_struct_conn.pdbx_ptnr2_label_alt_id 
_struct_conn.pdbx_ptnr2_PDB_ins_code 
_struct_conn.ptnr1_auth_asym_id 
_struct_conn.ptnr1_auth_comp_id 
_struct_conn.ptnr1_auth_seq_id 
_struct_conn.ptnr2_auth_asym_id 
_struct_conn.ptnr2_auth_comp_id 
_struct_conn.ptnr2_auth_seq_id 
_struct_conn.ptnr2_symmetry 
_struct_conn.pdbx_ptnr3_label_atom_id 
_struct_conn.pdbx_ptnr3_label_seq_id 
_struct_conn.pdbx_ptnr3_label_comp_id 
_struct_conn.pdbx_ptnr3_label_asym_id 
_struct_conn.pdbx_ptnr3_label_alt_id 
_struct_conn.pdbx_ptnr3_PDB_ins_code 
_struct_conn.details 
_struct_conn.pdbx_dist_value 
_struct_conn.pdbx_value_order 
_struct_conn.pdbx_role 
covale1 covale both ? B THR 3  C   ? ? ? 1_555 B ML3 4 N  ? ? P THR 3  P ML3 4   1_555 ? ? ? ? ? ? ? 1.328 ? ? 
covale2 covale both ? B ML3 4  C   ? ? ? 1_555 B GLN 5 N  ? ? P ML3 4  P GLN 5   1_555 ? ? ? ? ? ? ? 1.334 ? ? 
metalc1 metalc ?    ? A CYS 5  SG  ? ? ? 1_555 C ZN  . ZN ? ? A CYS 11 A ZN  201 1_555 ? ? ? ? ? ? ? 2.447 ? ? 
metalc2 metalc ?    ? A CYS 7  SG  ? ? ? 1_555 C ZN  . ZN ? ? A CYS 13 A ZN  201 1_555 ? ? ? ? ? ? ? 2.358 ? ? 
metalc3 metalc ?    ? A CYS 20 SG  ? ? ? 1_555 D ZN  . ZN ? ? A CYS 26 A ZN  202 1_555 ? ? ? ? ? ? ? 2.363 ? ? 
metalc4 metalc ?    ? A CYS 23 SG  ? ? ? 1_555 D ZN  . ZN ? ? A CYS 29 A ZN  202 1_555 ? ? ? ? ? ? ? 2.221 ? ? 
metalc5 metalc ?    ? A HIS 28 ND1 ? ? ? 1_555 C ZN  . ZN ? ? A HIS 34 A ZN  201 1_555 ? ? ? ? ? ? ? 2.030 ? ? 
metalc6 metalc ?    ? A CYS 31 SG  ? ? ? 1_555 C ZN  . ZN ? ? A CYS 37 A ZN  201 1_555 ? ? ? ? ? ? ? 2.274 ? ? 
metalc7 metalc ?    ? A CYS 47 SG  ? ? ? 1_555 D ZN  . ZN ? ? A CYS 53 A ZN  202 1_555 ? ? ? ? ? ? ? 2.213 ? ? 
metalc8 metalc ?    ? A CYS 50 SG  ? ? ? 1_555 D ZN  . ZN ? ? A CYS 56 A ZN  202 1_555 ? ? ? ? ? ? ? 2.216 ? ? 
# 
loop_
_struct_conn_type.id 
_struct_conn_type.criteria 
_struct_conn_type.reference 
covale ? ? 
metalc ? ? 
# 
loop_
_pdbx_struct_conn_angle.id 
_pdbx_struct_conn_angle.ptnr1_label_atom_id 
_pdbx_struct_conn_angle.ptnr1_label_alt_id 
_pdbx_struct_conn_angle.ptnr1_label_asym_id 
_pdbx_struct_conn_angle.ptnr1_label_comp_id 
_pdbx_struct_conn_angle.ptnr1_label_seq_id 
_pdbx_struct_conn_angle.ptnr1_auth_atom_id 
_pdbx_struct_conn_angle.ptnr1_auth_asym_id 
_pdbx_struct_conn_angle.ptnr1_auth_comp_id 
_pdbx_struct_conn_angle.ptnr1_auth_seq_id 
_pdbx_struct_conn_angle.ptnr1_PDB_ins_code 
_pdbx_struct_conn_angle.ptnr1_symmetry 
_pdbx_struct_conn_angle.ptnr2_label_atom_id 
_pdbx_struct_conn_angle.ptnr2_label_alt_id 
_pdbx_struct_conn_angle.ptnr2_label_asym_id 
_pdbx_struct_conn_angle.ptnr2_label_comp_id 
_pdbx_struct_conn_angle.ptnr2_label_seq_id 
_pdbx_struct_conn_angle.ptnr2_auth_atom_id 
_pdbx_struct_conn_angle.ptnr2_auth_asym_id 
_pdbx_struct_conn_angle.ptnr2_auth_comp_id 
_pdbx_struct_conn_angle.ptnr2_auth_seq_id 
_pdbx_struct_conn_angle.ptnr2_PDB_ins_code 
_pdbx_struct_conn_angle.ptnr2_symmetry 
_pdbx_struct_conn_angle.ptnr3_label_atom_id 
_pdbx_struct_conn_angle.ptnr3_label_alt_id 
_pdbx_struct_conn_angle.ptnr3_label_asym_id 
_pdbx_struct_conn_angle.ptnr3_label_comp_id 
_pdbx_struct_conn_angle.ptnr3_label_seq_id 
_pdbx_struct_conn_angle.ptnr3_auth_atom_id 
_pdbx_struct_conn_angle.ptnr3_auth_asym_id 
_pdbx_struct_conn_angle.ptnr3_auth_comp_id 
_pdbx_struct_conn_angle.ptnr3_auth_seq_id 
_pdbx_struct_conn_angle.ptnr3_PDB_ins_code 
_pdbx_struct_conn_angle.ptnr3_symmetry 
_pdbx_struct_conn_angle.value 
_pdbx_struct_conn_angle.value_esd 
1  SG  ? A CYS 5  ? A CYS 11 ? 1_555 ZN ? C ZN . ? A ZN 201 ? 1_555 SG  ? A CYS 7  ? A CYS 13 ? 1_555 106.2 ? 
2  SG  ? A CYS 5  ? A CYS 11 ? 1_555 ZN ? C ZN . ? A ZN 201 ? 1_555 ND1 ? A HIS 28 ? A HIS 34 ? 1_555 102.4 ? 
3  SG  ? A CYS 7  ? A CYS 13 ? 1_555 ZN ? C ZN . ? A ZN 201 ? 1_555 ND1 ? A HIS 28 ? A HIS 34 ? 1_555 95.6  ? 
4  SG  ? A CYS 5  ? A CYS 11 ? 1_555 ZN ? C ZN . ? A ZN 201 ? 1_555 SG  ? A CYS 31 ? A CYS 37 ? 1_555 109.3 ? 
5  SG  ? A CYS 7  ? A CYS 13 ? 1_555 ZN ? C ZN . ? A ZN 201 ? 1_555 SG  ? A CYS 31 ? A CYS 37 ? 1_555 124.9 ? 
6  ND1 ? A HIS 28 ? A HIS 34 ? 1_555 ZN ? C ZN . ? A ZN 201 ? 1_555 SG  ? A CYS 31 ? A CYS 37 ? 1_555 115.7 ? 
7  SG  ? A CYS 20 ? A CYS 26 ? 1_555 ZN ? D ZN . ? A ZN 202 ? 1_555 SG  ? A CYS 23 ? A CYS 29 ? 1_555 102.5 ? 
8  SG  ? A CYS 20 ? A CYS 26 ? 1_555 ZN ? D ZN . ? A ZN 202 ? 1_555 SG  ? A CYS 47 ? A CYS 53 ? 1_555 108.1 ? 
9  SG  ? A CYS 23 ? A CYS 29 ? 1_555 ZN ? D ZN . ? A ZN 202 ? 1_555 SG  ? A CYS 47 ? A CYS 53 ? 1_555 119.9 ? 
10 SG  ? A CYS 20 ? A CYS 26 ? 1_555 ZN ? D ZN . ? A ZN 202 ? 1_555 SG  ? A CYS 50 ? A CYS 56 ? 1_555 110.0 ? 
11 SG  ? A CYS 23 ? A CYS 29 ? 1_555 ZN ? D ZN . ? A ZN 202 ? 1_555 SG  ? A CYS 50 ? A CYS 56 ? 1_555 114.3 ? 
12 SG  ? A CYS 47 ? A CYS 53 ? 1_555 ZN ? D ZN . ? A ZN 202 ? 1_555 SG  ? A CYS 50 ? A CYS 56 ? 1_555 101.9 ? 
# 
_pdbx_modification_feature.ordinal                            1 
_pdbx_modification_feature.label_comp_id                      ML3 
_pdbx_modification_feature.label_asym_id                      B 
_pdbx_modification_feature.label_seq_id                       4 
_pdbx_modification_feature.label_alt_id                       ? 
_pdbx_modification_feature.modified_residue_label_comp_id     . 
_pdbx_modification_feature.modified_residue_label_asym_id     . 
_pdbx_modification_feature.modified_residue_label_seq_id      . 
_pdbx_modification_feature.modified_residue_label_alt_id      . 
_pdbx_modification_feature.auth_comp_id                       ML3 
_pdbx_modification_feature.auth_asym_id                       P 
_pdbx_modification_feature.auth_seq_id                        4 
_pdbx_modification_feature.PDB_ins_code                       ? 
_pdbx_modification_feature.symmetry                           1_555 
_pdbx_modification_feature.modified_residue_auth_comp_id      . 
_pdbx_modification_feature.modified_residue_auth_asym_id      . 
_pdbx_modification_feature.modified_residue_auth_seq_id       . 
_pdbx_modification_feature.modified_residue_PDB_ins_code      . 
_pdbx_modification_feature.modified_residue_symmetry          . 
_pdbx_modification_feature.comp_id_linking_atom               . 
_pdbx_modification_feature.modified_residue_id_linking_atom   . 
_pdbx_modification_feature.modified_residue_id                LYS 
_pdbx_modification_feature.ref_pcm_id                         1 
_pdbx_modification_feature.ref_comp_id                        ML3 
_pdbx_modification_feature.type                               None 
_pdbx_modification_feature.category                           'Non-standard residue' 
# 
_struct_sheet.id               AA1 
_struct_sheet.type             ? 
_struct_sheet.number_strands   3 
_struct_sheet.details          ? 
# 
loop_
_struct_sheet_order.sheet_id 
_struct_sheet_order.range_id_1 
_struct_sheet_order.range_id_2 
_struct_sheet_order.offset 
_struct_sheet_order.sense 
AA1 1 2 ? anti-parallel 
AA1 2 3 ? anti-parallel 
# 
loop_
_struct_sheet_range.sheet_id 
_struct_sheet_range.id 
_struct_sheet_range.beg_label_comp_id 
_struct_sheet_range.beg_label_asym_id 
_struct_sheet_range.beg_label_seq_id 
_struct_sheet_range.pdbx_beg_PDB_ins_code 
_struct_sheet_range.end_label_comp_id 
_struct_sheet_range.end_label_asym_id 
_struct_sheet_range.end_label_seq_id 
_struct_sheet_range.pdbx_end_PDB_ins_code 
_struct_sheet_range.beg_auth_comp_id 
_struct_sheet_range.beg_auth_asym_id 
_struct_sheet_range.beg_auth_seq_id 
_struct_sheet_range.end_auth_comp_id 
_struct_sheet_range.end_auth_asym_id 
_struct_sheet_range.end_auth_seq_id 
AA1 1 TRP A 26 ? HIS A 28 ? TRP A 32 HIS A 34 
AA1 2 TYR A 17 ? GLY A 19 ? TYR A 23 GLY A 25 
AA1 3 THR B 3  ? ML3 B 4  ? THR P 3  ML3 P 4  
# 
loop_
_pdbx_struct_sheet_hbond.sheet_id 
_pdbx_struct_sheet_hbond.range_id_1 
_pdbx_struct_sheet_hbond.range_id_2 
_pdbx_struct_sheet_hbond.range_1_label_atom_id 
_pdbx_struct_sheet_hbond.range_1_label_comp_id 
_pdbx_struct_sheet_hbond.range_1_label_asym_id 
_pdbx_struct_sheet_hbond.range_1_label_seq_id 
_pdbx_struct_sheet_hbond.range_1_PDB_ins_code 
_pdbx_struct_sheet_hbond.range_1_auth_atom_id 
_pdbx_struct_sheet_hbond.range_1_auth_comp_id 
_pdbx_struct_sheet_hbond.range_1_auth_asym_id 
_pdbx_struct_sheet_hbond.range_1_auth_seq_id 
_pdbx_struct_sheet_hbond.range_2_label_atom_id 
_pdbx_struct_sheet_hbond.range_2_label_comp_id 
_pdbx_struct_sheet_hbond.range_2_label_asym_id 
_pdbx_struct_sheet_hbond.range_2_label_seq_id 
_pdbx_struct_sheet_hbond.range_2_PDB_ins_code 
_pdbx_struct_sheet_hbond.range_2_auth_atom_id 
_pdbx_struct_sheet_hbond.range_2_auth_comp_id 
_pdbx_struct_sheet_hbond.range_2_auth_asym_id 
_pdbx_struct_sheet_hbond.range_2_auth_seq_id 
AA1 1 2 O TYR A 27 ? O TYR A 33 N ILE A 18 ? N ILE A 24 
AA1 2 3 N TYR A 17 ? N TYR A 23 O ML3 B 4  ? O ML3 P 4  
# 
loop_
_struct_site.id 
_struct_site.pdbx_evidence_code 
_struct_site.pdbx_auth_asym_id 
_struct_site.pdbx_auth_comp_id 
_struct_site.pdbx_auth_seq_id 
_struct_site.pdbx_auth_ins_code 
_struct_site.pdbx_num_residues 
_struct_site.details 
AC1 Software A ZN  201 ? 4 'binding site for residue ZN A 201'                                         
AC2 Software A ZN  202 ? 4 'binding site for residue ZN A 202'                                         
AC3 Software P ML3 4   ? 9 'binding site for Ligand residues ML3 P 4 through GLN P 5 bound to THR P 3' 
# 
loop_
_struct_site_gen.id 
_struct_site_gen.site_id 
_struct_site_gen.pdbx_num_res 
_struct_site_gen.label_comp_id 
_struct_site_gen.label_asym_id 
_struct_site_gen.label_seq_id 
_struct_site_gen.pdbx_auth_ins_code 
_struct_site_gen.auth_comp_id 
_struct_site_gen.auth_asym_id 
_struct_site_gen.auth_seq_id 
_struct_site_gen.label_atom_id 
_struct_site_gen.label_alt_id 
_struct_site_gen.symmetry 
_struct_site_gen.details 
1  AC1 4 CYS A 5  ? CYS A 11  . ? 1_555 ? 
2  AC1 4 CYS A 7  ? CYS A 13  . ? 1_555 ? 
3  AC1 4 HIS A 28 ? HIS A 34  . ? 1_555 ? 
4  AC1 4 CYS A 31 ? CYS A 37  . ? 1_555 ? 
5  AC2 4 CYS A 20 ? CYS A 26  . ? 1_555 ? 
6  AC2 4 CYS A 23 ? CYS A 29  . ? 1_555 ? 
7  AC2 4 CYS A 47 ? CYS A 53  . ? 1_555 ? 
8  AC2 4 CYS A 50 ? CYS A 56  . ? 1_555 ? 
9  AC3 9 TYR A 4  ? TYR A 10  . ? 1_555 ? 
10 AC3 9 TYR A 11 ? TYR A 17  . ? 1_555 ? 
11 AC3 9 LYS A 15 ? LYS A 21  . ? 1_555 ? 
12 AC3 9 PHE A 16 ? PHE A 22  . ? 1_555 ? 
13 AC3 9 TYR A 17 ? TYR A 23  . ? 1_555 ? 
14 AC3 9 TRP A 26 ? TRP A 32  . ? 1_555 ? 
15 AC3 9 HOH E .  ? HOH A 306 . ? 1_555 ? 
16 AC3 9 THR B 3  ? THR P 3   . ? 1_555 ? 
17 AC3 9 THR B 6  ? THR P 6   . ? 1_555 ? 
# 
_pdbx_entry_details.entry_id                   6AZE 
_pdbx_entry_details.compound_details           ? 
_pdbx_entry_details.source_details             ? 
_pdbx_entry_details.nonpolymer_details         ? 
_pdbx_entry_details.sequence_details           ? 
_pdbx_entry_details.has_ligand_of_interest     ? 
_pdbx_entry_details.has_protein_modification   Y 
# 
loop_
_pdbx_validate_close_contact.id 
_pdbx_validate_close_contact.PDB_model_num 
_pdbx_validate_close_contact.auth_atom_id_1 
_pdbx_validate_close_contact.auth_asym_id_1 
_pdbx_validate_close_contact.auth_comp_id_1 
_pdbx_validate_close_contact.auth_seq_id_1 
_pdbx_validate_close_contact.PDB_ins_code_1 
_pdbx_validate_close_contact.label_alt_id_1 
_pdbx_validate_close_contact.auth_atom_id_2 
_pdbx_validate_close_contact.auth_asym_id_2 
_pdbx_validate_close_contact.auth_comp_id_2 
_pdbx_validate_close_contact.auth_seq_id_2 
_pdbx_validate_close_contact.PDB_ins_code_2 
_pdbx_validate_close_contact.label_alt_id_2 
_pdbx_validate_close_contact.dist 
1 1 O A HOH 398 ? ? O A HOH 399 ? ? 1.86 
2 1 O A HOH 344 ? ? O A HOH 375 ? ? 2.07 
3 1 O A HOH 315 ? ? O A HOH 384 ? ? 2.14 
4 1 O A HOH 376 ? ? O A HOH 382 ? ? 2.17 
5 1 O A HOH 308 ? ? O A HOH 381 ? ? 2.18 
6 1 O A HOH 373 ? ? O A HOH 394 ? ? 2.19 
# 
loop_
_pdbx_validate_torsion.id 
_pdbx_validate_torsion.PDB_model_num 
_pdbx_validate_torsion.auth_comp_id 
_pdbx_validate_torsion.auth_asym_id 
_pdbx_validate_torsion.auth_seq_id 
_pdbx_validate_torsion.PDB_ins_code 
_pdbx_validate_torsion.label_alt_id 
_pdbx_validate_torsion.phi 
_pdbx_validate_torsion.psi 
1 1 CYS A 11  ? ? 71.13   171.12 
2 1 ASN A 100 ? ? -69.25  31.90  
3 1 ASP A 101 ? ? -137.65 -48.45 
4 1 PRO A 103 ? ? -53.83  -77.40 
5 1 GLU A 111 ? ? -118.50 70.25  
# 
_pdbx_phasing_MR.entry_id                     6AZE 
_pdbx_phasing_MR.method_rotation              ? 
_pdbx_phasing_MR.method_translation           ? 
_pdbx_phasing_MR.model_details                ? 
_pdbx_phasing_MR.R_factor                     ? 
_pdbx_phasing_MR.R_rigid_body                 ? 
_pdbx_phasing_MR.correlation_coeff_Fo_to_Fc   ? 
_pdbx_phasing_MR.correlation_coeff_Io_to_Ic   ? 
_pdbx_phasing_MR.d_res_high_rotation          5.660 
_pdbx_phasing_MR.d_res_low_rotation           23.620 
_pdbx_phasing_MR.d_res_high_translation       5.660 
_pdbx_phasing_MR.d_res_low_translation        23.620 
_pdbx_phasing_MR.packing                      ? 
_pdbx_phasing_MR.reflns_percent_rotation      ? 
_pdbx_phasing_MR.reflns_percent_translation   ? 
_pdbx_phasing_MR.sigma_F_rotation             ? 
_pdbx_phasing_MR.sigma_F_translation          ? 
_pdbx_phasing_MR.sigma_I_rotation             ? 
_pdbx_phasing_MR.sigma_I_translation          ? 
# 
_phasing.method   MR 
# 
loop_
_chem_comp_atom.comp_id 
_chem_comp_atom.atom_id 
_chem_comp_atom.type_symbol 
_chem_comp_atom.pdbx_aromatic_flag 
_chem_comp_atom.pdbx_stereo_config 
_chem_comp_atom.pdbx_ordinal 
ALA N    N  N N 1   
ALA CA   C  N S 2   
ALA C    C  N N 3   
ALA O    O  N N 4   
ALA CB   C  N N 5   
ALA OXT  O  N N 6   
ALA H    H  N N 7   
ALA H2   H  N N 8   
ALA HA   H  N N 9   
ALA HB1  H  N N 10  
ALA HB2  H  N N 11  
ALA HB3  H  N N 12  
ALA HXT  H  N N 13  
ARG N    N  N N 14  
ARG CA   C  N S 15  
ARG C    C  N N 16  
ARG O    O  N N 17  
ARG CB   C  N N 18  
ARG CG   C  N N 19  
ARG CD   C  N N 20  
ARG NE   N  N N 21  
ARG CZ   C  N N 22  
ARG NH1  N  N N 23  
ARG NH2  N  N N 24  
ARG OXT  O  N N 25  
ARG H    H  N N 26  
ARG H2   H  N N 27  
ARG HA   H  N N 28  
ARG HB2  H  N N 29  
ARG HB3  H  N N 30  
ARG HG2  H  N N 31  
ARG HG3  H  N N 32  
ARG HD2  H  N N 33  
ARG HD3  H  N N 34  
ARG HE   H  N N 35  
ARG HH11 H  N N 36  
ARG HH12 H  N N 37  
ARG HH21 H  N N 38  
ARG HH22 H  N N 39  
ARG HXT  H  N N 40  
ASN N    N  N N 41  
ASN CA   C  N S 42  
ASN C    C  N N 43  
ASN O    O  N N 44  
ASN CB   C  N N 45  
ASN CG   C  N N 46  
ASN OD1  O  N N 47  
ASN ND2  N  N N 48  
ASN OXT  O  N N 49  
ASN H    H  N N 50  
ASN H2   H  N N 51  
ASN HA   H  N N 52  
ASN HB2  H  N N 53  
ASN HB3  H  N N 54  
ASN HD21 H  N N 55  
ASN HD22 H  N N 56  
ASN HXT  H  N N 57  
ASP N    N  N N 58  
ASP CA   C  N S 59  
ASP C    C  N N 60  
ASP O    O  N N 61  
ASP CB   C  N N 62  
ASP CG   C  N N 63  
ASP OD1  O  N N 64  
ASP OD2  O  N N 65  
ASP OXT  O  N N 66  
ASP H    H  N N 67  
ASP H2   H  N N 68  
ASP HA   H  N N 69  
ASP HB2  H  N N 70  
ASP HB3  H  N N 71  
ASP HD2  H  N N 72  
ASP HXT  H  N N 73  
CYS N    N  N N 74  
CYS CA   C  N R 75  
CYS C    C  N N 76  
CYS O    O  N N 77  
CYS CB   C  N N 78  
CYS SG   S  N N 79  
CYS OXT  O  N N 80  
CYS H    H  N N 81  
CYS H2   H  N N 82  
CYS HA   H  N N 83  
CYS HB2  H  N N 84  
CYS HB3  H  N N 85  
CYS HG   H  N N 86  
CYS HXT  H  N N 87  
GLN N    N  N N 88  
GLN CA   C  N S 89  
GLN C    C  N N 90  
GLN O    O  N N 91  
GLN CB   C  N N 92  
GLN CG   C  N N 93  
GLN CD   C  N N 94  
GLN OE1  O  N N 95  
GLN NE2  N  N N 96  
GLN OXT  O  N N 97  
GLN H    H  N N 98  
GLN H2   H  N N 99  
GLN HA   H  N N 100 
GLN HB2  H  N N 101 
GLN HB3  H  N N 102 
GLN HG2  H  N N 103 
GLN HG3  H  N N 104 
GLN HE21 H  N N 105 
GLN HE22 H  N N 106 
GLN HXT  H  N N 107 
GLU N    N  N N 108 
GLU CA   C  N S 109 
GLU C    C  N N 110 
GLU O    O  N N 111 
GLU CB   C  N N 112 
GLU CG   C  N N 113 
GLU CD   C  N N 114 
GLU OE1  O  N N 115 
GLU OE2  O  N N 116 
GLU OXT  O  N N 117 
GLU H    H  N N 118 
GLU H2   H  N N 119 
GLU HA   H  N N 120 
GLU HB2  H  N N 121 
GLU HB3  H  N N 122 
GLU HG2  H  N N 123 
GLU HG3  H  N N 124 
GLU HE2  H  N N 125 
GLU HXT  H  N N 126 
GLY N    N  N N 127 
GLY CA   C  N N 128 
GLY C    C  N N 129 
GLY O    O  N N 130 
GLY OXT  O  N N 131 
GLY H    H  N N 132 
GLY H2   H  N N 133 
GLY HA2  H  N N 134 
GLY HA3  H  N N 135 
GLY HXT  H  N N 136 
HIS N    N  N N 137 
HIS CA   C  N S 138 
HIS C    C  N N 139 
HIS O    O  N N 140 
HIS CB   C  N N 141 
HIS CG   C  Y N 142 
HIS ND1  N  Y N 143 
HIS CD2  C  Y N 144 
HIS CE1  C  Y N 145 
HIS NE2  N  Y N 146 
HIS OXT  O  N N 147 
HIS H    H  N N 148 
HIS H2   H  N N 149 
HIS HA   H  N N 150 
HIS HB2  H  N N 151 
HIS HB3  H  N N 152 
HIS HD1  H  N N 153 
HIS HD2  H  N N 154 
HIS HE1  H  N N 155 
HIS HE2  H  N N 156 
HIS HXT  H  N N 157 
HOH O    O  N N 158 
HOH H1   H  N N 159 
HOH H2   H  N N 160 
ILE N    N  N N 161 
ILE CA   C  N S 162 
ILE C    C  N N 163 
ILE O    O  N N 164 
ILE CB   C  N S 165 
ILE CG1  C  N N 166 
ILE CG2  C  N N 167 
ILE CD1  C  N N 168 
ILE OXT  O  N N 169 
ILE H    H  N N 170 
ILE H2   H  N N 171 
ILE HA   H  N N 172 
ILE HB   H  N N 173 
ILE HG12 H  N N 174 
ILE HG13 H  N N 175 
ILE HG21 H  N N 176 
ILE HG22 H  N N 177 
ILE HG23 H  N N 178 
ILE HD11 H  N N 179 
ILE HD12 H  N N 180 
ILE HD13 H  N N 181 
ILE HXT  H  N N 182 
LEU N    N  N N 183 
LEU CA   C  N S 184 
LEU C    C  N N 185 
LEU O    O  N N 186 
LEU CB   C  N N 187 
LEU CG   C  N N 188 
LEU CD1  C  N N 189 
LEU CD2  C  N N 190 
LEU OXT  O  N N 191 
LEU H    H  N N 192 
LEU H2   H  N N 193 
LEU HA   H  N N 194 
LEU HB2  H  N N 195 
LEU HB3  H  N N 196 
LEU HG   H  N N 197 
LEU HD11 H  N N 198 
LEU HD12 H  N N 199 
LEU HD13 H  N N 200 
LEU HD21 H  N N 201 
LEU HD22 H  N N 202 
LEU HD23 H  N N 203 
LEU HXT  H  N N 204 
LYS N    N  N N 205 
LYS CA   C  N S 206 
LYS C    C  N N 207 
LYS O    O  N N 208 
LYS CB   C  N N 209 
LYS CG   C  N N 210 
LYS CD   C  N N 211 
LYS CE   C  N N 212 
LYS NZ   N  N N 213 
LYS OXT  O  N N 214 
LYS H    H  N N 215 
LYS H2   H  N N 216 
LYS HA   H  N N 217 
LYS HB2  H  N N 218 
LYS HB3  H  N N 219 
LYS HG2  H  N N 220 
LYS HG3  H  N N 221 
LYS HD2  H  N N 222 
LYS HD3  H  N N 223 
LYS HE2  H  N N 224 
LYS HE3  H  N N 225 
LYS HZ1  H  N N 226 
LYS HZ2  H  N N 227 
LYS HZ3  H  N N 228 
LYS HXT  H  N N 229 
MET N    N  N N 230 
MET CA   C  N S 231 
MET C    C  N N 232 
MET O    O  N N 233 
MET CB   C  N N 234 
MET CG   C  N N 235 
MET SD   S  N N 236 
MET CE   C  N N 237 
MET OXT  O  N N 238 
MET H    H  N N 239 
MET H2   H  N N 240 
MET HA   H  N N 241 
MET HB2  H  N N 242 
MET HB3  H  N N 243 
MET HG2  H  N N 244 
MET HG3  H  N N 245 
MET HE1  H  N N 246 
MET HE2  H  N N 247 
MET HE3  H  N N 248 
MET HXT  H  N N 249 
ML3 N    N  N N 250 
ML3 CA   C  N R 251 
ML3 CB   C  N N 252 
ML3 SG   S  N N 253 
ML3 CD   C  N N 254 
ML3 CE   C  N N 255 
ML3 NZ   N  N N 256 
ML3 CM1  C  N N 257 
ML3 CM2  C  N N 258 
ML3 CM3  C  N N 259 
ML3 C    C  N N 260 
ML3 O    O  N N 261 
ML3 OXT  O  N N 262 
ML3 H    H  N N 263 
ML3 H2   H  N N 264 
ML3 HA   H  N N 265 
ML3 HB   H  N N 266 
ML3 HD   H  N N 267 
ML3 HE   H  N N 268 
ML3 HEA  H  N N 269 
ML3 HM1  H  N N 270 
ML3 HM1A H  N N 271 
ML3 HM1B H  N N 272 
ML3 HM2  H  N N 273 
ML3 HM2A H  N N 274 
ML3 HM2B H  N N 275 
ML3 HM3  H  N N 276 
ML3 HM3A H  N N 277 
ML3 HM3B H  N N 278 
ML3 H17  H  N N 279 
ML3 H18  H  N N 280 
ML3 HXT  H  N N 281 
PHE N    N  N N 282 
PHE CA   C  N S 283 
PHE C    C  N N 284 
PHE O    O  N N 285 
PHE CB   C  N N 286 
PHE CG   C  Y N 287 
PHE CD1  C  Y N 288 
PHE CD2  C  Y N 289 
PHE CE1  C  Y N 290 
PHE CE2  C  Y N 291 
PHE CZ   C  Y N 292 
PHE OXT  O  N N 293 
PHE H    H  N N 294 
PHE H2   H  N N 295 
PHE HA   H  N N 296 
PHE HB2  H  N N 297 
PHE HB3  H  N N 298 
PHE HD1  H  N N 299 
PHE HD2  H  N N 300 
PHE HE1  H  N N 301 
PHE HE2  H  N N 302 
PHE HZ   H  N N 303 
PHE HXT  H  N N 304 
PRO N    N  N N 305 
PRO CA   C  N S 306 
PRO C    C  N N 307 
PRO O    O  N N 308 
PRO CB   C  N N 309 
PRO CG   C  N N 310 
PRO CD   C  N N 311 
PRO OXT  O  N N 312 
PRO H    H  N N 313 
PRO HA   H  N N 314 
PRO HB2  H  N N 315 
PRO HB3  H  N N 316 
PRO HG2  H  N N 317 
PRO HG3  H  N N 318 
PRO HD2  H  N N 319 
PRO HD3  H  N N 320 
PRO HXT  H  N N 321 
SER N    N  N N 322 
SER CA   C  N S 323 
SER C    C  N N 324 
SER O    O  N N 325 
SER CB   C  N N 326 
SER OG   O  N N 327 
SER OXT  O  N N 328 
SER H    H  N N 329 
SER H2   H  N N 330 
SER HA   H  N N 331 
SER HB2  H  N N 332 
SER HB3  H  N N 333 
SER HG   H  N N 334 
SER HXT  H  N N 335 
THR N    N  N N 336 
THR CA   C  N S 337 
THR C    C  N N 338 
THR O    O  N N 339 
THR CB   C  N R 340 
THR OG1  O  N N 341 
THR CG2  C  N N 342 
THR OXT  O  N N 343 
THR H    H  N N 344 
THR H2   H  N N 345 
THR HA   H  N N 346 
THR HB   H  N N 347 
THR HG1  H  N N 348 
THR HG21 H  N N 349 
THR HG22 H  N N 350 
THR HG23 H  N N 351 
THR HXT  H  N N 352 
TRP N    N  N N 353 
TRP CA   C  N S 354 
TRP C    C  N N 355 
TRP O    O  N N 356 
TRP CB   C  N N 357 
TRP CG   C  Y N 358 
TRP CD1  C  Y N 359 
TRP CD2  C  Y N 360 
TRP NE1  N  Y N 361 
TRP CE2  C  Y N 362 
TRP CE3  C  Y N 363 
TRP CZ2  C  Y N 364 
TRP CZ3  C  Y N 365 
TRP CH2  C  Y N 366 
TRP OXT  O  N N 367 
TRP H    H  N N 368 
TRP H2   H  N N 369 
TRP HA   H  N N 370 
TRP HB2  H  N N 371 
TRP HB3  H  N N 372 
TRP HD1  H  N N 373 
TRP HE1  H  N N 374 
TRP HE3  H  N N 375 
TRP HZ2  H  N N 376 
TRP HZ3  H  N N 377 
TRP HH2  H  N N 378 
TRP HXT  H  N N 379 
TYR N    N  N N 380 
TYR CA   C  N S 381 
TYR C    C  N N 382 
TYR O    O  N N 383 
TYR CB   C  N N 384 
TYR CG   C  Y N 385 
TYR CD1  C  Y N 386 
TYR CD2  C  Y N 387 
TYR CE1  C  Y N 388 
TYR CE2  C  Y N 389 
TYR CZ   C  Y N 390 
TYR OH   O  N N 391 
TYR OXT  O  N N 392 
TYR H    H  N N 393 
TYR H2   H  N N 394 
TYR HA   H  N N 395 
TYR HB2  H  N N 396 
TYR HB3  H  N N 397 
TYR HD1  H  N N 398 
TYR HD2  H  N N 399 
TYR HE1  H  N N 400 
TYR HE2  H  N N 401 
TYR HH   H  N N 402 
TYR HXT  H  N N 403 
VAL N    N  N N 404 
VAL CA   C  N S 405 
VAL C    C  N N 406 
VAL O    O  N N 407 
VAL CB   C  N N 408 
VAL CG1  C  N N 409 
VAL CG2  C  N N 410 
VAL OXT  O  N N 411 
VAL H    H  N N 412 
VAL H2   H  N N 413 
VAL HA   H  N N 414 
VAL HB   H  N N 415 
VAL HG11 H  N N 416 
VAL HG12 H  N N 417 
VAL HG13 H  N N 418 
VAL HG21 H  N N 419 
VAL HG22 H  N N 420 
VAL HG23 H  N N 421 
VAL HXT  H  N N 422 
ZN  ZN   ZN N N 423 
# 
loop_
_chem_comp_bond.comp_id 
_chem_comp_bond.atom_id_1 
_chem_comp_bond.atom_id_2 
_chem_comp_bond.value_order 
_chem_comp_bond.pdbx_aromatic_flag 
_chem_comp_bond.pdbx_stereo_config 
_chem_comp_bond.pdbx_ordinal 
ALA N   CA   sing N N 1   
ALA N   H    sing N N 2   
ALA N   H2   sing N N 3   
ALA CA  C    sing N N 4   
ALA CA  CB   sing N N 5   
ALA CA  HA   sing N N 6   
ALA C   O    doub N N 7   
ALA C   OXT  sing N N 8   
ALA CB  HB1  sing N N 9   
ALA CB  HB2  sing N N 10  
ALA CB  HB3  sing N N 11  
ALA OXT HXT  sing N N 12  
ARG N   CA   sing N N 13  
ARG N   H    sing N N 14  
ARG N   H2   sing N N 15  
ARG CA  C    sing N N 16  
ARG CA  CB   sing N N 17  
ARG CA  HA   sing N N 18  
ARG C   O    doub N N 19  
ARG C   OXT  sing N N 20  
ARG CB  CG   sing N N 21  
ARG CB  HB2  sing N N 22  
ARG CB  HB3  sing N N 23  
ARG CG  CD   sing N N 24  
ARG CG  HG2  sing N N 25  
ARG CG  HG3  sing N N 26  
ARG CD  NE   sing N N 27  
ARG CD  HD2  sing N N 28  
ARG CD  HD3  sing N N 29  
ARG NE  CZ   sing N N 30  
ARG NE  HE   sing N N 31  
ARG CZ  NH1  sing N N 32  
ARG CZ  NH2  doub N N 33  
ARG NH1 HH11 sing N N 34  
ARG NH1 HH12 sing N N 35  
ARG NH2 HH21 sing N N 36  
ARG NH2 HH22 sing N N 37  
ARG OXT HXT  sing N N 38  
ASN N   CA   sing N N 39  
ASN N   H    sing N N 40  
ASN N   H2   sing N N 41  
ASN CA  C    sing N N 42  
ASN CA  CB   sing N N 43  
ASN CA  HA   sing N N 44  
ASN C   O    doub N N 45  
ASN C   OXT  sing N N 46  
ASN CB  CG   sing N N 47  
ASN CB  HB2  sing N N 48  
ASN CB  HB3  sing N N 49  
ASN CG  OD1  doub N N 50  
ASN CG  ND2  sing N N 51  
ASN ND2 HD21 sing N N 52  
ASN ND2 HD22 sing N N 53  
ASN OXT HXT  sing N N 54  
ASP N   CA   sing N N 55  
ASP N   H    sing N N 56  
ASP N   H2   sing N N 57  
ASP CA  C    sing N N 58  
ASP CA  CB   sing N N 59  
ASP CA  HA   sing N N 60  
ASP C   O    doub N N 61  
ASP C   OXT  sing N N 62  
ASP CB  CG   sing N N 63  
ASP CB  HB2  sing N N 64  
ASP CB  HB3  sing N N 65  
ASP CG  OD1  doub N N 66  
ASP CG  OD2  sing N N 67  
ASP OD2 HD2  sing N N 68  
ASP OXT HXT  sing N N 69  
CYS N   CA   sing N N 70  
CYS N   H    sing N N 71  
CYS N   H2   sing N N 72  
CYS CA  C    sing N N 73  
CYS CA  CB   sing N N 74  
CYS CA  HA   sing N N 75  
CYS C   O    doub N N 76  
CYS C   OXT  sing N N 77  
CYS CB  SG   sing N N 78  
CYS CB  HB2  sing N N 79  
CYS CB  HB3  sing N N 80  
CYS SG  HG   sing N N 81  
CYS OXT HXT  sing N N 82  
GLN N   CA   sing N N 83  
GLN N   H    sing N N 84  
GLN N   H2   sing N N 85  
GLN CA  C    sing N N 86  
GLN CA  CB   sing N N 87  
GLN CA  HA   sing N N 88  
GLN C   O    doub N N 89  
GLN C   OXT  sing N N 90  
GLN CB  CG   sing N N 91  
GLN CB  HB2  sing N N 92  
GLN CB  HB3  sing N N 93  
GLN CG  CD   sing N N 94  
GLN CG  HG2  sing N N 95  
GLN CG  HG3  sing N N 96  
GLN CD  OE1  doub N N 97  
GLN CD  NE2  sing N N 98  
GLN NE2 HE21 sing N N 99  
GLN NE2 HE22 sing N N 100 
GLN OXT HXT  sing N N 101 
GLU N   CA   sing N N 102 
GLU N   H    sing N N 103 
GLU N   H2   sing N N 104 
GLU CA  C    sing N N 105 
GLU CA  CB   sing N N 106 
GLU CA  HA   sing N N 107 
GLU C   O    doub N N 108 
GLU C   OXT  sing N N 109 
GLU CB  CG   sing N N 110 
GLU CB  HB2  sing N N 111 
GLU CB  HB3  sing N N 112 
GLU CG  CD   sing N N 113 
GLU CG  HG2  sing N N 114 
GLU CG  HG3  sing N N 115 
GLU CD  OE1  doub N N 116 
GLU CD  OE2  sing N N 117 
GLU OE2 HE2  sing N N 118 
GLU OXT HXT  sing N N 119 
GLY N   CA   sing N N 120 
GLY N   H    sing N N 121 
GLY N   H2   sing N N 122 
GLY CA  C    sing N N 123 
GLY CA  HA2  sing N N 124 
GLY CA  HA3  sing N N 125 
GLY C   O    doub N N 126 
GLY C   OXT  sing N N 127 
GLY OXT HXT  sing N N 128 
HIS N   CA   sing N N 129 
HIS N   H    sing N N 130 
HIS N   H2   sing N N 131 
HIS CA  C    sing N N 132 
HIS CA  CB   sing N N 133 
HIS CA  HA   sing N N 134 
HIS C   O    doub N N 135 
HIS C   OXT  sing N N 136 
HIS CB  CG   sing N N 137 
HIS CB  HB2  sing N N 138 
HIS CB  HB3  sing N N 139 
HIS CG  ND1  sing Y N 140 
HIS CG  CD2  doub Y N 141 
HIS ND1 CE1  doub Y N 142 
HIS ND1 HD1  sing N N 143 
HIS CD2 NE2  sing Y N 144 
HIS CD2 HD2  sing N N 145 
HIS CE1 NE2  sing Y N 146 
HIS CE1 HE1  sing N N 147 
HIS NE2 HE2  sing N N 148 
HIS OXT HXT  sing N N 149 
HOH O   H1   sing N N 150 
HOH O   H2   sing N N 151 
ILE N   CA   sing N N 152 
ILE N   H    sing N N 153 
ILE N   H2   sing N N 154 
ILE CA  C    sing N N 155 
ILE CA  CB   sing N N 156 
ILE CA  HA   sing N N 157 
ILE C   O    doub N N 158 
ILE C   OXT  sing N N 159 
ILE CB  CG1  sing N N 160 
ILE CB  CG2  sing N N 161 
ILE CB  HB   sing N N 162 
ILE CG1 CD1  sing N N 163 
ILE CG1 HG12 sing N N 164 
ILE CG1 HG13 sing N N 165 
ILE CG2 HG21 sing N N 166 
ILE CG2 HG22 sing N N 167 
ILE CG2 HG23 sing N N 168 
ILE CD1 HD11 sing N N 169 
ILE CD1 HD12 sing N N 170 
ILE CD1 HD13 sing N N 171 
ILE OXT HXT  sing N N 172 
LEU N   CA   sing N N 173 
LEU N   H    sing N N 174 
LEU N   H2   sing N N 175 
LEU CA  C    sing N N 176 
LEU CA  CB   sing N N 177 
LEU CA  HA   sing N N 178 
LEU C   O    doub N N 179 
LEU C   OXT  sing N N 180 
LEU CB  CG   sing N N 181 
LEU CB  HB2  sing N N 182 
LEU CB  HB3  sing N N 183 
LEU CG  CD1  sing N N 184 
LEU CG  CD2  sing N N 185 
LEU CG  HG   sing N N 186 
LEU CD1 HD11 sing N N 187 
LEU CD1 HD12 sing N N 188 
LEU CD1 HD13 sing N N 189 
LEU CD2 HD21 sing N N 190 
LEU CD2 HD22 sing N N 191 
LEU CD2 HD23 sing N N 192 
LEU OXT HXT  sing N N 193 
LYS N   CA   sing N N 194 
LYS N   H    sing N N 195 
LYS N   H2   sing N N 196 
LYS CA  C    sing N N 197 
LYS CA  CB   sing N N 198 
LYS CA  HA   sing N N 199 
LYS C   O    doub N N 200 
LYS C   OXT  sing N N 201 
LYS CB  CG   sing N N 202 
LYS CB  HB2  sing N N 203 
LYS CB  HB3  sing N N 204 
LYS CG  CD   sing N N 205 
LYS CG  HG2  sing N N 206 
LYS CG  HG3  sing N N 207 
LYS CD  CE   sing N N 208 
LYS CD  HD2  sing N N 209 
LYS CD  HD3  sing N N 210 
LYS CE  NZ   sing N N 211 
LYS CE  HE2  sing N N 212 
LYS CE  HE3  sing N N 213 
LYS NZ  HZ1  sing N N 214 
LYS NZ  HZ2  sing N N 215 
LYS NZ  HZ3  sing N N 216 
LYS OXT HXT  sing N N 217 
MET N   CA   sing N N 218 
MET N   H    sing N N 219 
MET N   H2   sing N N 220 
MET CA  C    sing N N 221 
MET CA  CB   sing N N 222 
MET CA  HA   sing N N 223 
MET C   O    doub N N 224 
MET C   OXT  sing N N 225 
MET CB  CG   sing N N 226 
MET CB  HB2  sing N N 227 
MET CB  HB3  sing N N 228 
MET CG  SD   sing N N 229 
MET CG  HG2  sing N N 230 
MET CG  HG3  sing N N 231 
MET SD  CE   sing N N 232 
MET CE  HE1  sing N N 233 
MET CE  HE2  sing N N 234 
MET CE  HE3  sing N N 235 
MET OXT HXT  sing N N 236 
ML3 N   CA   sing N N 237 
ML3 N   H    sing N N 238 
ML3 N   H2   sing N N 239 
ML3 CA  CB   sing N N 240 
ML3 CA  C    sing N N 241 
ML3 CA  HA   sing N N 242 
ML3 CB  SG   sing N N 243 
ML3 CB  HB   sing N N 244 
ML3 SG  CD   sing N N 245 
ML3 CD  CE   sing N N 246 
ML3 CD  HD   sing N N 247 
ML3 CE  NZ   sing N N 248 
ML3 CE  HE   sing N N 249 
ML3 CE  HEA  sing N N 250 
ML3 NZ  CM1  sing N N 251 
ML3 NZ  CM2  sing N N 252 
ML3 NZ  CM3  sing N N 253 
ML3 CM1 HM1  sing N N 254 
ML3 CM1 HM1A sing N N 255 
ML3 CM1 HM1B sing N N 256 
ML3 CM2 HM2  sing N N 257 
ML3 CM2 HM2A sing N N 258 
ML3 CM2 HM2B sing N N 259 
ML3 CM3 HM3  sing N N 260 
ML3 CM3 HM3A sing N N 261 
ML3 CM3 HM3B sing N N 262 
ML3 C   O    doub N N 263 
ML3 C   OXT  sing N N 264 
ML3 CB  H17  sing N N 265 
ML3 CD  H18  sing N N 266 
ML3 OXT HXT  sing N N 267 
PHE N   CA   sing N N 268 
PHE N   H    sing N N 269 
PHE N   H2   sing N N 270 
PHE CA  C    sing N N 271 
PHE CA  CB   sing N N 272 
PHE CA  HA   sing N N 273 
PHE C   O    doub N N 274 
PHE C   OXT  sing N N 275 
PHE CB  CG   sing N N 276 
PHE CB  HB2  sing N N 277 
PHE CB  HB3  sing N N 278 
PHE CG  CD1  doub Y N 279 
PHE CG  CD2  sing Y N 280 
PHE CD1 CE1  sing Y N 281 
PHE CD1 HD1  sing N N 282 
PHE CD2 CE2  doub Y N 283 
PHE CD2 HD2  sing N N 284 
PHE CE1 CZ   doub Y N 285 
PHE CE1 HE1  sing N N 286 
PHE CE2 CZ   sing Y N 287 
PHE CE2 HE2  sing N N 288 
PHE CZ  HZ   sing N N 289 
PHE OXT HXT  sing N N 290 
PRO N   CA   sing N N 291 
PRO N   CD   sing N N 292 
PRO N   H    sing N N 293 
PRO CA  C    sing N N 294 
PRO CA  CB   sing N N 295 
PRO CA  HA   sing N N 296 
PRO C   O    doub N N 297 
PRO C   OXT  sing N N 298 
PRO CB  CG   sing N N 299 
PRO CB  HB2  sing N N 300 
PRO CB  HB3  sing N N 301 
PRO CG  CD   sing N N 302 
PRO CG  HG2  sing N N 303 
PRO CG  HG3  sing N N 304 
PRO CD  HD2  sing N N 305 
PRO CD  HD3  sing N N 306 
PRO OXT HXT  sing N N 307 
SER N   CA   sing N N 308 
SER N   H    sing N N 309 
SER N   H2   sing N N 310 
SER CA  C    sing N N 311 
SER CA  CB   sing N N 312 
SER CA  HA   sing N N 313 
SER C   O    doub N N 314 
SER C   OXT  sing N N 315 
SER CB  OG   sing N N 316 
SER CB  HB2  sing N N 317 
SER CB  HB3  sing N N 318 
SER OG  HG   sing N N 319 
SER OXT HXT  sing N N 320 
THR N   CA   sing N N 321 
THR N   H    sing N N 322 
THR N   H2   sing N N 323 
THR CA  C    sing N N 324 
THR CA  CB   sing N N 325 
THR CA  HA   sing N N 326 
THR C   O    doub N N 327 
THR C   OXT  sing N N 328 
THR CB  OG1  sing N N 329 
THR CB  CG2  sing N N 330 
THR CB  HB   sing N N 331 
THR OG1 HG1  sing N N 332 
THR CG2 HG21 sing N N 333 
THR CG2 HG22 sing N N 334 
THR CG2 HG23 sing N N 335 
THR OXT HXT  sing N N 336 
TRP N   CA   sing N N 337 
TRP N   H    sing N N 338 
TRP N   H2   sing N N 339 
TRP CA  C    sing N N 340 
TRP CA  CB   sing N N 341 
TRP CA  HA   sing N N 342 
TRP C   O    doub N N 343 
TRP C   OXT  sing N N 344 
TRP CB  CG   sing N N 345 
TRP CB  HB2  sing N N 346 
TRP CB  HB3  sing N N 347 
TRP CG  CD1  doub Y N 348 
TRP CG  CD2  sing Y N 349 
TRP CD1 NE1  sing Y N 350 
TRP CD1 HD1  sing N N 351 
TRP CD2 CE2  doub Y N 352 
TRP CD2 CE3  sing Y N 353 
TRP NE1 CE2  sing Y N 354 
TRP NE1 HE1  sing N N 355 
TRP CE2 CZ2  sing Y N 356 
TRP CE3 CZ3  doub Y N 357 
TRP CE3 HE3  sing N N 358 
TRP CZ2 CH2  doub Y N 359 
TRP CZ2 HZ2  sing N N 360 
TRP CZ3 CH2  sing Y N 361 
TRP CZ3 HZ3  sing N N 362 
TRP CH2 HH2  sing N N 363 
TRP OXT HXT  sing N N 364 
TYR N   CA   sing N N 365 
TYR N   H    sing N N 366 
TYR N   H2   sing N N 367 
TYR CA  C    sing N N 368 
TYR CA  CB   sing N N 369 
TYR CA  HA   sing N N 370 
TYR C   O    doub N N 371 
TYR C   OXT  sing N N 372 
TYR CB  CG   sing N N 373 
TYR CB  HB2  sing N N 374 
TYR CB  HB3  sing N N 375 
TYR CG  CD1  doub Y N 376 
TYR CG  CD2  sing Y N 377 
TYR CD1 CE1  sing Y N 378 
TYR CD1 HD1  sing N N 379 
TYR CD2 CE2  doub Y N 380 
TYR CD2 HD2  sing N N 381 
TYR CE1 CZ   doub Y N 382 
TYR CE1 HE1  sing N N 383 
TYR CE2 CZ   sing Y N 384 
TYR CE2 HE2  sing N N 385 
TYR CZ  OH   sing N N 386 
TYR OH  HH   sing N N 387 
TYR OXT HXT  sing N N 388 
VAL N   CA   sing N N 389 
VAL N   H    sing N N 390 
VAL N   H2   sing N N 391 
VAL CA  C    sing N N 392 
VAL CA  CB   sing N N 393 
VAL CA  HA   sing N N 394 
VAL C   O    doub N N 395 
VAL C   OXT  sing N N 396 
VAL CB  CG1  sing N N 397 
VAL CB  CG2  sing N N 398 
VAL CB  HB   sing N N 399 
VAL CG1 HG11 sing N N 400 
VAL CG1 HG12 sing N N 401 
VAL CG1 HG13 sing N N 402 
VAL CG2 HG21 sing N N 403 
VAL CG2 HG22 sing N N 404 
VAL CG2 HG23 sing N N 405 
VAL OXT HXT  sing N N 406 
# 
loop_
_pdbx_audit_support.funding_organization 
_pdbx_audit_support.country 
_pdbx_audit_support.grant_number 
_pdbx_audit_support.ordinal 
'National Institutes of Health/National Institute of General Medical Sciences (NIH/NIGMS)' 'United States' R01-GM115945 1 
'National Institutes of Health/National Human Genome Research Institute (NIH/NHGRI)'       'United States' R21HG007426 2 
'American Cancer Society'                                                                  'United States' 
'130230- RSG-16-248-01-DMC' 3 
# 
_atom_sites.entry_id                    6AZE 
_atom_sites.fract_transf_matrix[1][1]   -0.00430785 
_atom_sites.fract_transf_matrix[1][2]   0.00095675 
_atom_sites.fract_transf_matrix[1][3]   0.02575976 
_atom_sites.fract_transf_matrix[2][1]   -0.01527166 
_atom_sites.fract_transf_matrix[2][2]   -0.00193861 
_atom_sites.fract_transf_matrix[2][3]   -0.00248190 
_atom_sites.fract_transf_matrix[3][1]   0.00136240 
_atom_sites.fract_transf_matrix[3][2]   -0.01157455 
_atom_sites.fract_transf_matrix[3][3]   0.00065773 
_atom_sites.fract_transf_vector[1]      -0.332060 
_atom_sites.fract_transf_vector[2]      0.154873 
_atom_sites.fract_transf_vector[3]      -0.171849 
# 
loop_
_atom_type.symbol 
C  
N  
O  
S  
ZN 
# 
loop_
_atom_site.group_PDB 
_atom_site.id 
_atom_site.type_symbol 
_atom_site.label_atom_id 
_atom_site.label_alt_id 
_atom_site.label_comp_id 
_atom_site.label_asym_id 
_atom_site.label_entity_id 
_atom_site.label_seq_id 
_atom_site.pdbx_PDB_ins_code 
_atom_site.Cartn_x 
_atom_site.Cartn_y 
_atom_site.Cartn_z 
_atom_site.occupancy 
_atom_site.B_iso_or_equiv 
_atom_site.pdbx_formal_charge 
_atom_site.auth_seq_id 
_atom_site.auth_comp_id 
_atom_site.auth_asym_id 
_atom_site.auth_atom_id 
_atom_site.pdbx_PDB_model_num 
ATOM   1    N  N   . THR A 1 1   ? 20.008  -9.580  -33.004 1.00 50.30 ? 7   THR A N   1 
ATOM   2    C  CA  . THR A 1 1   ? 20.560  -8.426  -33.712 1.00 54.17 ? 7   THR A CA  1 
ATOM   3    C  C   . THR A 1 1   ? 20.399  -7.175  -32.844 1.00 51.92 ? 7   THR A C   1 
ATOM   4    O  O   . THR A 1 1   ? 20.936  -6.099  -33.147 1.00 52.09 ? 7   THR A O   1 
ATOM   5    C  CB  . THR A 1 1   ? 19.873  -8.211  -35.086 1.00 54.49 ? 7   THR A CB  1 
ATOM   6    N  N   . LYS A 1 2   ? 19.673  -7.348  -31.743 1.00 51.26 ? 8   LYS A N   1 
ATOM   7    C  CA  . LYS A 1 2   ? 19.346  -6.259  -30.833 1.00 38.52 ? 8   LYS A CA  1 
ATOM   8    C  C   . LYS A 1 2   ? 20.093  -6.313  -29.470 1.00 24.37 ? 8   LYS A C   1 
ATOM   9    C  CB  . LYS A 1 2   ? 17.824  -6.240  -30.617 1.00 34.59 ? 8   LYS A CB  1 
ATOM   10   C  CG  . LYS A 1 2   ? 17.194  -4.874  -30.846 1.00 45.21 ? 8   LYS A CG  1 
ATOM   11   N  N   . LEU A 1 3   ? 19.884  -5.233  -28.711 1.00 23.22 ? 9   LEU A N   1 
ATOM   12   C  CA  . LEU A 1 3   ? 20.449  -5.053  -27.384 1.00 24.86 ? 9   LEU A CA  1 
ATOM   13   C  C   . LEU A 1 3   ? 19.402  -5.274  -26.298 1.00 27.15 ? 9   LEU A C   1 
ATOM   14   O  O   . LEU A 1 3   ? 18.308  -4.709  -26.344 1.00 32.50 ? 9   LEU A O   1 
ATOM   15   C  CB  . LEU A 1 3   ? 21.069  -3.655  -27.237 1.00 21.70 ? 9   LEU A CB  1 
ATOM   16   C  CG  . LEU A 1 3   ? 22.282  -3.391  -28.134 1.00 22.55 ? 9   LEU A CG  1 
ATOM   17   C  CD1 . LEU A 1 3   ? 22.690  -1.936  -28.105 1.00 17.58 ? 9   LEU A CD1 1 
ATOM   18   C  CD2 . LEU A 1 3   ? 23.440  -4.267  -27.750 1.00 20.00 ? 9   LEU A CD2 1 
ATOM   19   N  N   . TYR A 1 4   ? 19.759  -6.106  -25.330 1.00 22.44 ? 10  TYR A N   1 
ATOM   20   C  CA  . TYR A 1 4   ? 18.868  -6.485  -24.253 1.00 21.03 ? 10  TYR A CA  1 
ATOM   21   C  C   . TYR A 1 4   ? 19.392  -6.054  -22.903 1.00 22.02 ? 10  TYR A C   1 
ATOM   22   O  O   . TYR A 1 4   ? 20.522  -5.567  -22.795 1.00 22.14 ? 10  TYR A O   1 
ATOM   23   C  CB  . TYR A 1 4   ? 18.671  -7.992  -24.246 1.00 19.93 ? 10  TYR A CB  1 
ATOM   24   C  CG  . TYR A 1 4   ? 18.169  -8.535  -25.550 1.00 25.03 ? 10  TYR A CG  1 
ATOM   25   C  CD1 . TYR A 1 4   ? 16.836  -8.375  -25.925 1.00 25.94 ? 10  TYR A CD1 1 
ATOM   26   C  CD2 . TYR A 1 4   ? 19.016  -9.211  -26.413 1.00 23.36 ? 10  TYR A CD2 1 
ATOM   27   C  CE1 . TYR A 1 4   ? 16.364  -8.884  -27.123 1.00 23.69 ? 10  TYR A CE1 1 
ATOM   28   C  CE2 . TYR A 1 4   ? 18.542  -9.719  -27.622 1.00 26.73 ? 10  TYR A CE2 1 
ATOM   29   C  CZ  . TYR A 1 4   ? 17.221  -9.544  -27.969 1.00 25.22 ? 10  TYR A CZ  1 
ATOM   30   O  OH  . TYR A 1 4   ? 16.751  -10.047 -29.163 1.00 32.56 ? 10  TYR A OH  1 
ATOM   31   N  N   . CYS A 1 5   ? 18.551  -6.244  -21.889 1.00 18.15 ? 11  CYS A N   1 
ATOM   32   C  CA  . CYS A 1 5   ? 18.913  -6.118  -20.478 1.00 18.80 ? 11  CYS A CA  1 
ATOM   33   C  C   . CYS A 1 5   ? 19.157  -4.672  -20.059 1.00 19.61 ? 11  CYS A C   1 
ATOM   34   O  O   . CYS A 1 5   ? 19.235  -3.771  -20.905 1.00 18.99 ? 11  CYS A O   1 
ATOM   35   C  CB  . CYS A 1 5   ? 20.143  -6.977  -20.160 1.00 16.28 ? 11  CYS A CB  1 
ATOM   36   S  SG  . CYS A 1 5   ? 20.270  -7.475  -18.415 1.00 20.11 ? 11  CYS A SG  1 
ATOM   37   N  N   . ILE A 1 6   ? 19.311  -4.459  -18.750 1.00 20.78 ? 12  ILE A N   1 
ATOM   38   C  CA  . ILE A 1 6   ? 19.648  -3.132  -18.230 1.00 21.62 ? 12  ILE A CA  1 
ATOM   39   C  C   . ILE A 1 6   ? 21.088  -2.772  -18.605 1.00 20.90 ? 12  ILE A C   1 
ATOM   40   O  O   . ILE A 1 6   ? 21.483  -1.617  -18.521 1.00 21.85 ? 12  ILE A O   1 
ATOM   41   C  CB  . ILE A 1 6   ? 19.523  -3.031  -16.684 1.00 20.94 ? 12  ILE A CB  1 
ATOM   42   C  CG1 . ILE A 1 6   ? 20.674  -3.722  -15.975 1.00 20.48 ? 12  ILE A CG1 1 
ATOM   43   C  CG2 . ILE A 1 6   ? 18.196  -3.568  -16.163 1.00 21.58 ? 12  ILE A CG2 1 
ATOM   44   C  CD1 . ILE A 1 6   ? 20.502  -3.638  -14.456 1.00 23.85 ? 12  ILE A CD1 1 
ATOM   45   N  N   . CYS A 1 7   ? 21.853  -3.784  -19.008 1.00 21.43 ? 13  CYS A N   1 
ATOM   46   C  CA  . CYS A 1 7   ? 23.270  -3.662  -19.320 1.00 22.20 ? 13  CYS A CA  1 
ATOM   47   C  C   . CYS A 1 7   ? 23.531  -3.512  -20.840 1.00 22.02 ? 13  CYS A C   1 
ATOM   48   O  O   . CYS A 1 7   ? 24.672  -3.596  -21.296 1.00 22.90 ? 13  CYS A O   1 
ATOM   49   C  CB  . CYS A 1 7   ? 24.016  -4.883  -18.755 1.00 22.36 ? 13  CYS A CB  1 
ATOM   50   S  SG  . CYS A 1 7   ? 23.740  -6.432  -19.694 1.00 25.20 ? 13  CYS A SG  1 
ATOM   51   N  N   . LYS A 1 8   ? 22.462  -3.316  -21.603 1.00 20.40 ? 14  LYS A N   1 
ATOM   52   C  CA  . LYS A 1 8   ? 22.504  -3.042  -23.053 1.00 23.69 ? 14  LYS A CA  1 
ATOM   53   C  C   . LYS A 1 8   ? 23.492  -3.888  -23.868 1.00 25.95 ? 14  LYS A C   1 
ATOM   54   O  O   . LYS A 1 8   ? 24.424  -3.344  -24.448 1.00 28.05 ? 14  LYS A O   1 
ATOM   55   C  CB  . LYS A 1 8   ? 22.808  -1.557  -23.297 1.00 21.48 ? 14  LYS A CB  1 
ATOM   56   C  CG  . LYS A 1 8   ? 21.760  -0.611  -22.678 1.00 26.61 ? 14  LYS A CG  1 
ATOM   57   C  CD  . LYS A 1 8   ? 20.356  -0.959  -23.172 1.00 25.44 ? 14  LYS A CD  1 
ATOM   58   C  CE  . LYS A 1 8   ? 19.284  -0.064  -22.572 1.00 28.41 ? 14  LYS A CE  1 
ATOM   59   N  NZ  . LYS A 1 8   ? 19.258  1.317   -23.158 1.00 28.22 ? 14  LYS A NZ  1 
ATOM   60   N  N   . THR A 1 9   ? 23.288  -5.204  -23.909 1.00 23.46 ? 15  THR A N   1 
ATOM   61   C  CA  . THR A 1 9   ? 24.237  -6.109  -24.552 1.00 21.83 ? 15  THR A CA  1 
ATOM   62   C  C   . THR A 1 9   ? 23.520  -7.102  -25.454 1.00 22.78 ? 15  THR A C   1 
ATOM   63   O  O   . THR A 1 9   ? 22.355  -7.451  -25.220 1.00 23.47 ? 15  THR A O   1 
ATOM   64   C  CB  . THR A 1 9   ? 25.112  -6.876  -23.516 1.00 20.14 ? 15  THR A CB  1 
ATOM   65   O  OG1 . THR A 1 9   ? 24.293  -7.486  -22.516 1.00 23.86 ? 15  THR A OG1 1 
ATOM   66   C  CG2 . THR A 1 9   ? 26.061  -5.935  -22.829 1.00 20.14 ? 15  THR A CG2 1 
ATOM   67   N  N   . PRO A 1 10  ? 24.205  -7.542  -26.514 1.00 23.73 ? 16  PRO A N   1 
ATOM   68   C  CA  . PRO A 1 10  ? 23.533  -8.421  -27.472 1.00 23.69 ? 16  PRO A CA  1 
ATOM   69   C  C   . PRO A 1 10  ? 23.370  -9.805  -26.877 1.00 23.41 ? 16  PRO A C   1 
ATOM   70   O  O   . PRO A 1 10  ? 24.010  -10.091 -25.863 1.00 23.44 ? 16  PRO A O   1 
ATOM   71   C  CB  . PRO A 1 10  ? 24.474  -8.410  -28.685 1.00 24.16 ? 16  PRO A CB  1 
ATOM   72   C  CG  . PRO A 1 10  ? 25.825  -8.152  -28.122 1.00 23.89 ? 16  PRO A CG  1 
ATOM   73   C  CD  . PRO A 1 10  ? 25.582  -7.218  -26.933 1.00 26.02 ? 16  PRO A CD  1 
ATOM   74   N  N   . TYR A 1 11  ? 22.509  -10.630 -27.474 1.00 26.74 ? 17  TYR A N   1 
ATOM   75   C  CA  . TYR A 1 11  ? 22.230  -11.975 -26.954 1.00 28.16 ? 17  TYR A CA  1 
ATOM   76   C  C   . TYR A 1 11  ? 23.482  -12.868 -26.889 1.00 28.54 ? 17  TYR A C   1 
ATOM   77   O  O   . TYR A 1 11  ? 24.254  -12.945 -27.841 1.00 35.13 ? 17  TYR A O   1 
ATOM   78   C  CB  . TYR A 1 11  ? 21.138  -12.666 -27.795 1.00 29.32 ? 17  TYR A CB  1 
ATOM   79   C  CG  . TYR A 1 11  ? 20.812  -14.065 -27.300 1.00 31.36 ? 17  TYR A CG  1 
ATOM   80   C  CD1 . TYR A 1 11  ? 20.506  -14.294 -25.956 1.00 26.28 ? 17  TYR A CD1 1 
ATOM   81   C  CD2 . TYR A 1 11  ? 20.819  -15.151 -28.167 1.00 27.01 ? 17  TYR A CD2 1 
ATOM   82   C  CE1 . TYR A 1 11  ? 20.244  -15.549 -25.499 1.00 28.00 ? 17  TYR A CE1 1 
ATOM   83   C  CE2 . TYR A 1 11  ? 20.542  -16.417 -27.721 1.00 26.21 ? 17  TYR A CE2 1 
ATOM   84   C  CZ  . TYR A 1 11  ? 20.256  -16.615 -26.385 1.00 32.27 ? 17  TYR A CZ  1 
ATOM   85   O  OH  . TYR A 1 11  ? 19.982  -17.879 -25.927 1.00 31.42 ? 17  TYR A OH  1 
ATOM   86   N  N   . ASP A 1 12  ? 23.689  -13.510 -25.745 1.00 28.68 ? 18  ASP A N   1 
ATOM   87   C  CA  . ASP A 1 12  ? 24.798  -14.440 -25.559 1.00 30.46 ? 18  ASP A CA  1 
ATOM   88   C  C   . ASP A 1 12  ? 24.224  -15.801 -25.185 1.00 34.64 ? 18  ASP A C   1 
ATOM   89   O  O   . ASP A 1 12  ? 23.950  -16.052 -24.002 1.00 32.68 ? 18  ASP A O   1 
ATOM   90   C  CB  . ASP A 1 12  ? 25.758  -13.944 -24.461 1.00 29.89 ? 18  ASP A CB  1 
ATOM   91   C  CG  . ASP A 1 12  ? 27.075  -14.766 -24.363 1.00 31.54 ? 18  ASP A CG  1 
ATOM   92   O  OD1 . ASP A 1 12  ? 27.119  -15.969 -24.698 1.00 31.15 ? 18  ASP A OD1 1 
ATOM   93   O  OD2 . ASP A 1 12  ? 28.077  -14.192 -23.907 1.00 27.80 ? 18  ASP A OD2 1 
ATOM   94   N  N   . GLU A 1 13  ? 24.102  -16.679 -26.180 1.00 34.03 ? 19  GLU A N   1 
ATOM   95   C  CA  . GLU A 1 13  ? 23.455  -17.988 -26.044 1.00 35.56 ? 19  GLU A CA  1 
ATOM   96   C  C   . GLU A 1 13  ? 23.953  -18.784 -24.832 1.00 35.76 ? 19  GLU A C   1 
ATOM   97   O  O   . GLU A 1 13  ? 23.247  -19.641 -24.301 1.00 36.87 ? 19  GLU A O   1 
ATOM   98   C  CB  . GLU A 1 13  ? 23.665  -18.791 -27.349 1.00 42.02 ? 19  GLU A CB  1 
ATOM   99   C  CG  . GLU A 1 13  ? 23.662  -20.328 -27.219 1.00 47.69 ? 19  GLU A CG  1 
ATOM   100  C  CD  . GLU A 1 13  ? 25.051  -20.889 -26.963 1.00 61.85 ? 19  GLU A CD  1 
ATOM   101  O  OE1 . GLU A 1 13  ? 25.965  -20.573 -27.759 1.00 65.72 ? 19  GLU A OE1 1 
ATOM   102  O  OE2 . GLU A 1 13  ? 25.243  -21.609 -25.950 1.00 60.14 ? 19  GLU A OE2 1 
ATOM   103  N  N   . SER A 1 14  ? 25.154  -18.470 -24.374 1.00 32.56 ? 20  SER A N   1 
ATOM   104  C  CA  . SER A 1 14  ? 25.696  -19.119 -23.190 1.00 39.22 ? 20  SER A CA  1 
ATOM   105  C  C   . SER A 1 14  ? 25.231  -18.509 -21.859 1.00 33.41 ? 20  SER A C   1 
ATOM   106  O  O   . SER A 1 14  ? 25.620  -18.994 -20.806 1.00 33.21 ? 20  SER A O   1 
ATOM   107  C  CB  . SER A 1 14  ? 27.225  -19.098 -23.242 1.00 37.99 ? 20  SER A CB  1 
ATOM   108  O  OG  . SER A 1 14  ? 27.716  -17.779 -23.063 1.00 39.03 ? 20  SER A OG  1 
ATOM   109  N  N   . LYS A 1 15  ? 24.444  -17.435 -21.899 1.00 33.12 ? 21  LYS A N   1 
ATOM   110  C  CA  . LYS A 1 15  ? 23.951  -16.802 -20.661 1.00 32.79 ? 21  LYS A CA  1 
ATOM   111  C  C   . LYS A 1 15  ? 22.458  -17.021 -20.409 1.00 23.52 ? 21  LYS A C   1 
ATOM   112  O  O   . LYS A 1 15  ? 21.665  -17.101 -21.327 1.00 25.62 ? 21  LYS A O   1 
ATOM   113  C  CB  . LYS A 1 15  ? 24.241  -15.297 -20.670 1.00 31.04 ? 21  LYS A CB  1 
ATOM   114  C  CG  . LYS A 1 15  ? 25.616  -14.953 -20.159 1.00 28.17 ? 21  LYS A CG  1 
ATOM   115  C  CD  . LYS A 1 15  ? 26.122  -13.610 -20.668 1.00 30.13 ? 21  LYS A CD  1 
ATOM   116  C  CE  . LYS A 1 15  ? 27.598  -13.449 -20.269 1.00 31.36 ? 21  LYS A CE  1 
ATOM   117  N  NZ  . LYS A 1 15  ? 28.274  -12.356 -21.002 1.00 27.02 ? 21  LYS A NZ  1 
ATOM   118  N  N   . PHE A 1 16  ? 22.080  -17.109 -19.149 1.00 23.53 ? 22  PHE A N   1 
ATOM   119  C  CA  . PHE A 1 16  ? 20.694  -17.380 -18.815 1.00 23.96 ? 22  PHE A CA  1 
ATOM   120  C  C   . PHE A 1 16  ? 19.866  -16.097 -18.868 1.00 20.05 ? 22  PHE A C   1 
ATOM   121  O  O   . PHE A 1 16  ? 20.158  -15.132 -18.164 1.00 22.52 ? 22  PHE A O   1 
ATOM   122  C  CB  . PHE A 1 16  ? 20.580  -18.041 -17.433 1.00 17.95 ? 22  PHE A CB  1 
ATOM   123  C  CG  . PHE A 1 16  ? 19.172  -18.125 -16.938 1.00 23.86 ? 22  PHE A CG  1 
ATOM   124  C  CD1 . PHE A 1 16  ? 18.255  -18.959 -17.564 1.00 23.04 ? 22  PHE A CD1 1 
ATOM   125  C  CD2 . PHE A 1 16  ? 18.738  -17.327 -15.881 1.00 23.39 ? 22  PHE A CD2 1 
ATOM   126  C  CE1 . PHE A 1 16  ? 16.937  -19.025 -17.121 1.00 23.11 ? 22  PHE A CE1 1 
ATOM   127  C  CE2 . PHE A 1 16  ? 17.426  -17.384 -15.448 1.00 21.35 ? 22  PHE A CE2 1 
ATOM   128  C  CZ  . PHE A 1 16  ? 16.524  -18.235 -16.077 1.00 20.07 ? 22  PHE A CZ  1 
ATOM   129  N  N   . TYR A 1 17  ? 18.841  -16.098 -19.709 1.00 20.30 ? 23  TYR A N   1 
ATOM   130  C  CA  . TYR A 1 17  ? 17.944  -14.953 -19.874 1.00 21.97 ? 23  TYR A CA  1 
ATOM   131  C  C   . TYR A 1 17  ? 16.523  -15.262 -19.388 1.00 24.34 ? 23  TYR A C   1 
ATOM   132  O  O   . TYR A 1 17  ? 16.074  -16.403 -19.436 1.00 20.00 ? 23  TYR A O   1 
ATOM   133  C  CB  . TYR A 1 17  ? 17.883  -14.535 -21.334 1.00 21.25 ? 23  TYR A CB  1 
ATOM   134  C  CG  . TYR A 1 17  ? 19.126  -13.852 -21.858 1.00 24.32 ? 23  TYR A CG  1 
ATOM   135  C  CD1 . TYR A 1 17  ? 19.193  -12.470 -21.950 1.00 25.75 ? 23  TYR A CD1 1 
ATOM   136  C  CD2 . TYR A 1 17  ? 20.231  -14.586 -22.260 1.00 24.28 ? 23  TYR A CD2 1 
ATOM   137  C  CE1 . TYR A 1 17  ? 20.327  -11.836 -22.442 1.00 24.04 ? 23  TYR A CE1 1 
ATOM   138  C  CE2 . TYR A 1 17  ? 21.373  -13.960 -22.734 1.00 26.81 ? 23  TYR A CE2 1 
ATOM   139  C  CZ  . TYR A 1 17  ? 21.411  -12.586 -22.834 1.00 25.56 ? 23  TYR A CZ  1 
ATOM   140  O  OH  . TYR A 1 17  ? 22.539  -11.972 -23.330 1.00 28.32 ? 23  TYR A OH  1 
ATOM   141  N  N   . ILE A 1 18  ? 15.821  -14.225 -18.938 1.00 22.64 ? 24  ILE A N   1 
ATOM   142  C  CA  . ILE A 1 18  ? 14.429  -14.322 -18.532 1.00 20.87 ? 24  ILE A CA  1 
ATOM   143  C  C   . ILE A 1 18  ? 13.671  -13.121 -19.106 1.00 22.18 ? 24  ILE A C   1 
ATOM   144  O  O   . ILE A 1 18  ? 14.203  -12.006 -19.111 1.00 19.52 ? 24  ILE A O   1 
ATOM   145  C  CB  . ILE A 1 18  ? 14.286  -14.394 -16.992 1.00 18.46 ? 24  ILE A CB  1 
ATOM   146  C  CG1 . ILE A 1 18  ? 12.814  -14.617 -16.603 1.00 17.40 ? 24  ILE A CG1 1 
ATOM   147  C  CG2 . ILE A 1 18  ? 14.820  -13.136 -16.336 1.00 19.55 ? 24  ILE A CG2 1 
ATOM   148  C  CD1 . ILE A 1 18  ? 12.615  -15.103 -15.187 1.00 15.52 ? 24  ILE A CD1 1 
ATOM   149  N  N   . GLY A 1 19  ? 12.449  -13.356 -19.606 1.00 20.94 ? 25  GLY A N   1 
ATOM   150  C  CA  . GLY A 1 19  ? 11.636  -12.312 -20.226 1.00 17.10 ? 25  GLY A CA  1 
ATOM   151  C  C   . GLY A 1 19  ? 10.595  -11.666 -19.333 1.00 19.09 ? 25  GLY A C   1 
ATOM   152  O  O   . GLY A 1 19  ? 9.796   -12.354 -18.697 1.00 22.26 ? 25  GLY A O   1 
ATOM   153  N  N   . CYS A 1 20  ? 10.603  -10.338 -19.274 1.00 19.59 ? 26  CYS A N   1 
ATOM   154  C  CA  . CYS A 1 20  ? 9.638   -9.616  -18.468 1.00 18.61 ? 26  CYS A CA  1 
ATOM   155  C  C   . CYS A 1 20  ? 8.337   -9.595  -19.204 1.00 20.70 ? 26  CYS A C   1 
ATOM   156  O  O   . CYS A 1 20  ? 8.312   -9.200  -20.357 1.00 22.47 ? 26  CYS A O   1 
ATOM   157  C  CB  . CYS A 1 20  ? 10.083  -8.186  -18.190 1.00 17.60 ? 26  CYS A CB  1 
ATOM   158  S  SG  . CYS A 1 20  ? 8.854   -7.238  -17.246 1.00 16.79 ? 26  CYS A SG  1 
ATOM   159  N  N   . ASP A 1 21  ? 7.255   -10.004 -18.543 1.00 23.16 ? 27  ASP A N   1 
ATOM   160  C  CA  . ASP A 1 21  ? 5.933   -10.092 -19.199 1.00 24.27 ? 27  ASP A CA  1 
ATOM   161  C  C   . ASP A 1 21  ? 5.222   -8.756  -19.321 1.00 24.92 ? 27  ASP A C   1 
ATOM   162  O  O   . ASP A 1 21  ? 4.286   -8.634  -20.103 1.00 28.54 ? 27  ASP A O   1 
ATOM   163  C  CB  . ASP A 1 21  ? 5.034   -11.084 -18.464 1.00 20.18 ? 27  ASP A CB  1 
ATOM   164  C  CG  . ASP A 1 21  ? 5.442   -12.502 -18.720 1.00 21.05 ? 27  ASP A CG  1 
ATOM   165  O  OD1 . ASP A 1 21  ? 5.690   -12.807 -19.897 1.00 22.86 ? 27  ASP A OD1 1 
ATOM   166  O  OD2 . ASP A 1 21  ? 5.571   -13.293 -17.765 1.00 25.04 ? 27  ASP A OD2 1 
ATOM   167  N  N   . ARG A 1 22  ? 5.678   -7.759  -18.564 1.00 20.75 ? 28  ARG A N   1 
ATOM   168  C  CA  . ARG A 1 22  ? 5.123   -6.417  -18.661 1.00 19.32 ? 28  ARG A CA  1 
ATOM   169  C  C   . ARG A 1 22  ? 5.756   -5.649  -19.841 1.00 20.05 ? 28  ARG A C   1 
ATOM   170  O  O   . ARG A 1 22  ? 5.028   -5.193  -20.741 1.00 15.11 ? 28  ARG A O   1 
ATOM   171  C  CB  . ARG A 1 22  ? 5.311   -5.660  -17.334 1.00 18.60 ? 28  ARG A CB  1 
ATOM   172  C  CG  . ARG A 1 22  ? 4.703   -6.369  -16.115 1.00 17.42 ? 28  ARG A CG  1 
ATOM   173  C  CD  . ARG A 1 22  ? 3.188   -6.540  -16.253 1.00 23.38 ? 28  ARG A CD  1 
ATOM   174  N  NE  . ARG A 1 22  ? 2.623   -7.328  -15.156 1.00 25.22 ? 28  ARG A NE  1 
ATOM   175  C  CZ  . ARG A 1 22  ? 2.227   -8.602  -15.245 1.00 24.86 ? 28  ARG A CZ  1 
ATOM   176  N  NH1 . ARG A 1 22  ? 2.294   -9.279  -16.394 1.00 23.51 ? 28  ARG A NH1 1 
ATOM   177  N  NH2 . ARG A 1 22  ? 1.749   -9.204  -14.166 1.00 31.62 ? 28  ARG A NH2 1 
ATOM   178  N  N   . CYS A 1 23  ? 7.094   -5.540  -19.853 1.00 17.54 ? 29  CYS A N   1 
ATOM   179  C  CA  . CYS A 1 23  ? 7.793   -4.728  -20.867 1.00 21.22 ? 29  CYS A CA  1 
ATOM   180  C  C   . CYS A 1 23  ? 8.307   -5.501  -22.112 1.00 19.02 ? 29  CYS A C   1 
ATOM   181  O  O   . CYS A 1 23  ? 8.715   -4.893  -23.107 1.00 16.09 ? 29  CYS A O   1 
ATOM   182  C  CB  . CYS A 1 23  ? 8.968   -3.972  -20.217 1.00 17.97 ? 29  CYS A CB  1 
ATOM   183  S  SG  . CYS A 1 23  ? 10.330  -4.975  -19.587 1.00 18.22 ? 29  CYS A SG  1 
ATOM   184  N  N   . GLN A 1 24  ? 8.267   -6.826  -22.037 1.00 19.21 ? 30  GLN A N   1 
ATOM   185  C  CA  . GLN A 1 24  ? 8.687   -7.722  -23.116 1.00 19.21 ? 30  GLN A CA  1 
ATOM   186  C  C   . GLN A 1 24  ? 10.154  -7.579  -23.468 1.00 20.39 ? 30  GLN A C   1 
ATOM   187  O  O   . GLN A 1 24  ? 10.562  -8.013  -24.532 1.00 27.09 ? 30  GLN A O   1 
ATOM   188  C  CB  . GLN A 1 24  ? 7.859   -7.488  -24.376 1.00 19.96 ? 30  GLN A CB  1 
ATOM   189  C  CG  . GLN A 1 24  ? 6.383   -7.647  -24.169 1.00 23.79 ? 30  GLN A CG  1 
ATOM   190  C  CD  . GLN A 1 24  ? 5.996   -9.058  -23.784 1.00 24.53 ? 30  GLN A CD  1 
ATOM   191  O  OE1 . GLN A 1 24  ? 6.627   -10.023 -24.201 1.00 24.38 ? 30  GLN A OE1 1 
ATOM   192  N  NE2 . GLN A 1 24  ? 4.957   -9.181  -22.973 1.00 28.55 ? 30  GLN A NE2 1 
ATOM   193  N  N   . ASN A 1 25  ? 10.947  -6.953  -22.611 1.00 16.94 ? 31  ASN A N   1 
ATOM   194  C  CA  . ASN A 1 25  ? 12.388  -6.970  -22.808 1.00 18.67 ? 31  ASN A CA  1 
ATOM   195  C  C   . ASN A 1 25  ? 12.937  -8.254  -22.191 1.00 20.63 ? 31  ASN A C   1 
ATOM   196  O  O   . ASN A 1 25  ? 12.252  -8.955  -21.434 1.00 18.73 ? 31  ASN A O   1 
ATOM   197  C  CB  . ASN A 1 25  ? 13.066  -5.728  -22.186 1.00 21.26 ? 31  ASN A CB  1 
ATOM   198  C  CG  . ASN A 1 25  ? 14.570  -5.608  -22.545 1.00 23.00 ? 31  ASN A CG  1 
ATOM   199  O  OD1 . ASN A 1 25  ? 15.164  -6.508  -23.152 1.00 20.87 ? 31  ASN A OD1 1 
ATOM   200  N  ND2 . ASN A 1 25  ? 15.184  -4.501  -22.140 1.00 24.41 ? 31  ASN A ND2 1 
ATOM   201  N  N   . TRP A 1 26  ? 14.179  -8.561  -22.528 1.00 17.54 ? 32  TRP A N   1 
ATOM   202  C  CA  . TRP A 1 26  ? 14.842  -9.731  -21.998 1.00 19.32 ? 32  TRP A CA  1 
ATOM   203  C  C   . TRP A 1 26  ? 15.951  -9.301  -21.029 1.00 20.60 ? 32  TRP A C   1 
ATOM   204  O  O   . TRP A 1 26  ? 16.555  -8.246  -21.225 1.00 20.76 ? 32  TRP A O   1 
ATOM   205  C  CB  . TRP A 1 26  ? 15.381  -10.577 -23.164 1.00 22.92 ? 32  TRP A CB  1 
ATOM   206  C  CG  . TRP A 1 26  ? 14.264  -11.267 -23.943 1.00 24.17 ? 32  TRP A CG  1 
ATOM   207  C  CD1 . TRP A 1 26  ? 13.550  -10.761 -24.998 1.00 22.04 ? 32  TRP A CD1 1 
ATOM   208  C  CD2 . TRP A 1 26  ? 13.725  -12.570 -23.687 1.00 20.79 ? 32  TRP A CD2 1 
ATOM   209  N  NE1 . TRP A 1 26  ? 12.605  -11.670 -25.414 1.00 21.75 ? 32  TRP A NE1 1 
ATOM   210  C  CE2 . TRP A 1 26  ? 12.700  -12.793 -24.632 1.00 25.78 ? 32  TRP A CE2 1 
ATOM   211  C  CE3 . TRP A 1 26  ? 14.011  -13.569 -22.750 1.00 19.94 ? 32  TRP A CE3 1 
ATOM   212  C  CZ2 . TRP A 1 26  ? 11.964  -13.979 -24.666 1.00 26.41 ? 32  TRP A CZ2 1 
ATOM   213  C  CZ3 . TRP A 1 26  ? 13.290  -14.751 -22.792 1.00 21.13 ? 32  TRP A CZ3 1 
ATOM   214  C  CH2 . TRP A 1 26  ? 12.275  -14.945 -23.736 1.00 21.87 ? 32  TRP A CH2 1 
ATOM   215  N  N   . TYR A 1 27  ? 16.189  -10.071 -19.965 1.00 18.24 ? 33  TYR A N   1 
ATOM   216  C  CA  . TYR A 1 27  ? 17.197  -9.701  -18.967 1.00 18.47 ? 33  TYR A CA  1 
ATOM   217  C  C   . TYR A 1 27  ? 18.097  -10.896 -18.635 1.00 21.30 ? 33  TYR A C   1 
ATOM   218  O  O   . TYR A 1 27  ? 17.615  -12.029 -18.577 1.00 19.15 ? 33  TYR A O   1 
ATOM   219  C  CB  . TYR A 1 27  ? 16.535  -9.169  -17.678 1.00 20.45 ? 33  TYR A CB  1 
ATOM   220  C  CG  . TYR A 1 27  ? 15.716  -7.932  -17.928 1.00 18.14 ? 33  TYR A CG  1 
ATOM   221  C  CD1 . TYR A 1 27  ? 16.282  -6.667  -17.860 1.00 19.62 ? 33  TYR A CD1 1 
ATOM   222  C  CD2 . TYR A 1 27  ? 14.388  -8.035  -18.283 1.00 17.94 ? 33  TYR A CD2 1 
ATOM   223  C  CE1 . TYR A 1 27  ? 15.530  -5.540  -18.130 1.00 20.51 ? 33  TYR A CE1 1 
ATOM   224  C  CE2 . TYR A 1 27  ? 13.628  -6.923  -18.551 1.00 20.14 ? 33  TYR A CE2 1 
ATOM   225  C  CZ  . TYR A 1 27  ? 14.198  -5.682  -18.476 1.00 19.74 ? 33  TYR A CZ  1 
ATOM   226  O  OH  . TYR A 1 27  ? 13.423  -4.590  -18.765 1.00 23.72 ? 33  TYR A OH  1 
ATOM   227  N  N   . HIS A 1 28  ? 19.390  -10.632 -18.402 1.00 18.83 ? 34  HIS A N   1 
ATOM   228  C  CA  . HIS A 1 28  ? 20.316  -11.657 -17.928 1.00 20.14 ? 34  HIS A CA  1 
ATOM   229  C  C   . HIS A 1 28  ? 19.799  -11.985 -16.540 1.00 19.85 ? 34  HIS A C   1 
ATOM   230  O  O   . HIS A 1 28  ? 19.508  -11.061 -15.780 1.00 18.42 ? 34  HIS A O   1 
ATOM   231  C  CB  . HIS A 1 28  ? 21.763  -11.141 -17.777 1.00 17.51 ? 34  HIS A CB  1 
ATOM   232  C  CG  . HIS A 1 28  ? 22.475  -10.838 -19.055 1.00 20.99 ? 34  HIS A CG  1 
ATOM   233  N  ND1 . HIS A 1 28  ? 22.908  -9.565  -19.368 1.00 23.05 ? 34  HIS A ND1 1 
ATOM   234  C  CD2 . HIS A 1 28  ? 22.896  -11.636 -20.064 1.00 22.63 ? 34  HIS A CD2 1 
ATOM   235  C  CE1 . HIS A 1 28  ? 23.535  -9.588  -20.531 1.00 19.22 ? 34  HIS A CE1 1 
ATOM   236  N  NE2 . HIS A 1 28  ? 23.544  -10.833 -20.971 1.00 23.93 ? 34  HIS A NE2 1 
ATOM   237  N  N   . GLY A 1 29  ? 19.674  -13.261 -16.194 1.00 17.86 ? 35  GLY A N   1 
ATOM   238  C  CA  . GLY A 1 29  ? 19.281  -13.614 -14.839 1.00 18.58 ? 35  GLY A CA  1 
ATOM   239  C  C   . GLY A 1 29  ? 20.244  -13.052 -13.785 1.00 18.52 ? 35  GLY A C   1 
ATOM   240  O  O   . GLY A 1 29  ? 19.827  -12.584 -12.721 1.00 17.68 ? 35  GLY A O   1 
ATOM   241  N  N   . ARG A 1 30  ? 21.537  -13.074 -14.106 1.00 16.97 ? 36  ARG A N   1 
ATOM   242  C  CA  . ARG A 1 30  ? 22.581  -12.569 -13.223 1.00 19.09 ? 36  ARG A CA  1 
ATOM   243  C  C   . ARG A 1 30  ? 22.444  -11.065 -12.972 1.00 17.88 ? 36  ARG A C   1 
ATOM   244  O  O   . ARG A 1 30  ? 22.779  -10.593 -11.914 1.00 20.10 ? 36  ARG A O   1 
ATOM   245  C  CB  . ARG A 1 30  ? 23.984  -12.894 -13.801 1.00 16.62 ? 36  ARG A CB  1 
ATOM   246  N  N   . CYS A 1 31  ? 21.904  -10.318 -13.921 1.00 18.89 ? 37  CYS A N   1 
ATOM   247  C  CA  . CYS A 1 31  ? 21.753  -8.875  -13.741 1.00 17.41 ? 37  CYS A CA  1 
ATOM   248  C  C   . CYS A 1 31  ? 20.529  -8.445  -12.914 1.00 17.81 ? 37  CYS A C   1 
ATOM   249  O  O   . CYS A 1 31  ? 20.510  -7.330  -12.382 1.00 13.96 ? 37  CYS A O   1 
ATOM   250  C  CB  . CYS A 1 31  ? 21.674  -8.184  -15.102 1.00 18.60 ? 37  CYS A CB  1 
ATOM   251  S  SG  . CYS A 1 31  ? 23.201  -8.170  -16.012 1.00 20.13 ? 37  CYS A SG  1 
ATOM   252  N  N   . VAL A 1 32  ? 19.506  -9.298  -12.830 1.00 17.15 ? 38  VAL A N   1 
ATOM   253  C  CA  . VAL A 1 32  ? 18.289  -8.961  -12.083 1.00 18.55 ? 38  VAL A CA  1 
ATOM   254  C  C   . VAL A 1 32  ? 18.092  -9.837  -10.874 1.00 20.15 ? 38  VAL A C   1 
ATOM   255  O  O   . VAL A 1 32  ? 17.026  -9.832  -10.269 1.00 27.68 ? 38  VAL A O   1 
ATOM   256  C  CB  . VAL A 1 32  ? 17.008  -9.068  -12.954 1.00 18.71 ? 38  VAL A CB  1 
ATOM   257  C  CG1 . VAL A 1 32  ? 16.987  -8.003  -14.029 1.00 17.54 ? 38  VAL A CG1 1 
ATOM   258  C  CG2 . VAL A 1 32  ? 16.877  -10.462 -13.543 1.00 15.82 ? 38  VAL A CG2 1 
ATOM   259  N  N   . GLY A 1 33  ? 19.105  -10.618 -10.535 1.00 24.07 ? 39  GLY A N   1 
ATOM   260  C  CA  . GLY A 1 33  ? 19.056  -11.406 -9.317  1.00 22.38 ? 39  GLY A CA  1 
ATOM   261  C  C   . GLY A 1 33  ? 18.088  -12.577 -9.300  1.00 24.11 ? 39  GLY A C   1 
ATOM   262  O  O   . GLY A 1 33  ? 17.455  -12.851 -8.287  1.00 23.12 ? 39  GLY A O   1 
ATOM   263  N  N   . ILE A 1 34  ? 17.964  -13.274 -10.418 1.00 23.90 ? 40  ILE A N   1 
ATOM   264  C  CA  . ILE A 1 34  ? 17.255  -14.539 -10.396 1.00 21.30 ? 40  ILE A CA  1 
ATOM   265  C  C   . ILE A 1 34  ? 18.034  -15.602 -11.179 1.00 20.78 ? 40  ILE A C   1 
ATOM   266  O  O   . ILE A 1 34  ? 18.522  -15.362 -12.280 1.00 18.17 ? 40  ILE A O   1 
ATOM   267  C  CB  . ILE A 1 34  ? 15.794  -14.389 -10.937 1.00 23.37 ? 40  ILE A CB  1 
ATOM   268  C  CG1 . ILE A 1 34  ? 14.998  -15.674 -10.650 1.00 27.12 ? 40  ILE A CG1 1 
ATOM   269  C  CG2 . ILE A 1 34  ? 15.778  -14.029 -12.419 1.00 20.88 ? 40  ILE A CG2 1 
ATOM   270  C  CD1 . ILE A 1 34  ? 13.502  -15.545 -10.773 1.00 27.26 ? 40  ILE A CD1 1 
ATOM   271  N  N   . LEU A 1 35  ? 18.178  -16.773 -10.573 1.00 23.58 ? 41  LEU A N   1 
ATOM   272  C  CA  . LEU A 1 35  ? 18.802  -17.913 -11.232 1.00 24.06 ? 41  LEU A CA  1 
ATOM   273  C  C   . LEU A 1 35  ? 17.719  -18.751 -11.905 1.00 25.15 ? 41  LEU A C   1 
ATOM   274  O  O   . LEU A 1 35  ? 16.530  -18.555 -11.653 1.00 24.96 ? 41  LEU A O   1 
ATOM   275  C  CB  . LEU A 1 35  ? 19.572  -18.783 -10.235 1.00 24.14 ? 41  LEU A CB  1 
ATOM   276  C  CG  . LEU A 1 35  ? 20.877  -18.316 -9.589  1.00 31.22 ? 41  LEU A CG  1 
ATOM   277  C  CD1 . LEU A 1 35  ? 20.634  -17.257 -8.519  1.00 31.17 ? 41  LEU A CD1 1 
ATOM   278  C  CD2 . LEU A 1 35  ? 21.635  -19.511 -9.002  1.00 29.84 ? 41  LEU A CD2 1 
ATOM   279  N  N   . GLN A 1 36  ? 18.146  -19.705 -12.724 1.00 22.60 ? 42  GLN A N   1 
ATOM   280  C  CA  . GLN A 1 36  ? 17.268  -20.636 -13.426 1.00 22.51 ? 42  GLN A CA  1 
ATOM   281  C  C   . GLN A 1 36  ? 16.315  -21.461 -12.510 1.00 26.85 ? 42  GLN A C   1 
ATOM   282  O  O   . GLN A 1 36  ? 15.118  -21.606 -12.792 1.00 23.70 ? 42  GLN A O   1 
ATOM   283  C  CB  . GLN A 1 36  ? 18.127  -21.592 -14.248 1.00 25.55 ? 42  GLN A CB  1 
ATOM   284  C  CG  . GLN A 1 36  ? 17.351  -22.652 -14.998 1.00 27.67 ? 42  GLN A CG  1 
ATOM   285  C  CD  . GLN A 1 36  ? 18.222  -23.372 -15.991 1.00 36.61 ? 42  GLN A CD  1 
ATOM   286  O  OE1 . GLN A 1 36  ? 19.371  -22.985 -16.220 1.00 41.59 ? 42  GLN A OE1 1 
ATOM   287  N  NE2 . GLN A 1 36  ? 17.678  -24.412 -16.609 1.00 49.57 ? 42  GLN A NE2 1 
ATOM   288  N  N   . SER A 1 37  ? 16.835  -22.027 -11.427 1.00 26.95 ? 43  SER A N   1 
ATOM   289  C  CA  . SER A 1 37  ? 15.978  -22.826 -10.548 1.00 30.41 ? 43  SER A CA  1 
ATOM   290  C  C   . SER A 1 37  ? 14.845  -21.978 -9.887  1.00 30.48 ? 43  SER A C   1 
ATOM   291  O  O   . SER A 1 37  ? 13.631  -22.388 -9.811  1.00 39.10 ? 43  SER A O   1 
ATOM   292  C  CB  . SER A 1 37  ? 16.878  -23.539 -9.527  1.00 26.95 ? 43  SER A CB  1 
ATOM   293  O  OG  . SER A 1 37  ? 17.631  -22.634 -8.730  1.00 27.45 ? 43  SER A OG  1 
ATOM   294  N  N   . GLU A 1 38  ? 15.177  -20.717 -9.619  1.00 29.64 ? 44  GLU A N   1 
ATOM   295  C  CA  . GLU A 1 38  ? 14.207  -19.838 -8.989  1.00 28.44 ? 44  GLU A CA  1 
ATOM   296  C  C   . GLU A 1 38  ? 13.189  -19.463 -10.054 1.00 24.48 ? 44  GLU A C   1 
ATOM   297  O  O   . GLU A 1 38  ? 11.984  -19.429 -9.782  1.00 25.32 ? 44  GLU A O   1 
ATOM   298  C  CB  . GLU A 1 38  ? 14.882  -18.578 -8.421  1.00 24.62 ? 44  GLU A CB  1 
ATOM   299  C  CG  . GLU A 1 38  ? 15.931  -18.874 -7.385  1.00 28.38 ? 44  GLU A CG  1 
ATOM   300  C  CD  . GLU A 1 38  ? 16.837  -17.683 -7.048  1.00 31.55 ? 44  GLU A CD  1 
ATOM   301  O  OE1 . GLU A 1 38  ? 17.575  -17.200 -7.931  1.00 25.90 ? 44  GLU A OE1 1 
ATOM   302  O  OE2 . GLU A 1 38  ? 16.807  -17.226 -5.888  1.00 34.20 ? 44  GLU A OE2 1 
ATOM   303  N  N   . ALA A 1 39  ? 13.671  -19.266 -11.281 1.00 22.64 ? 45  ALA A N   1 
ATOM   304  C  CA  . ALA A 1 39  ? 12.801  -18.911 -12.394 1.00 24.79 ? 45  ALA A CA  1 
ATOM   305  C  C   . ALA A 1 39  ? 11.836  -20.030 -12.709 1.00 28.15 ? 45  ALA A C   1 
ATOM   306  O  O   . ALA A 1 39  ? 10.720  -19.771 -13.180 1.00 28.67 ? 45  ALA A O   1 
ATOM   307  C  CB  . ALA A 1 39  ? 13.610  -18.566 -13.617 1.00 24.09 ? 45  ALA A CB  1 
ATOM   308  N  N   . GLU A 1 40  ? 12.269  -21.268 -12.451 1.00 28.76 ? 46  GLU A N   1 
ATOM   309  C  CA  . GLU A 1 40  ? 11.416  -22.432 -12.676 1.00 27.72 ? 46  GLU A CA  1 
ATOM   310  C  C   . GLU A 1 40  ? 10.250  -22.371 -11.759 1.00 26.91 ? 46  GLU A C   1 
ATOM   311  O  O   . GLU A 1 40  ? 9.214   -22.917 -12.078 1.00 21.39 ? 46  GLU A O   1 
ATOM   312  C  CB  . GLU A 1 40  ? 12.107  -23.765 -12.424 1.00 29.31 ? 46  GLU A CB  1 
ATOM   313  C  CG  . GLU A 1 40  ? 13.049  -24.217 -13.513 1.00 38.57 ? 46  GLU A CG  1 
ATOM   314  C  CD  . GLU A 1 40  ? 13.771  -25.491 -13.142 1.00 39.52 ? 46  GLU A CD  1 
ATOM   315  O  OE1 . GLU A 1 40  ? 13.290  -26.184 -12.204 1.00 38.17 ? 46  GLU A OE1 1 
ATOM   316  O  OE2 . GLU A 1 40  ? 14.789  -25.806 -13.805 1.00 41.52 ? 46  GLU A OE2 1 
ATOM   317  N  N   . LEU A 1 41  ? 10.408  -21.738 -10.599 1.00 25.95 ? 47  LEU A N   1 
ATOM   318  C  CA  . LEU A 1 41  ? 9.223   -21.749 -9.728  1.00 26.24 ? 47  LEU A CA  1 
ATOM   319  C  C   . LEU A 1 41  ? 8.196   -20.621 -9.941  1.00 30.32 ? 47  LEU A C   1 
ATOM   320  O  O   . LEU A 1 41  ? 7.201   -20.531 -9.209  1.00 28.67 ? 47  LEU A O   1 
ATOM   321  C  CB  . LEU A 1 41  ? 9.638   -21.745 -8.263  1.00 30.82 ? 47  LEU A CB  1 
ATOM   322  C  CG  . LEU A 1 41  ? 10.433  -22.955 -7.786  1.00 30.06 ? 47  LEU A CG  1 
ATOM   323  C  CD1 . LEU A 1 41  ? 10.839  -22.678 -6.359  1.00 28.07 ? 47  LEU A CD1 1 
ATOM   324  C  CD2 . LEU A 1 41  ? 9.586   -24.226 -7.897  1.00 31.81 ? 47  LEU A CD2 1 
ATOM   325  N  N   . ILE A 1 42  ? 8.390   -19.774 -10.937 1.00 28.59 ? 48  ILE A N   1 
ATOM   326  C  CA  . ILE A 1 42  ? 7.416   -18.702 -11.133 1.00 29.50 ? 48  ILE A CA  1 
ATOM   327  C  C   . ILE A 1 42  ? 6.786   -18.702 -12.532 1.00 29.07 ? 48  ILE A C   1 
ATOM   328  O  O   . ILE A 1 42  ? 7.443   -19.008 -13.532 1.00 29.47 ? 48  ILE A O   1 
ATOM   329  C  CB  . ILE A 1 42  ? 8.056   -17.332 -10.873 1.00 32.74 ? 48  ILE A CB  1 
ATOM   330  C  CG1 . ILE A 1 42  ? 9.249   -17.136 -11.810 1.00 25.86 ? 48  ILE A CG1 1 
ATOM   331  C  CG2 . ILE A 1 42  ? 8.453   -17.216 -9.399  1.00 26.40 ? 48  ILE A CG2 1 
ATOM   332  C  CD1 . ILE A 1 42  ? 9.878   -15.797 -11.729 1.00 27.58 ? 48  ILE A CD1 1 
ATOM   333  N  N   . ASP A 1 43  ? 5.509   -18.335 -12.595 1.00 29.71 ? 49  ASP A N   1 
ATOM   334  C  CA  . ASP A 1 43  ? 4.771   -18.372 -13.858 1.00 32.90 ? 49  ASP A CA  1 
ATOM   335  C  C   . ASP A 1 43  ? 5.051   -17.120 -14.690 1.00 28.88 ? 49  ASP A C   1 
ATOM   336  O  O   . ASP A 1 43  ? 5.645   -17.187 -15.757 1.00 32.01 ? 49  ASP A O   1 
ATOM   337  C  CB  . ASP A 1 43  ? 3.260   -18.529 -13.598 1.00 31.16 ? 49  ASP A CB  1 
ATOM   338  C  CG  . ASP A 1 43  ? 2.444   -18.689 -14.889 1.00 35.04 ? 49  ASP A CG  1 
ATOM   339  O  OD1 . ASP A 1 43  ? 2.936   -19.336 -15.838 1.00 37.96 ? 49  ASP A OD1 1 
ATOM   340  O  OD2 . ASP A 1 43  ? 1.302   -18.175 -14.958 1.00 38.86 ? 49  ASP A OD2 1 
ATOM   341  N  N   . GLU A 1 44  ? 4.609   -15.973 -14.207 1.00 27.74 ? 50  GLU A N   1 
ATOM   342  C  CA  . GLU A 1 44  ? 4.977   -14.729 -14.850 1.00 29.90 ? 50  GLU A CA  1 
ATOM   343  C  C   . GLU A 1 44  ? 6.273   -14.213 -14.257 1.00 27.17 ? 50  GLU A C   1 
ATOM   344  O  O   . GLU A 1 44  ? 6.542   -14.426 -13.068 1.00 25.96 ? 50  GLU A O   1 
ATOM   345  C  CB  . GLU A 1 44  ? 3.878   -13.691 -14.688 1.00 25.10 ? 50  GLU A CB  1 
ATOM   346  C  CG  . GLU A 1 44  ? 2.658   -13.990 -15.505 1.00 29.96 ? 50  GLU A CG  1 
ATOM   347  C  CD  . GLU A 1 44  ? 1.731   -12.796 -15.588 1.00 36.77 ? 50  GLU A CD  1 
ATOM   348  O  OE1 . GLU A 1 44  ? 1.417   -12.359 -16.723 1.00 39.05 ? 50  GLU A OE1 1 
ATOM   349  O  OE2 . GLU A 1 44  ? 1.326   -12.295 -14.516 1.00 34.35 ? 50  GLU A OE2 1 
ATOM   350  N  N   . TYR A 1 45  ? 7.087   -13.561 -15.083 1.00 21.29 ? 51  TYR A N   1 
ATOM   351  C  CA  . TYR A 1 45  ? 8.205   -12.794 -14.540 1.00 24.49 ? 51  TYR A CA  1 
ATOM   352  C  C   . TYR A 1 45  ? 7.965   -11.293 -14.711 1.00 19.10 ? 51  TYR A C   1 
ATOM   353  O  O   . TYR A 1 45  ? 7.420   -10.850 -15.719 1.00 24.75 ? 51  TYR A O   1 
ATOM   354  C  CB  . TYR A 1 45  ? 9.554   -13.175 -15.184 1.00 15.92 ? 51  TYR A CB  1 
ATOM   355  C  CG  . TYR A 1 45  ? 10.656  -12.312 -14.620 1.00 15.40 ? 51  TYR A CG  1 
ATOM   356  C  CD1 . TYR A 1 45  ? 11.066  -12.481 -13.312 1.00 18.85 ? 51  TYR A CD1 1 
ATOM   357  C  CD2 . TYR A 1 45  ? 11.255  -11.309 -15.368 1.00 17.15 ? 51  TYR A CD2 1 
ATOM   358  C  CE1 . TYR A 1 45  ? 12.049  -11.701 -12.767 1.00 18.20 ? 51  TYR A CE1 1 
ATOM   359  C  CE2 . TYR A 1 45  ? 12.247  -10.512 -14.832 1.00 15.00 ? 51  TYR A CE2 1 
ATOM   360  C  CZ  . TYR A 1 45  ? 12.643  -10.711 -13.519 1.00 18.88 ? 51  TYR A CZ  1 
ATOM   361  O  OH  . TYR A 1 45  ? 13.620  -9.938  -12.915 1.00 16.93 ? 51  TYR A OH  1 
ATOM   362  N  N   . VAL A 1 46  ? 8.368   -10.519 -13.721 1.00 16.28 ? 52  VAL A N   1 
ATOM   363  C  CA  . VAL A 1 46  ? 8.300   -9.070  -13.815 1.00 19.72 ? 52  VAL A CA  1 
ATOM   364  C  C   . VAL A 1 46  ? 9.656   -8.468  -13.399 1.00 18.17 ? 52  VAL A C   1 
ATOM   365  O  O   . VAL A 1 46  ? 10.109  -8.680  -12.286 1.00 17.05 ? 52  VAL A O   1 
ATOM   366  C  CB  . VAL A 1 46  ? 7.140   -8.503  -12.942 1.00 18.19 ? 52  VAL A CB  1 
ATOM   367  C  CG1 . VAL A 1 46  ? 7.188   -6.989  -12.891 1.00 19.93 ? 52  VAL A CG1 1 
ATOM   368  C  CG2 . VAL A 1 46  ? 5.792   -8.969  -13.486 1.00 17.24 ? 52  VAL A CG2 1 
ATOM   369  N  N   . CYS A 1 47  ? 10.297  -7.737  -14.308 1.00 15.50 ? 53  CYS A N   1 
ATOM   370  C  CA  . CYS A 1 47  ? 11.629  -7.181  -14.068 1.00 17.95 ? 53  CYS A CA  1 
ATOM   371  C  C   . CYS A 1 47  ? 11.600  -6.134  -12.936 1.00 18.15 ? 53  CYS A C   1 
ATOM   372  O  O   . CYS A 1 47  ? 10.531  -5.630  -12.591 1.00 19.61 ? 53  CYS A O   1 
ATOM   373  C  CB  . CYS A 1 47  ? 12.202  -6.584  -15.382 1.00 19.23 ? 53  CYS A CB  1 
ATOM   374  S  SG  . CYS A 1 47  ? 11.509  -5.011  -15.935 1.00 19.44 ? 53  CYS A SG  1 
ATOM   375  N  N   . PRO A 1 48  ? 12.764  -5.834  -12.330 1.00 18.75 ? 54  PRO A N   1 
ATOM   376  C  CA  . PRO A 1 48  ? 12.825  -4.918  -11.180 1.00 18.89 ? 54  PRO A CA  1 
ATOM   377  C  C   . PRO A 1 48  ? 12.215  -3.533  -11.449 1.00 22.23 ? 54  PRO A C   1 
ATOM   378  O  O   . PRO A 1 48  ? 11.498  -3.005  -10.590 1.00 25.79 ? 54  PRO A O   1 
ATOM   379  C  CB  . PRO A 1 48  ? 14.326  -4.826  -10.903 1.00 15.54 ? 54  PRO A CB  1 
ATOM   380  C  CG  . PRO A 1 48  ? 14.827  -6.145  -11.327 1.00 16.23 ? 54  PRO A CG  1 
ATOM   381  C  CD  . PRO A 1 48  ? 14.103  -6.374  -12.625 1.00 16.89 ? 54  PRO A CD  1 
ATOM   382  N  N   . GLN A 1 49  ? 12.498  -2.934  -12.599 1.00 21.05 ? 55  GLN A N   1 
ATOM   383  C  CA  . GLN A 1 49  ? 11.923  -1.623  -12.879 1.00 19.39 ? 55  GLN A CA  1 
ATOM   384  C  C   . GLN A 1 49  ? 10.412  -1.678  -13.021 1.00 19.48 ? 55  GLN A C   1 
ATOM   385  O  O   . GLN A 1 49  ? 9.680   -0.847  -12.449 1.00 23.81 ? 55  GLN A O   1 
ATOM   386  C  CB  . GLN A 1 49  ? 12.544  -1.034  -14.120 1.00 14.34 ? 55  GLN A CB  1 
ATOM   387  C  CG  . GLN A 1 49  ? 12.094  0.364   -14.448 1.00 20.66 ? 55  GLN A CG  1 
ATOM   388  C  CD  . GLN A 1 49  ? 12.089  1.328   -13.277 1.00 24.64 ? 55  GLN A CD  1 
ATOM   389  O  OE1 . GLN A 1 49  ? 12.959  1.287   -12.379 1.00 25.77 ? 55  GLN A OE1 1 
ATOM   390  N  NE2 . GLN A 1 49  ? 11.122  2.249   -13.303 1.00 25.52 ? 55  GLN A NE2 1 
ATOM   391  N  N   . CYS A 1 50  ? 9.943   -2.672  -13.761 1.00 18.97 ? 56  CYS A N   1 
ATOM   392  C  CA  . CYS A 1 50  ? 8.511   -2.846  -13.970 1.00 19.41 ? 56  CYS A CA  1 
ATOM   393  C  C   . CYS A 1 50  ? 7.861   -3.133  -12.628 1.00 17.46 ? 56  CYS A C   1 
ATOM   394  O  O   . CYS A 1 50  ? 6.780   -2.641  -12.342 1.00 15.64 ? 56  CYS A O   1 
ATOM   395  C  CB  . CYS A 1 50  ? 8.231   -3.982  -14.962 1.00 19.30 ? 56  CYS A CB  1 
ATOM   396  S  SG  . CYS A 1 50  ? 8.486   -3.548  -16.677 1.00 15.79 ? 56  CYS A SG  1 
ATOM   397  N  N   . GLN A 1 51  ? 8.554   -3.906  -11.791 1.00 19.00 ? 57  GLN A N   1 
ATOM   398  C  CA  . GLN A 1 51  ? 8.023   -4.249  -10.478 1.00 19.72 ? 57  GLN A CA  1 
ATOM   399  C  C   . GLN A 1 51  ? 7.928   -3.024  -9.585  1.00 19.28 ? 57  GLN A C   1 
ATOM   400  O  O   . GLN A 1 51  ? 6.996   -2.890  -8.787  1.00 18.58 ? 57  GLN A O   1 
ATOM   401  C  CB  . GLN A 1 51  ? 8.858   -5.331  -9.803  1.00 16.58 ? 57  GLN A CB  1 
ATOM   402  C  CG  . GLN A 1 51  ? 8.196   -5.853  -8.554  1.00 17.32 ? 57  GLN A CG  1 
ATOM   403  C  CD  . GLN A 1 51  ? 6.847   -6.504  -8.823  1.00 20.00 ? 57  GLN A CD  1 
ATOM   404  O  OE1 . GLN A 1 51  ? 6.756   -7.507  -9.539  1.00 17.89 ? 57  GLN A OE1 1 
ATOM   405  N  NE2 . GLN A 1 51  ? 5.779   -5.895  -8.294  1.00 16.66 ? 57  GLN A NE2 1 
ATOM   406  N  N   . SER A 1 52  ? 8.910   -2.144  -9.709  1.00 18.97 ? 58  SER A N   1 
ATOM   407  C  CA  . SER A 1 52  ? 8.895   -0.911  -8.952  1.00 22.02 ? 58  SER A CA  1 
ATOM   408  C  C   . SER A 1 52  ? 7.719   -0.083  -9.349  1.00 18.75 ? 58  SER A C   1 
ATOM   409  O  O   . SER A 1 52  ? 7.107   0.569   -8.514  1.00 19.75 ? 58  SER A O   1 
ATOM   410  C  CB  . SER A 1 52  ? 10.159  -0.101  -9.189  1.00 22.02 ? 58  SER A CB  1 
ATOM   411  O  OG  . SER A 1 52  ? 11.254  -0.842  -8.748  1.00 28.80 ? 58  SER A OG  1 
ATOM   412  N  N   . THR A 1 53  ? 7.456   -0.052  -10.651 1.00 17.64 ? 59  THR A N   1 
ATOM   413  C  CA  . THR A 1 53  ? 6.367   0.764   -11.178 1.00 16.45 ? 59  THR A CA  1 
ATOM   414  C  C   . THR A 1 53  ? 5.030   0.206   -10.685 1.00 17.06 ? 59  THR A C   1 
ATOM   415  O  O   . THR A 1 53  ? 4.146   0.965   -10.274 1.00 15.89 ? 59  THR A O   1 
ATOM   416  C  CB  . THR A 1 53  ? 6.464   0.868   -12.713 1.00 19.25 ? 59  THR A CB  1 
ATOM   417  O  OG1 . THR A 1 53  ? 7.700   1.512   -13.048 1.00 17.21 ? 59  THR A OG1 1 
ATOM   418  C  CG2 . THR A 1 53  ? 5.295   1.653   -13.297 1.00 17.19 ? 59  THR A CG2 1 
ATOM   419  N  N   . GLU A 1 54  ? 4.897   -1.121  -10.680 1.00 17.83 ? 60  GLU A N   1 
ATOM   420  C  CA  . GLU A 1 54  ? 3.666   -1.729  -10.162 1.00 19.93 ? 60  GLU A CA  1 
ATOM   421  C  C   . GLU A 1 54  ? 3.462   -1.401  -8.669  1.00 17.61 ? 60  GLU A C   1 
ATOM   422  O  O   . GLU A 1 54  ? 2.359   -1.003  -8.265  1.00 18.61 ? 60  GLU A O   1 
ATOM   423  C  CB  . GLU A 1 54  ? 3.675   -3.239  -10.369 1.00 18.21 ? 60  GLU A CB  1 
ATOM   424  C  CG  . GLU A 1 54  ? 3.358   -3.607  -11.784 1.00 25.69 ? 60  GLU A CG  1 
ATOM   425  C  CD  . GLU A 1 54  ? 3.023   -5.078  -11.992 1.00 29.88 ? 60  GLU A CD  1 
ATOM   426  O  OE1 . GLU A 1 54  ? 2.390   -5.689  -11.092 1.00 28.32 ? 60  GLU A OE1 1 
ATOM   427  O  OE2 . GLU A 1 54  ? 3.392   -5.606  -13.075 1.00 31.44 ? 60  GLU A OE2 1 
ATOM   428  N  N   . ASP A 1 55  ? 4.542   -1.474  -7.885  1.00 16.88 ? 61  ASP A N   1 
ATOM   429  C  CA  . ASP A 1 55  ? 4.462   -1.223  -6.441  1.00 15.40 ? 61  ASP A CA  1 
ATOM   430  C  C   . ASP A 1 55  ? 4.017   0.198   -6.226  1.00 18.92 ? 61  ASP A C   1 
ATOM   431  O  O   . ASP A 1 55  ? 3.173   0.464   -5.376  1.00 20.22 ? 61  ASP A O   1 
ATOM   432  C  CB  . ASP A 1 55  ? 5.803   -1.436  -5.733  1.00 16.34 ? 61  ASP A CB  1 
ATOM   433  C  CG  . ASP A 1 55  ? 6.300   -2.863  -5.809  1.00 21.29 ? 61  ASP A CG  1 
ATOM   434  O  OD1 . ASP A 1 55  ? 5.499   -3.756  -6.157  1.00 18.22 ? 61  ASP A OD1 1 
ATOM   435  O  OD2 . ASP A 1 55  ? 7.503   -3.090  -5.522  1.00 28.15 ? 61  ASP A OD2 1 
ATOM   436  N  N   . ALA A 1 56  ? 4.620   1.112   -6.987  1.00 18.64 ? 62  ALA A N   1 
ATOM   437  C  CA  . ALA A 1 56  ? 4.343   2.530   -6.849  1.00 13.62 ? 62  ALA A CA  1 
ATOM   438  C  C   . ALA A 1 56  ? 2.924   2.895   -7.273  1.00 15.02 ? 62  ALA A C   1 
ATOM   439  O  O   . ALA A 1 56  ? 2.295   3.721   -6.666  1.00 23.48 ? 62  ALA A O   1 
ATOM   440  C  CB  . ALA A 1 56  ? 5.336   3.327   -7.650  1.00 13.49 ? 62  ALA A CB  1 
ATOM   441  N  N   . MET A 1 57  ? 2.405   2.229   -8.291  1.00 16.34 ? 63  MET A N   1 
ATOM   442  C  CA  . MET A 1 57  ? 1.084   2.522   -8.816  1.00 15.53 ? 63  MET A CA  1 
ATOM   443  C  C   . MET A 1 57  ? -0.047  1.849   -8.082  1.00 16.20 ? 63  MET A C   1 
ATOM   444  O  O   . MET A 1 57  ? -1.196  2.169   -8.364  1.00 19.13 ? 63  MET A O   1 
ATOM   445  C  CB  . MET A 1 57  ? 1.005   2.174   -10.311 1.00 19.90 ? 63  MET A CB  1 
ATOM   446  C  CG  . MET A 1 57  ? 0.985   0.691   -10.602 1.00 18.68 ? 63  MET A CG  1 
ATOM   447  S  SD  . MET A 1 57  ? 1.277   0.378   -12.350 1.00 20.14 ? 63  MET A SD  1 
ATOM   448  C  CE  . MET A 1 57  ? 0.318   -1.140  -12.533 1.00 17.43 ? 63  MET A CE  1 
ATOM   449  N  N   . THR A 1 58  ? 0.244   0.903   -7.179  1.00 19.81 ? 64  THR A N   1 
ATOM   450  C  CA  . THR A 1 58  ? -0.848  0.273   -6.409  1.00 17.43 ? 64  THR A CA  1 
ATOM   451  C  C   . THR A 1 58  ? -1.720  1.314   -5.717  1.00 16.98 ? 64  THR A C   1 
ATOM   452  O  O   . THR A 1 58  ? -2.939  1.188   -5.730  1.00 20.28 ? 64  THR A O   1 
ATOM   453  C  CB  . THR A 1 58  ? -0.361  -0.652  -5.276  1.00 19.07 ? 64  THR A CB  1 
ATOM   454  O  OG1 . THR A 1 58  ? 0.566   0.058   -4.456  1.00 20.12 ? 64  THR A OG1 1 
ATOM   455  C  CG2 . THR A 1 58  ? 0.288   -1.914  -5.807  1.00 20.44 ? 64  THR A CG2 1 
ATOM   456  N  N   . VAL A 1 59  ? -1.113  2.358   -5.158  1.00 14.33 ? 65  VAL A N   1 
ATOM   457  C  CA  . VAL A 1 59  ? -1.880  3.390   -4.483  1.00 18.32 ? 65  VAL A CA  1 
ATOM   458  C  C   . VAL A 1 59  ? -2.625  4.324   -5.432  1.00 21.84 ? 65  VAL A C   1 
ATOM   459  O  O   . VAL A 1 59  ? -3.456  5.130   -4.967  1.00 21.31 ? 65  VAL A O   1 
ATOM   460  C  CB  . VAL A 1 59  ? -0.999  4.302   -3.571  1.00 20.46 ? 65  VAL A CB  1 
ATOM   461  C  CG1 . VAL A 1 59  ? -0.318  3.492   -2.481  1.00 14.28 ? 65  VAL A CG1 1 
ATOM   462  C  CG2 . VAL A 1 59  ? -0.007  5.073   -4.383  1.00 13.18 ? 65  VAL A CG2 1 
ATOM   463  N  N   . LEU A 1 60  ? -2.340  4.230   -6.741  1.00 20.73 ? 66  LEU A N   1 
ATOM   464  C  CA  . LEU A 1 60  ? -2.892  5.186   -7.713  1.00 18.33 ? 66  LEU A CA  1 
ATOM   465  C  C   . LEU A 1 60  ? -3.959  4.616   -8.674  1.00 19.41 ? 66  LEU A C   1 
ATOM   466  O  O   . LEU A 1 60  ? -4.780  5.363   -9.211  1.00 19.84 ? 66  LEU A O   1 
ATOM   467  C  CB  . LEU A 1 60  ? -1.762  5.788   -8.538  1.00 17.88 ? 66  LEU A CB  1 
ATOM   468  C  CG  . LEU A 1 60  ? -0.755  6.773   -7.931  1.00 19.27 ? 66  LEU A CG  1 
ATOM   469  C  CD1 . LEU A 1 60  ? 0.332   7.035   -8.946  1.00 18.95 ? 66  LEU A CD1 1 
ATOM   470  C  CD2 . LEU A 1 60  ? -1.389  8.099   -7.519  1.00 18.40 ? 66  LEU A CD2 1 
ATOM   471  N  N   . THR A 1 61  ? -3.949  3.309   -8.886  1.00 16.05 ? 67  THR A N   1 
ATOM   472  C  CA  . THR A 1 61  ? -4.895  2.680   -9.795  1.00 18.12 ? 67  THR A CA  1 
ATOM   473  C  C   . THR A 1 61  ? -6.347  2.789   -9.280  1.00 20.28 ? 67  THR A C   1 
ATOM   474  O  O   . THR A 1 61  ? -6.573  2.987   -8.082  1.00 20.50 ? 67  THR A O   1 
ATOM   475  C  CB  . THR A 1 61  ? -4.527  1.216   -10.004 1.00 19.40 ? 67  THR A CB  1 
ATOM   476  O  OG1 . THR A 1 61  ? -4.383  0.594   -8.721  1.00 18.36 ? 67  THR A OG1 1 
ATOM   477  C  CG2 . THR A 1 61  ? -3.217  1.105   -10.771 1.00 19.14 ? 67  THR A CG2 1 
ATOM   478  N  N   . PRO A 1 62  ? -7.338  2.695   -10.185 1.00 19.85 ? 68  PRO A N   1 
ATOM   479  C  CA  . PRO A 1 62  ? -8.715  2.879   -9.705  1.00 20.25 ? 68  PRO A CA  1 
ATOM   480  C  C   . PRO A 1 62  ? -9.125  1.785   -8.757  1.00 23.02 ? 68  PRO A C   1 
ATOM   481  O  O   . PRO A 1 62  ? -8.711  0.654   -8.927  1.00 22.04 ? 68  PRO A O   1 
ATOM   482  C  CB  . PRO A 1 62  ? -9.563  2.836   -10.977 1.00 15.72 ? 68  PRO A CB  1 
ATOM   483  C  CG  . PRO A 1 62  ? -8.684  2.269   -12.029 1.00 23.43 ? 68  PRO A CG  1 
ATOM   484  C  CD  . PRO A 1 62  ? -7.270  2.662   -11.652 1.00 18.67 ? 68  PRO A CD  1 
ATOM   485  N  N   . LEU A 1 63  ? -9.912  2.130   -7.746  1.00 22.60 ? 69  LEU A N   1 
ATOM   486  C  CA  . LEU A 1 63  ? -10.376 1.128   -6.816  1.00 22.25 ? 69  LEU A CA  1 
ATOM   487  C  C   . LEU A 1 63  ? -11.409 0.252   -7.528  1.00 25.17 ? 69  LEU A C   1 
ATOM   488  O  O   . LEU A 1 63  ? -12.363 0.760   -8.118  1.00 21.97 ? 69  LEU A O   1 
ATOM   489  C  CB  . LEU A 1 63  ? -10.947 1.780   -5.555  1.00 22.25 ? 69  LEU A CB  1 
ATOM   490  C  CG  . LEU A 1 63  ? -9.939  2.400   -4.576  1.00 22.50 ? 69  LEU A CG  1 
ATOM   491  C  CD1 . LEU A 1 63  ? -10.623 3.271   -3.550  1.00 19.24 ? 69  LEU A CD1 1 
ATOM   492  C  CD2 . LEU A 1 63  ? -9.144  1.321   -3.865  1.00 20.91 ? 69  LEU A CD2 1 
ATOM   493  N  N   . THR A 1 64  ? -11.186 -1.060  -7.496  1.00 25.69 ? 70  THR A N   1 
ATOM   494  C  CA  . THR A 1 64  ? -12.143 -2.031  -8.014  1.00 24.47 ? 70  THR A CA  1 
ATOM   495  C  C   . THR A 1 64  ? -13.187 -2.472  -6.967  1.00 29.55 ? 70  THR A C   1 
ATOM   496  O  O   . THR A 1 64  ? -13.151 -2.051  -5.817  1.00 27.93 ? 70  THR A O   1 
ATOM   497  C  CB  . THR A 1 64  ? -11.438 -3.299  -8.529  1.00 23.33 ? 70  THR A CB  1 
ATOM   498  O  OG1 . THR A 1 64  ? -10.863 -4.003  -7.422  1.00 27.73 ? 70  THR A OG1 1 
ATOM   499  C  CG2 . THR A 1 64  ? -10.361 -2.966  -9.565  1.00 18.83 ? 70  THR A CG2 1 
ATOM   500  N  N   . GLU A 1 65  ? -14.104 -3.344  -7.389  1.00 31.88 ? 71  GLU A N   1 
ATOM   501  C  CA  . GLU A 1 65  ? -15.143 -3.892  -6.531  1.00 34.54 ? 71  GLU A CA  1 
ATOM   502  C  C   . GLU A 1 65  ? -14.566 -4.583  -5.313  1.00 28.21 ? 71  GLU A C   1 
ATOM   503  O  O   . GLU A 1 65  ? -14.903 -4.297  -4.150  1.00 30.77 ? 71  GLU A O   1 
ATOM   504  C  CB  . GLU A 1 65  ? -15.964 -4.925  -7.317  1.00 37.78 ? 71  GLU A CB  1 
ATOM   505  C  CG  . GLU A 1 65  ? -16.987 -4.378  -8.276  1.00 43.67 ? 71  GLU A CG  1 
ATOM   506  C  CD  . GLU A 1 65  ? -17.547 -3.058  -7.824  1.00 53.92 ? 71  GLU A CD  1 
ATOM   507  O  OE1 . GLU A 1 65  ? -18.333 -3.067  -6.847  1.00 58.01 ? 71  GLU A OE1 1 
ATOM   508  O  OE2 . GLU A 1 65  ? -17.187 -2.017  -8.432  1.00 56.10 ? 71  GLU A OE2 1 
ATOM   509  N  N   . LYS A 1 66  ? -13.659 -5.492  -5.606  1.00 28.12 ? 72  LYS A N   1 
ATOM   510  C  CA  . LYS A 1 66  ? -13.015 -6.281  -4.589  1.00 29.17 ? 72  LYS A CA  1 
ATOM   511  C  C   . LYS A 1 66  ? -12.184 -5.394  -3.692  1.00 26.90 ? 72  LYS A C   1 
ATOM   512  O  O   . LYS A 1 66  ? -12.120 -5.664  -2.504  1.00 27.53 ? 72  LYS A O   1 
ATOM   513  C  CB  . LYS A 1 66  ? -12.165 -7.381  -5.231  1.00 29.58 ? 72  LYS A CB  1 
ATOM   514  C  CG  . LYS A 1 66  ? -13.001 -8.473  -5.950  1.00 35.50 ? 72  LYS A CG  1 
ATOM   515  C  CD  . LYS A 1 66  ? -13.918 -9.263  -4.977  1.00 35.82 ? 72  LYS A CD  1 
ATOM   516  C  CE  . LYS A 1 66  ? -14.850 -10.266 -5.706  1.00 36.75 ? 72  LYS A CE  1 
ATOM   517  N  NZ  . LYS A 1 66  ? -14.159 -11.256 -6.648  1.00 33.75 ? 72  LYS A NZ  1 
ATOM   518  N  N   . ASP A 1 67  ? -11.594 -4.323  -4.245  1.00 24.44 ? 73  ASP A N   1 
ATOM   519  C  CA  . ASP A 1 67  ? -10.802 -3.389  -3.438  1.00 21.62 ? 73  ASP A CA  1 
ATOM   520  C  C   . ASP A 1 67  ? -11.685 -2.762  -2.390  1.00 20.63 ? 73  ASP A C   1 
ATOM   521  O  O   . ASP A 1 67  ? -11.325 -2.729  -1.234  1.00 21.44 ? 73  ASP A O   1 
ATOM   522  C  CB  . ASP A 1 67  ? -10.173 -2.252  -4.264  1.00 26.27 ? 73  ASP A CB  1 
ATOM   523  C  CG  . ASP A 1 67  ? -8.955  -2.681  -5.080  1.00 26.81 ? 73  ASP A CG  1 
ATOM   524  O  OD1 . ASP A 1 67  ? -8.313  -3.707  -4.757  1.00 24.81 ? 73  ASP A OD1 1 
ATOM   525  O  OD2 . ASP A 1 67  ? -8.611  -1.935  -6.020  1.00 24.30 ? 73  ASP A OD2 1 
ATOM   526  N  N   . TYR A 1 68  ? -12.861 -2.291  -2.792  1.00 19.22 ? 74  TYR A N   1 
ATOM   527  C  CA  . TYR A 1 68  ? -13.794 -1.689  -1.853  1.00 20.58 ? 74  TYR A CA  1 
ATOM   528  C  C   . TYR A 1 68  ? -14.208 -2.662  -0.758  1.00 21.60 ? 74  TYR A C   1 
ATOM   529  O  O   . TYR A 1 68  ? -14.249 -2.291  0.425   1.00 23.70 ? 74  TYR A O   1 
ATOM   530  C  CB  . TYR A 1 68  ? -15.017 -1.155  -2.587  1.00 21.09 ? 74  TYR A CB  1 
ATOM   531  C  CG  . TYR A 1 68  ? -14.797 0.174   -3.269  1.00 23.21 ? 74  TYR A CG  1 
ATOM   532  C  CD1 . TYR A 1 68  ? -14.610 1.338   -2.531  1.00 21.76 ? 74  TYR A CD1 1 
ATOM   533  C  CD2 . TYR A 1 68  ? -14.718 0.251   -4.652  1.00 26.14 ? 74  TYR A CD2 1 
ATOM   534  C  CE1 . TYR A 1 68  ? -14.400 2.539   -3.148  1.00 20.14 ? 74  TYR A CE1 1 
ATOM   535  C  CE2 . TYR A 1 68  ? -14.503 1.442   -5.285  1.00 26.87 ? 74  TYR A CE2 1 
ATOM   536  C  CZ  . TYR A 1 68  ? -14.337 2.582   -4.530  1.00 27.56 ? 74  TYR A CZ  1 
ATOM   537  O  OH  . TYR A 1 68  ? -14.112 3.768   -5.188  1.00 26.55 ? 74  TYR A OH  1 
ATOM   538  N  N   . GLU A 1 69  ? -14.441 -3.915  -1.128  1.00 19.59 ? 75  GLU A N   1 
ATOM   539  C  CA  . GLU A 1 69  ? -14.787 -4.892  -0.108  1.00 21.46 ? 75  GLU A CA  1 
ATOM   540  C  C   . GLU A 1 69  ? -13.610 -5.038  0.855   1.00 21.30 ? 75  GLU A C   1 
ATOM   541  O  O   . GLU A 1 69  ? -13.778 -5.071  2.088   1.00 20.05 ? 75  GLU A O   1 
ATOM   542  C  CB  . GLU A 1 69  ? -15.125 -6.227  -0.752  1.00 22.12 ? 75  GLU A CB  1 
ATOM   543  C  CG  . GLU A 1 69  ? -16.347 -6.128  -1.647  1.00 26.74 ? 75  GLU A CG  1 
ATOM   544  C  CD  . GLU A 1 69  ? -16.631 -7.389  -2.467  1.00 32.85 ? 75  GLU A CD  1 
ATOM   545  O  OE1 . GLU A 1 69  ? -15.944 -8.439  -2.320  1.00 27.48 ? 75  GLU A OE1 1 
ATOM   546  O  OE2 . GLU A 1 69  ? -17.536 -7.296  -3.318  1.00 38.32 ? 75  GLU A OE2 1 
ATOM   547  N  N   . GLY A 1 70  ? -12.409 -5.020  0.291   1.00 21.10 ? 76  GLY A N   1 
ATOM   548  C  CA  . GLY A 1 70  ? -11.210 -5.160  1.091   1.00 23.64 ? 76  GLY A CA  1 
ATOM   549  C  C   . GLY A 1 70  ? -11.037 -4.021  2.074   1.00 21.32 ? 76  GLY A C   1 
ATOM   550  O  O   . GLY A 1 70  ? -10.642 -4.251  3.215   1.00 19.85 ? 76  GLY A O   1 
ATOM   551  N  N   . LEU A 1 71  ? -11.383 -2.812  1.640   1.00 20.12 ? 77  LEU A N   1 
ATOM   552  C  CA  . LEU A 1 71  ? -11.294 -1.625  2.476   1.00 19.40 ? 77  LEU A CA  1 
ATOM   553  C  C   . LEU A 1 71  ? -12.277 -1.777  3.616   1.00 18.78 ? 77  LEU A C   1 
ATOM   554  O  O   . LEU A 1 71  ? -11.991 -1.375  4.756   1.00 21.52 ? 77  LEU A O   1 
ATOM   555  C  CB  . LEU A 1 71  ? -11.554 -0.347  1.671   1.00 19.58 ? 77  LEU A CB  1 
ATOM   556  C  CG  . LEU A 1 71  ? -10.425 -0.004  0.677   1.00 22.01 ? 77  LEU A CG  1 
ATOM   557  C  CD1 . LEU A 1 71  ? -10.693 1.288   -0.077  1.00 20.04 ? 77  LEU A CD1 1 
ATOM   558  C  CD2 . LEU A 1 71  ? -9.080  0.066   1.387   1.00 21.53 ? 77  LEU A CD2 1 
ATOM   559  N  N   . LYS A 1 72  ? -13.427 -2.375  3.330   1.00 19.44 ? 78  LYS A N   1 
ATOM   560  C  CA  . LYS A 1 72  ? -14.391 -2.592  4.406   1.00 21.08 ? 78  LYS A CA  1 
ATOM   561  C  C   . LYS A 1 72  ? -13.845 -3.570  5.452   1.00 21.79 ? 78  LYS A C   1 
ATOM   562  O  O   . LYS A 1 72  ? -13.919 -3.290  6.655   1.00 21.27 ? 78  LYS A O   1 
ATOM   563  C  CB  . LYS A 1 72  ? -15.712 -3.092  3.849   1.00 19.46 ? 78  LYS A CB  1 
ATOM   564  C  CG  . LYS A 1 72  ? -16.481 -1.988  3.126   1.00 28.06 ? 78  LYS A CG  1 
ATOM   565  C  CD  . LYS A 1 72  ? -17.482 -2.520  2.114   1.00 33.45 ? 78  LYS A CD  1 
ATOM   566  C  CE  . LYS A 1 72  ? -18.176 -1.384  1.400   1.00 29.06 ? 78  LYS A CE  1 
ATOM   567  N  NZ  . LYS A 1 72  ? -19.498 -1.849  0.906   1.00 31.09 ? 78  LYS A NZ  1 
ATOM   568  N  N   . ARG A 1 73  ? -13.208 -4.650  5.008   1.00 17.99 ? 79  ARG A N   1 
ATOM   569  C  CA  . ARG A 1 73  ? -12.635 -5.595  5.962   1.00 21.32 ? 79  ARG A CA  1 
ATOM   570  C  C   . ARG A 1 73  ? -11.486 -4.952  6.761   1.00 21.75 ? 79  ARG A C   1 
ATOM   571  O  O   . ARG A 1 73  ? -11.307 -5.239  7.952   1.00 22.46 ? 79  ARG A O   1 
ATOM   572  C  CB  . ARG A 1 73  ? -12.140 -6.861  5.251   1.00 22.68 ? 79  ARG A CB  1 
ATOM   573  C  CG  . ARG A 1 73  ? -13.250 -7.628  4.556   1.00 22.82 ? 79  ARG A CG  1 
ATOM   574  C  CD  . ARG A 1 73  ? -12.856 -9.038  4.182   1.00 23.22 ? 79  ARG A CD  1 
ATOM   575  N  NE  . ARG A 1 73  ? -11.861 -9.047  3.126   1.00 26.78 ? 79  ARG A NE  1 
ATOM   576  C  CZ  . ARG A 1 73  ? -12.154 -8.933  1.838   1.00 27.93 ? 79  ARG A CZ  1 
ATOM   577  N  NH1 . ARG A 1 73  ? -13.410 -8.785  1.463   1.00 24.01 ? 79  ARG A NH1 1 
ATOM   578  N  NH2 . ARG A 1 73  ? -11.190 -8.951  0.931   1.00 28.39 ? 79  ARG A NH2 1 
ATOM   579  N  N   . VAL A 1 74  ? -10.711 -4.086  6.114   1.00 19.32 ? 80  VAL A N   1 
ATOM   580  C  CA  . VAL A 1 74  ? -9.623  -3.397  6.802   1.00 22.14 ? 80  VAL A CA  1 
ATOM   581  C  C   . VAL A 1 74  ? -10.131 -2.495  7.925   1.00 20.31 ? 80  VAL A C   1 
ATOM   582  O  O   . VAL A 1 74  ? -9.639  -2.568  9.069   1.00 16.92 ? 80  VAL A O   1 
ATOM   583  C  CB  . VAL A 1 74  ? -8.777  -2.582  5.798   1.00 22.43 ? 80  VAL A CB  1 
ATOM   584  C  CG1 . VAL A 1 74  ? -7.894  -1.542  6.493   1.00 17.91 ? 80  VAL A CG1 1 
ATOM   585  C  CG2 . VAL A 1 74  ? -7.955  -3.537  4.950   1.00 19.68 ? 80  VAL A CG2 1 
ATOM   586  N  N   . LEU A 1 75  ? -11.147 -1.695  7.612   1.00 18.75 ? 81  LEU A N   1 
ATOM   587  C  CA  . LEU A 1 75  ? -11.736 -0.844  8.626   1.00 19.44 ? 81  LEU A CA  1 
ATOM   588  C  C   . LEU A 1 75  ? -12.285 -1.722  9.737   1.00 21.75 ? 81  LEU A C   1 
ATOM   589  O  O   . LEU A 1 75  ? -12.102 -1.401  10.892  1.00 19.24 ? 81  LEU A O   1 
ATOM   590  C  CB  . LEU A 1 75  ? -12.865 0.020   8.079   1.00 19.27 ? 81  LEU A CB  1 
ATOM   591  C  CG  . LEU A 1 75  ? -12.473 1.192   7.189   1.00 21.78 ? 81  LEU A CG  1 
ATOM   592  C  CD1 . LEU A 1 75  ? -13.701 1.929   6.720   1.00 16.46 ? 81  LEU A CD1 1 
ATOM   593  C  CD2 . LEU A 1 75  ? -11.526 2.115   7.928   1.00 22.25 ? 81  LEU A CD2 1 
ATOM   594  N  N   . ARG A 1 76  ? -12.931 -2.842  9.403   1.00 21.86 ? 82  ARG A N   1 
ATOM   595  C  CA  . ARG A 1 76  ? -13.493 -3.683  10.465  1.00 21.69 ? 82  ARG A CA  1 
ATOM   596  C  C   . ARG A 1 76  ? -12.396 -4.162  11.409  1.00 19.72 ? 82  ARG A C   1 
ATOM   597  O  O   . ARG A 1 76  ? -12.518 -4.031  12.616  1.00 20.57 ? 82  ARG A O   1 
ATOM   598  C  CB  . ARG A 1 76  ? -14.248 -4.884  9.900   1.00 25.02 ? 82  ARG A CB  1 
ATOM   599  C  CG  . ARG A 1 76  ? -15.577 -4.510  9.273   1.00 28.64 ? 82  ARG A CG  1 
ATOM   600  C  CD  . ARG A 1 76  ? -16.514 -3.916  10.288  1.00 36.87 ? 82  ARG A CD  1 
ATOM   601  N  NE  . ARG A 1 76  ? -17.528 -3.056  9.671   1.00 45.44 ? 82  ARG A NE  1 
ATOM   602  C  CZ  . ARG A 1 76  ? -18.807 -3.390  9.498   1.00 55.69 ? 82  ARG A CZ  1 
ATOM   603  N  NH1 . ARG A 1 76  ? -19.254 -4.578  9.898   1.00 53.34 ? 82  ARG A NH1 1 
ATOM   604  N  NH2 . ARG A 1 76  ? -19.645 -2.528  8.931   1.00 53.14 ? 82  ARG A NH2 1 
ATOM   605  N  N   . SER A 1 77  ? -11.292 -4.646  10.865  1.00 19.29 ? 83  SER A N   1 
ATOM   606  C  CA  . SER A 1 77  ? -10.198 -5.076  11.726  1.00 19.51 ? 83  SER A CA  1 
ATOM   607  C  C   . SER A 1 77  ? -9.677  -3.915  12.595  1.00 23.19 ? 83  SER A C   1 
ATOM   608  O  O   . SER A 1 77  ? -9.344  -4.107  13.766  1.00 22.84 ? 83  SER A O   1 
ATOM   609  C  CB  . SER A 1 77  ? -9.075  -5.667  10.905  1.00 20.58 ? 83  SER A CB  1 
ATOM   610  O  OG  . SER A 1 77  ? -8.318  -4.632  10.340  1.00 26.90 ? 83  SER A OG  1 
ATOM   611  N  N   . LEU A 1 78  ? -9.596  -2.716  12.021  1.00 22.62 ? 84  LEU A N   1 
ATOM   612  C  CA  . LEU A 1 78  ? -9.180  -1.547  12.792  1.00 17.59 ? 84  LEU A CA  1 
ATOM   613  C  C   . LEU A 1 78  ? -10.157 -1.159  13.897  1.00 19.68 ? 84  LEU A C   1 
ATOM   614  O  O   . LEU A 1 78  ? -9.748  -0.855  15.024  1.00 21.99 ? 84  LEU A O   1 
ATOM   615  C  CB  . LEU A 1 78  ? -8.946  -0.359  11.863  1.00 16.82 ? 84  LEU A CB  1 
ATOM   616  C  CG  . LEU A 1 78  ? -7.462  -0.098  11.588  1.00 20.42 ? 84  LEU A CG  1 
ATOM   617  C  CD1 . LEU A 1 78  ? -6.793  -1.186  10.828  1.00 18.07 ? 84  LEU A CD1 1 
ATOM   618  C  CD2 . LEU A 1 78  ? -7.321  1.193   10.840  1.00 24.08 ? 84  LEU A CD2 1 
ATOM   619  N  N   . GLN A 1 79  ? -11.444 -1.198  13.601  1.00 19.28 ? 85  GLN A N   1 
ATOM   620  C  CA  . GLN A 1 79  ? -12.473 -0.892  14.581  1.00 19.40 ? 85  GLN A CA  1 
ATOM   621  C  C   . GLN A 1 79  ? -12.485 -1.868  15.758  1.00 20.22 ? 85  GLN A C   1 
ATOM   622  O  O   . GLN A 1 79  ? -12.973 -1.533  16.845  1.00 23.01 ? 85  GLN A O   1 
ATOM   623  C  CB  . GLN A 1 79  ? -13.842 -0.894  13.902  1.00 18.38 ? 85  GLN A CB  1 
ATOM   624  C  CG  . GLN A 1 79  ? -13.991 0.271   12.956  1.00 19.49 ? 85  GLN A CG  1 
ATOM   625  C  CD  . GLN A 1 79  ? -15.156 0.118   12.017  1.00 22.19 ? 85  GLN A CD  1 
ATOM   626  O  OE1 . GLN A 1 79  ? -15.483 -0.994  11.591  1.00 25.12 ? 85  GLN A OE1 1 
ATOM   627  N  NE2 . GLN A 1 79  ? -15.779 1.233   11.666  1.00 17.89 ? 85  GLN A NE2 1 
ATOM   628  N  N   . ALA A 1 80  ? -11.982 -3.075  15.538  1.00 15.40 ? 86  ALA A N   1 
ATOM   629  C  CA  . ALA A 1 80  ? -11.966 -4.069  16.585  1.00 16.35 ? 86  ALA A CA  1 
ATOM   630  C  C   . ALA A 1 80  ? -10.707 -3.959  17.454  1.00 20.25 ? 86  ALA A C   1 
ATOM   631  O  O   . ALA A 1 80  ? -10.607 -4.618  18.502  1.00 21.19 ? 86  ALA A O   1 
ATOM   632  C  CB  . ALA A 1 80  ? -12.088 -5.475  15.993  1.00 12.54 ? 86  ALA A CB  1 
ATOM   633  N  N   . HIS A 1 81  ? -9.765  -3.110  17.051  1.00 17.62 ? 87  HIS A N   1 
ATOM   634  C  CA  . HIS A 1 81  ? -8.477  -3.036  17.738  1.00 15.15 ? 87  HIS A CA  1 
ATOM   635  C  C   . HIS A 1 81  ? -8.569  -2.349  19.109  1.00 17.70 ? 87  HIS A C   1 
ATOM   636  O  O   . HIS A 1 81  ? -9.269  -1.357  19.279  1.00 16.45 ? 87  HIS A O   1 
ATOM   637  C  CB  . HIS A 1 81  ? -7.457  -2.320  16.851  1.00 14.41 ? 87  HIS A CB  1 
ATOM   638  C  CG  . HIS A 1 81  ? -6.024  -2.597  17.219  1.00 18.43 ? 87  HIS A CG  1 
ATOM   639  N  ND1 . HIS A 1 81  ? -5.456  -2.165  18.405  1.00 16.68 ? 87  HIS A ND1 1 
ATOM   640  C  CD2 . HIS A 1 81  ? -5.044  -3.254  16.549  1.00 12.80 ? 87  HIS A CD2 1 
ATOM   641  C  CE1 . HIS A 1 81  ? -4.191  -2.541  18.442  1.00 16.87 ? 87  HIS A CE1 1 
ATOM   642  N  NE2 . HIS A 1 81  ? -3.918  -3.203  17.329  1.00 15.02 ? 87  HIS A NE2 1 
ATOM   643  N  N   . LYS A 1 82  ? -7.835  -2.862  20.084  1.00 16.59 ? 88  LYS A N   1 
ATOM   644  C  CA  . LYS A 1 82  ? -7.964  -2.346  21.433  1.00 22.71 ? 88  LYS A CA  1 
ATOM   645  C  C   . LYS A 1 82  ? -7.511  -0.851  21.486  1.00 23.23 ? 88  LYS A C   1 
ATOM   646  O  O   . LYS A 1 82  ? -8.206  0.050   22.061  1.00 23.84 ? 88  LYS A O   1 
ATOM   647  C  CB  . LYS A 1 82  ? -7.176  -3.274  22.360  1.00 20.82 ? 88  LYS A CB  1 
ATOM   648  C  CG  . LYS A 1 82  ? -7.491  -3.154  23.812  1.00 28.36 ? 88  LYS A CG  1 
ATOM   649  C  CD  . LYS A 1 82  ? -6.806  -4.289  24.588  1.00 30.07 ? 88  LYS A CD  1 
ATOM   650  C  CE  . LYS A 1 82  ? -7.053  -4.189  26.109  1.00 34.86 ? 88  LYS A CE  1 
ATOM   651  N  NZ  . LYS A 1 82  ? -6.784  -2.836  26.692  1.00 34.03 ? 88  LYS A NZ  1 
ATOM   652  N  N   . MET A 1 83  ? -6.502  -0.530  20.682  1.00 18.34 ? 89  MET A N   1 
ATOM   653  C  CA  . MET A 1 83  ? -6.012  0.847   20.683  1.00 17.44 ? 89  MET A CA  1 
ATOM   654  C  C   . MET A 1 83  ? -6.817  1.712   19.734  1.00 16.25 ? 89  MET A C   1 
ATOM   655  O  O   . MET A 1 83  ? -6.498  2.884   19.528  1.00 17.37 ? 89  MET A O   1 
ATOM   656  C  CB  . MET A 1 83  ? -4.537  0.907   20.289  1.00 16.72 ? 89  MET A CB  1 
ATOM   657  C  CG  . MET A 1 83  ? -3.550  0.617   21.434  1.00 17.49 ? 89  MET A CG  1 
ATOM   658  S  SD  . MET A 1 83  ? -3.571  -1.105  21.956  1.00 18.18 ? 89  MET A SD  1 
ATOM   659  C  CE  . MET A 1 83  ? -1.973  -1.272  22.750  1.00 20.48 ? 89  MET A CE  1 
ATOM   660  N  N   . ALA A 1 84  ? -7.890  1.164   19.182  1.00 15.45 ? 90  ALA A N   1 
ATOM   661  C  CA  . ALA A 1 84  ? -8.680  1.968   18.273  1.00 17.03 ? 90  ALA A CA  1 
ATOM   662  C  C   . ALA A 1 84  ? -9.738  2.719   19.038  1.00 20.35 ? 90  ALA A C   1 
ATOM   663  O  O   . ALA A 1 84  ? -10.453 3.519   18.428  1.00 21.31 ? 90  ALA A O   1 
ATOM   664  C  CB  . ALA A 1 84  ? -9.313  1.130   17.185  1.00 15.41 ? 90  ALA A CB  1 
ATOM   665  N  N   . TRP A 1 85  ? -9.847  2.505   20.357  1.00 18.32 ? 91  TRP A N   1 
ATOM   666  C  CA  . TRP A 1 85  ? -10.936 3.222   21.026  1.00 16.62 ? 91  TRP A CA  1 
ATOM   667  C  C   . TRP A 1 85  ? -11.024 4.781   20.791  1.00 19.16 ? 91  TRP A C   1 
ATOM   668  O  O   . TRP A 1 85  ? -12.132 5.324   20.715  1.00 21.71 ? 91  TRP A O   1 
ATOM   669  C  CB  . TRP A 1 85  ? -10.912 2.918   22.537  1.00 18.57 ? 91  TRP A CB  1 
ATOM   670  C  CG  . TRP A 1 85  ? -9.733  3.399   23.250  1.00 17.71 ? 91  TRP A CG  1 
ATOM   671  C  CD1 . TRP A 1 85  ? -8.563  2.741   23.427  1.00 15.92 ? 91  TRP A CD1 1 
ATOM   672  C  CD2 . TRP A 1 85  ? -9.597  4.663   23.900  1.00 16.38 ? 91  TRP A CD2 1 
ATOM   673  N  NE1 . TRP A 1 85  ? -7.696  3.520   24.134  1.00 18.56 ? 91  TRP A NE1 1 
ATOM   674  C  CE2 . TRP A 1 85  ? -8.308  4.709   24.441  1.00 15.64 ? 91  TRP A CE2 1 
ATOM   675  C  CE3 . TRP A 1 85  ? -10.447 5.766   24.070  1.00 18.35 ? 91  TRP A CE3 1 
ATOM   676  C  CZ2 . TRP A 1 85  ? -7.827  5.818   25.147  1.00 17.81 ? 91  TRP A CZ2 1 
ATOM   677  C  CZ3 . TRP A 1 85  ? -9.975  6.872   24.769  1.00 17.68 ? 91  TRP A CZ3 1 
ATOM   678  C  CH2 . TRP A 1 85  ? -8.670  6.888   25.301  1.00 18.38 ? 91  TRP A CH2 1 
ATOM   679  N  N   . PRO A 1 86  ? -9.899  5.507   20.625  1.00 17.68 ? 92  PRO A N   1 
ATOM   680  C  CA  . PRO A 1 86  ? -10.121 6.953   20.443  1.00 16.57 ? 92  PRO A CA  1 
ATOM   681  C  C   . PRO A 1 86  ? -10.558 7.387   19.052  1.00 16.89 ? 92  PRO A C   1 
ATOM   682  O  O   . PRO A 1 86  ? -10.867 8.558   18.858  1.00 17.06 ? 92  PRO A O   1 
ATOM   683  C  CB  . PRO A 1 86  ? -8.729  7.565   20.716  1.00 14.36 ? 92  PRO A CB  1 
ATOM   684  C  CG  . PRO A 1 86  ? -7.966  6.520   21.383  1.00 18.01 ? 92  PRO A CG  1 
ATOM   685  C  CD  . PRO A 1 86  ? -8.461  5.240   20.757  1.00 19.26 ? 92  PRO A CD  1 
ATOM   686  N  N   . PHE A 1 87  ? -10.534 6.479   18.086  1.00 18.04 ? 93  PHE A N   1 
ATOM   687  C  CA  . PHE A 1 87  ? -10.774 6.865   16.711  1.00 17.13 ? 93  PHE A CA  1 
ATOM   688  C  C   . PHE A 1 87  ? -12.072 6.350   16.131  1.00 19.71 ? 93  PHE A C   1 
ATOM   689  O  O   . PHE A 1 87  ? -12.380 6.638   14.981  1.00 19.09 ? 93  PHE A O   1 
ATOM   690  C  CB  . PHE A 1 87  ? -9.610  6.377   15.851  1.00 13.21 ? 93  PHE A CB  1 
ATOM   691  C  CG  . PHE A 1 87  ? -8.266  6.579   16.493  1.00 17.52 ? 93  PHE A CG  1 
ATOM   692  C  CD1 . PHE A 1 87  ? -7.790  7.867   16.741  1.00 15.07 ? 93  PHE A CD1 1 
ATOM   693  C  CD2 . PHE A 1 87  ? -7.467  5.493   16.836  1.00 16.71 ? 93  PHE A CD2 1 
ATOM   694  C  CE1 . PHE A 1 87  ? -6.561  8.064   17.308  1.00 17.08 ? 93  PHE A CE1 1 
ATOM   695  C  CE2 . PHE A 1 87  ? -6.228  5.687   17.420  1.00 17.23 ? 93  PHE A CE2 1 
ATOM   696  C  CZ  . PHE A 1 87  ? -5.770  6.969   17.656  1.00 19.12 ? 93  PHE A CZ  1 
ATOM   697  N  N   . LEU A 1 88  ? -12.824 5.595   16.924  1.00 19.05 ? 94  LEU A N   1 
ATOM   698  C  CA  . LEU A 1 88  ? -14.018 4.937   16.428  1.00 19.46 ? 94  LEU A CA  1 
ATOM   699  C  C   . LEU A 1 88  ? -15.059 5.925   15.924  1.00 17.50 ? 94  LEU A C   1 
ATOM   700  O  O   . LEU A 1 88  ? -15.707 5.667   14.928  1.00 19.67 ? 94  LEU A O   1 
ATOM   701  C  CB  . LEU A 1 88  ? -14.619 4.040   17.514  1.00 21.84 ? 94  LEU A CB  1 
ATOM   702  C  CG  . LEU A 1 88  ? -13.715 2.899   17.980  1.00 20.74 ? 94  LEU A CG  1 
ATOM   703  C  CD1 . LEU A 1 88  ? -14.293 2.186   19.208  1.00 14.10 ? 94  LEU A CD1 1 
ATOM   704  C  CD2 . LEU A 1 88  ? -13.479 1.924   16.830  1.00 17.28 ? 94  LEU A CD2 1 
ATOM   705  N  N   . GLU A 1 89  ? -15.184 7.056   16.599  1.00 17.60 ? 95  GLU A N   1 
ATOM   706  C  CA  . GLU A 1 89  ? -16.229 8.043   16.315  1.00 24.48 ? 95  GLU A CA  1 
ATOM   707  C  C   . GLU A 1 89  ? -15.676 9.462   16.276  1.00 21.13 ? 95  GLU A C   1 
ATOM   708  O  O   . GLU A 1 89  ? -14.661 9.731   16.907  1.00 25.12 ? 95  GLU A O   1 
ATOM   709  C  CB  . GLU A 1 89  ? -17.342 7.986   17.383  1.00 21.40 ? 95  GLU A CB  1 
ATOM   710  C  CG  . GLU A 1 89  ? -18.072 6.667   17.473  1.00 21.35 ? 95  GLU A CG  1 
ATOM   711  C  CD  . GLU A 1 89  ? -18.956 6.386   16.272  1.00 27.94 ? 95  GLU A CD  1 
ATOM   712  O  OE1 . GLU A 1 89  ? -19.503 7.359   15.670  1.00 24.61 ? 95  GLU A OE1 1 
ATOM   713  O  OE2 . GLU A 1 89  ? -19.100 5.181   15.937  1.00 25.36 ? 95  GLU A OE2 1 
ATOM   714  N  N   . PRO A 1 90  ? -16.375 10.390  15.592  1.00 23.19 ? 96  PRO A N   1 
ATOM   715  C  CA  . PRO A 1 90  ? -15.954 11.797  15.650  1.00 24.25 ? 96  PRO A CA  1 
ATOM   716  C  C   . PRO A 1 90  ? -15.862 12.286  17.097  1.00 26.07 ? 96  PRO A C   1 
ATOM   717  O  O   . PRO A 1 90  ? -16.573 11.756  17.950  1.00 27.37 ? 96  PRO A O   1 
ATOM   718  C  CB  . PRO A 1 90  ? -17.081 12.542  14.920  1.00 19.62 ? 96  PRO A CB  1 
ATOM   719  C  CG  . PRO A 1 90  ? -17.810 11.535  14.175  1.00 19.93 ? 96  PRO A CG  1 
ATOM   720  C  CD  . PRO A 1 90  ? -17.653 10.234  14.874  1.00 19.99 ? 96  PRO A CD  1 
ATOM   721  N  N   . VAL A 1 91  ? -15.011 13.263  17.380  1.00 26.77 ? 97  VAL A N   1 
ATOM   722  C  CA  . VAL A 1 91  ? -15.011 13.854  18.721  1.00 29.52 ? 97  VAL A CA  1 
ATOM   723  C  C   . VAL A 1 91  ? -16.352 14.554  19.014  1.00 28.70 ? 97  VAL A C   1 
ATOM   724  O  O   . VAL A 1 91  ? -16.808 15.381  18.216  1.00 27.27 ? 97  VAL A O   1 
ATOM   725  C  CB  . VAL A 1 91  ? -13.863 14.844  18.889  1.00 24.94 ? 97  VAL A CB  1 
ATOM   726  C  CG1 . VAL A 1 91  ? -14.098 15.698  20.104  1.00 27.81 ? 97  VAL A CG1 1 
ATOM   727  C  CG2 . VAL A 1 91  ? -12.541 14.090  18.996  1.00 20.45 ? 97  VAL A CG2 1 
ATOM   728  N  N   . ASP A 1 92  ? -16.983 14.201  20.138  1.00 30.97 ? 98  ASP A N   1 
ATOM   729  C  CA  . ASP A 1 92  ? -18.188 14.885  20.602  1.00 30.74 ? 98  ASP A CA  1 
ATOM   730  C  C   . ASP A 1 92  ? -17.884 16.351  20.775  1.00 35.10 ? 98  ASP A C   1 
ATOM   731  O  O   . ASP A 1 92  ? -17.060 16.712  21.589  1.00 35.55 ? 98  ASP A O   1 
ATOM   732  C  CB  . ASP A 1 92  ? -18.686 14.297  21.920  1.00 42.99 ? 98  ASP A CB  1 
ATOM   733  C  CG  . ASP A 1 92  ? -19.963 14.978  22.437  1.00 50.35 ? 98  ASP A CG  1 
ATOM   734  O  OD1 . ASP A 1 92  ? -20.354 16.047  21.920  1.00 44.53 ? 98  ASP A OD1 1 
ATOM   735  O  OD2 . ASP A 1 92  ? -20.594 14.414  23.362  1.00 52.45 ? 98  ASP A OD2 1 
ATOM   736  N  N   . PRO A 1 93  ? -18.562 17.207  19.998  1.00 39.26 ? 99  PRO A N   1 
ATOM   737  C  CA  . PRO A 1 93  ? -18.248 18.636  20.076  1.00 40.86 ? 99  PRO A CA  1 
ATOM   738  C  C   . PRO A 1 93  ? -18.491 19.193  21.476  1.00 50.21 ? 99  PRO A C   1 
ATOM   739  O  O   . PRO A 1 93  ? -17.543 19.711  22.077  1.00 56.45 ? 99  PRO A O   1 
ATOM   740  C  CB  . PRO A 1 93  ? -19.188 19.260  19.049  1.00 38.21 ? 99  PRO A CB  1 
ATOM   741  C  CG  . PRO A 1 93  ? -20.280 18.233  18.835  1.00 39.57 ? 99  PRO A CG  1 
ATOM   742  C  CD  . PRO A 1 93  ? -19.634 16.910  19.031  1.00 33.24 ? 99  PRO A CD  1 
ATOM   743  N  N   . ASN A 1 94  ? -19.699 19.015  22.019  1.00 56.22 ? 100 ASN A N   1 
ATOM   744  C  CA  . ASN A 1 94  ? -20.064 19.569  23.332  1.00 58.02 ? 100 ASN A CA  1 
ATOM   745  C  C   . ASN A 1 94  ? -19.318 18.871  24.465  1.00 54.56 ? 100 ASN A C   1 
ATOM   746  O  O   . ASN A 1 94  ? -19.818 18.735  25.569  1.00 58.57 ? 100 ASN A O   1 
ATOM   747  C  CB  . ASN A 1 94  ? -21.599 19.515  23.539  1.00 58.35 ? 100 ASN A CB  1 
ATOM   748  C  CG  . ASN A 1 94  ? -22.107 18.170  24.061  1.00 66.57 ? 100 ASN A CG  1 
ATOM   749  O  OD1 . ASN A 1 94  ? -21.426 17.149  23.998  1.00 65.82 ? 100 ASN A OD1 1 
ATOM   750  N  ND2 . ASN A 1 94  ? -23.336 18.173  24.567  1.00 76.51 ? 100 ASN A ND2 1 
ATOM   751  N  N   . ASP A 1 95  ? -18.104 18.434  24.173  1.00 53.71 ? 101 ASP A N   1 
ATOM   752  C  CA  . ASP A 1 95  ? -17.312 17.667  25.109  1.00 48.56 ? 101 ASP A CA  1 
ATOM   753  C  C   . ASP A 1 95  ? -15.876 18.169  25.062  1.00 54.05 ? 101 ASP A C   1 
ATOM   754  O  O   . ASP A 1 95  ? -15.252 18.435  26.093  1.00 60.15 ? 101 ASP A O   1 
ATOM   755  C  CB  . ASP A 1 95  ? -17.414 16.198  24.740  1.00 50.59 ? 101 ASP A CB  1 
ATOM   756  C  CG  . ASP A 1 95  ? -16.828 15.292  25.764  1.00 47.15 ? 101 ASP A CG  1 
ATOM   757  O  OD1 . ASP A 1 95  ? -15.725 15.575  26.268  1.00 47.72 ? 101 ASP A OD1 1 
ATOM   758  O  OD2 . ASP A 1 95  ? -17.499 14.289  26.068  1.00 45.69 ? 101 ASP A OD2 1 
ATOM   759  N  N   . ALA A 1 96  ? -15.355 18.296  23.846  1.00 55.68 ? 102 ALA A N   1 
ATOM   760  C  CA  . ALA A 1 96  ? -13.995 18.797  23.639  1.00 55.30 ? 102 ALA A CA  1 
ATOM   761  C  C   . ALA A 1 96  ? -14.049 20.057  22.764  1.00 60.77 ? 102 ALA A C   1 
ATOM   762  O  O   . ALA A 1 96  ? -14.163 19.943  21.539  1.00 53.96 ? 102 ALA A O   1 
ATOM   763  C  CB  . ALA A 1 96  ? -13.126 17.752  23.011  1.00 46.81 ? 102 ALA A CB  1 
ATOM   764  N  N   . PRO A 1 97  ? -14.040 21.242  23.405  1.00 67.39 ? 103 PRO A N   1 
ATOM   765  C  CA  . PRO A 1 97  ? -14.213 22.574  22.812  1.00 58.34 ? 103 PRO A CA  1 
ATOM   766  C  C   . PRO A 1 97  ? -13.243 22.857  21.658  1.00 52.84 ? 103 PRO A C   1 
ATOM   767  O  O   . PRO A 1 97  ? -13.447 22.919  20.394  1.00 50.50 ? 103 PRO A O   1 
ATOM   768  C  CB  . PRO A 1 97  ? -13.767 23.478  23.941  1.00 63.50 ? 103 PRO A CB  1 
ATOM   769  C  CG  . PRO A 1 97  ? -14.256 22.806  25.171  1.00 61.29 ? 103 PRO A CG  1 
ATOM   770  C  CD  . PRO A 1 97  ? -14.217 21.304  24.871  1.00 59.60 ? 103 PRO A CD  1 
ATOM   771  N  N   . ASP A 1 98  ? -12.072 23.139  22.197  1.00 50.00 ? 104 ASP A N   1 
ATOM   772  C  CA  . ASP A 1 98  ? -10.911 23.513  21.432  1.00 51.97 ? 104 ASP A CA  1 
ATOM   773  C  C   . ASP A 1 98  ? -10.527 22.430  20.401  1.00 39.53 ? 104 ASP A C   1 
ATOM   774  O  O   . ASP A 1 98  ? -9.704  22.676  19.501  1.00 41.83 ? 104 ASP A O   1 
ATOM   775  C  CB  . ASP A 1 98  ? -9.753  23.760  22.368  1.00 52.01 ? 104 ASP A CB  1 
ATOM   776  C  CG  . ASP A 1 98  ? -9.149  22.489  22.876  1.00 54.08 ? 104 ASP A CG  1 
ATOM   777  O  OD1 . ASP A 1 98  ? -9.745  21.913  23.800  1.00 52.09 ? 104 ASP A OD1 1 
ATOM   778  O  OD2 . ASP A 1 98  ? -8.078  22.080  22.310  1.00 49.20 ? 104 ASP A OD2 1 
ATOM   779  N  N   . TYR A 1 99  ? -11.125 21.237  20.506  1.00 39.69 ? 105 TYR A N   1 
ATOM   780  C  CA  . TYR A 1 99  ? -10.771 20.221  19.531  1.00 36.81 ? 105 TYR A CA  1 
ATOM   781  C  C   . TYR A 1 99  ? -11.174 20.740  18.162  1.00 29.41 ? 105 TYR A C   1 
ATOM   782  O  O   . TYR A 1 99  ? -10.323 20.915  17.308  1.00 29.58 ? 105 TYR A O   1 
ATOM   783  C  CB  . TYR A 1 99  ? -11.463 18.883  19.798  1.00 34.70 ? 105 TYR A CB  1 
ATOM   784  C  CG  . TYR A 1 99  ? -11.117 17.848  18.722  1.00 33.52 ? 105 TYR A CG  1 
ATOM   785  C  CD1 . TYR A 1 99  ? -9.905  17.154  18.780  1.00 33.54 ? 105 TYR A CD1 1 
ATOM   786  C  CD2 . TYR A 1 99  ? -11.943 17.614  17.623  1.00 29.39 ? 105 TYR A CD2 1 
ATOM   787  C  CE1 . TYR A 1 99  ? -9.547  16.235  17.819  1.00 27.82 ? 105 TYR A CE1 1 
ATOM   788  C  CE2 . TYR A 1 99  ? -11.580 16.686  16.649  1.00 30.29 ? 105 TYR A CE2 1 
ATOM   789  C  CZ  . TYR A 1 99  ? -10.377 16.007  16.763  1.00 28.26 ? 105 TYR A CZ  1 
ATOM   790  O  OH  . TYR A 1 99  ? -10.011 15.088  15.822  1.00 29.12 ? 105 TYR A OH  1 
ATOM   791  N  N   . TYR A 1 100 ? -12.437 21.120  17.996  1.00 30.63 ? 106 TYR A N   1 
ATOM   792  C  CA  . TYR A 1 100 ? -12.901 21.605  16.696  1.00 27.04 ? 106 TYR A CA  1 
ATOM   793  C  C   . TYR A 1 100 ? -12.478 23.033  16.548  1.00 30.26 ? 106 TYR A C   1 
ATOM   794  O  O   . TYR A 1 100 ? -12.486 23.586  15.438  1.00 30.52 ? 106 TYR A O   1 
ATOM   795  C  CB  . TYR A 1 100 ? -14.403 21.443  16.519  1.00 21.20 ? 106 TYR A CB  1 
ATOM   796  C  CG  . TYR A 1 100 ? -14.789 20.006  16.402  1.00 22.75 ? 106 TYR A CG  1 
ATOM   797  C  CD1 . TYR A 1 100 ? -14.433 19.269  15.274  1.00 24.58 ? 106 TYR A CD1 1 
ATOM   798  C  CD2 . TYR A 1 100 ? -15.446 19.359  17.430  1.00 22.04 ? 106 TYR A CD2 1 
ATOM   799  C  CE1 . TYR A 1 100 ? -14.756 17.942  15.171  1.00 22.69 ? 106 TYR A CE1 1 
ATOM   800  C  CE2 . TYR A 1 100 ? -15.786 18.037  17.325  1.00 23.37 ? 106 TYR A CE2 1 
ATOM   801  C  CZ  . TYR A 1 100 ? -15.431 17.332  16.202  1.00 22.04 ? 106 TYR A CZ  1 
ATOM   802  O  OH  . TYR A 1 100 ? -15.759 16.007  16.098  1.00 21.46 ? 106 TYR A OH  1 
ATOM   803  N  N   . GLY A 1 101 ? -12.004 23.614  17.645  1.00 33.68 ? 107 GLY A N   1 
ATOM   804  C  CA  . GLY A 1 101 ? -11.504 24.967  17.515  1.00 28.15 ? 107 GLY A CA  1 
ATOM   805  C  C   . GLY A 1 101 ? -10.178 24.934  16.758  1.00 30.23 ? 107 GLY A C   1 
ATOM   806  O  O   . GLY A 1 101 ? -9.850  25.875  16.042  1.00 29.51 ? 107 GLY A O   1 
ATOM   807  N  N   . VAL A 1 102 ? -9.400  23.865  16.887  1.00 26.80 ? 108 VAL A N   1 
ATOM   808  C  CA  . VAL A 1 102 ? -8.131  23.834  16.168  1.00 30.82 ? 108 VAL A CA  1 
ATOM   809  C  C   . VAL A 1 102 ? -8.029  22.755  15.074  1.00 30.97 ? 108 VAL A C   1 
ATOM   810  O  O   . VAL A 1 102 ? -7.112  22.790  14.246  1.00 28.86 ? 108 VAL A O   1 
ATOM   811  C  CB  . VAL A 1 102 ? -6.956  23.641  17.130  1.00 29.99 ? 108 VAL A CB  1 
ATOM   812  C  CG1 . VAL A 1 102 ? -6.970  24.694  18.170  1.00 25.30 ? 108 VAL A CG1 1 
ATOM   813  C  CG2 . VAL A 1 102 ? -7.001  22.261  17.752  1.00 32.02 ? 108 VAL A CG2 1 
ATOM   814  N  N   . ILE A 1 103 ? -8.957  21.805  15.070  1.00 29.50 ? 109 ILE A N   1 
ATOM   815  C  CA  . ILE A 1 103 ? -8.956  20.779  14.045  1.00 30.61 ? 109 ILE A CA  1 
ATOM   816  C  C   . ILE A 1 103 ? -10.116 21.009  13.087  1.00 32.37 ? 109 ILE A C   1 
ATOM   817  O  O   . ILE A 1 103 ? -11.286 20.795  13.439  1.00 32.51 ? 109 ILE A O   1 
ATOM   818  C  CB  . ILE A 1 103 ? -9.056  19.365  14.635  1.00 30.22 ? 109 ILE A CB  1 
ATOM   819  C  CG1 . ILE A 1 103 ? -7.966  19.143  15.687  1.00 29.29 ? 109 ILE A CG1 1 
ATOM   820  C  CG2 . ILE A 1 103 ? -8.983  18.324  13.510  1.00 28.66 ? 109 ILE A CG2 1 
ATOM   821  C  CD1 . ILE A 1 103 ? -6.524  19.181  15.164  1.00 24.27 ? 109 ILE A CD1 1 
ATOM   822  N  N   . LYS A 1 104 ? -9.790  21.446  11.874  1.00 30.38 ? 110 LYS A N   1 
ATOM   823  C  CA  . LYS A 1 104 ? -10.819 21.791  10.899  1.00 32.22 ? 110 LYS A CA  1 
ATOM   824  C  C   . LYS A 1 104 ? -11.058 20.648  9.898   1.00 34.47 ? 110 LYS A C   1 
ATOM   825  O  O   . LYS A 1 104 ? -12.099 20.608  9.219   1.00 32.96 ? 110 LYS A O   1 
ATOM   826  C  CB  . LYS A 1 104 ? -10.440 23.087  10.178  1.00 38.77 ? 110 LYS A CB  1 
ATOM   827  C  CG  . LYS A 1 104 ? -10.184 24.254  11.128  1.00 37.60 ? 110 LYS A CG  1 
ATOM   828  C  CD  . LYS A 1 104 ? -11.388 24.419  12.030  1.00 35.35 ? 110 LYS A CD  1 
ATOM   829  C  CE  . LYS A 1 104 ? -11.210 25.514  13.034  1.00 34.49 ? 110 LYS A CE  1 
ATOM   830  N  NZ  . LYS A 1 104 ? -12.448 25.610  13.868  1.00 32.95 ? 110 LYS A NZ  1 
ATOM   831  N  N   . GLU A 1 105 ? -10.108 19.716  9.817   1.00 29.21 ? 111 GLU A N   1 
ATOM   832  C  CA  . GLU A 1 105 ? -10.339 18.500  9.058   1.00 24.93 ? 111 GLU A CA  1 
ATOM   833  C  C   . GLU A 1 105 ? -10.262 17.261  9.934   1.00 24.15 ? 111 GLU A C   1 
ATOM   834  O  O   . GLU A 1 105 ? -9.315  16.492  9.825   1.00 25.38 ? 111 GLU A O   1 
ATOM   835  C  CB  . GLU A 1 105 ? -9.336  18.374  7.920   1.00 26.99 ? 111 GLU A CB  1 
ATOM   836  C  CG  . GLU A 1 105 ? -9.734  17.270  6.950   1.00 35.74 ? 111 GLU A CG  1 
ATOM   837  C  CD  . GLU A 1 105 ? -8.715  16.999  5.857   1.00 43.84 ? 111 GLU A CD  1 
ATOM   838  O  OE1 . GLU A 1 105 ? -8.578  15.807  5.497   1.00 44.90 ? 111 GLU A OE1 1 
ATOM   839  O  OE2 . GLU A 1 105 ? -8.076  17.957  5.349   1.00 47.16 ? 111 GLU A OE2 1 
ATOM   840  N  N   . PRO A 1 106 ? -11.245 17.061  10.817  1.00 20.17 ? 112 PRO A N   1 
ATOM   841  C  CA  . PRO A 1 106 ? -11.198 15.815  11.575  1.00 18.62 ? 112 PRO A CA  1 
ATOM   842  C  C   . PRO A 1 106 ? -11.449 14.608  10.708  1.00 21.42 ? 112 PRO A C   1 
ATOM   843  O  O   . PRO A 1 106 ? -11.985 14.718  9.607   1.00 22.40 ? 112 PRO A O   1 
ATOM   844  C  CB  . PRO A 1 106 ? -12.325 15.979  12.594  1.00 21.28 ? 112 PRO A CB  1 
ATOM   845  C  CG  . PRO A 1 106 ? -13.277 16.916  11.929  1.00 21.50 ? 112 PRO A CG  1 
ATOM   846  C  CD  . PRO A 1 106 ? -12.395 17.891  11.213  1.00 23.04 ? 112 PRO A CD  1 
ATOM   847  N  N   . MET A 1 107 ? -11.061 13.453  11.220  1.00 18.88 ? 113 MET A N   1 
ATOM   848  C  CA  . MET A 1 107 ? -11.352 12.203  10.572  1.00 16.40 ? 113 MET A CA  1 
ATOM   849  C  C   . MET A 1 107 ? -11.494 11.144  11.643  1.00 17.47 ? 113 MET A C   1 
ATOM   850  O  O   . MET A 1 107 ? -10.928 11.278  12.732  1.00 17.92 ? 113 MET A O   1 
ATOM   851  C  CB  . MET A 1 107 ? -10.271 11.839  9.559   1.00 16.50 ? 113 MET A CB  1 
ATOM   852  C  CG  . MET A 1 107 ? -10.709 10.712  8.626   1.00 15.02 ? 113 MET A CG  1 
ATOM   853  S  SD  . MET A 1 107 ? -12.371 10.945  7.905   1.00 19.57 ? 113 MET A SD  1 
ATOM   854  C  CE  . MET A 1 107 ? -12.214 12.494  7.017   1.00 16.20 ? 113 MET A CE  1 
ATOM   855  N  N   . ASP A 1 108 ? -12.298 10.122  11.360  1.00 16.60 ? 114 ASP A N   1 
ATOM   856  C  CA  . ASP A 1 108 ? -12.522 9.034   12.312  1.00 18.70 ? 114 ASP A CA  1 
ATOM   857  C  C   . ASP A 1 108 ? -12.934 7.783   11.534  1.00 18.50 ? 114 ASP A C   1 
ATOM   858  O  O   . ASP A 1 108 ? -13.284 7.887   10.362  1.00 14.85 ? 114 ASP A O   1 
ATOM   859  C  CB  . ASP A 1 108 ? -13.583 9.412   13.341  1.00 17.38 ? 114 ASP A CB  1 
ATOM   860  C  CG  . ASP A 1 108 ? -14.959 9.497   12.737  1.00 21.14 ? 114 ASP A CG  1 
ATOM   861  O  OD1 . ASP A 1 108 ? -15.391 10.608  12.332  1.00 21.04 ? 114 ASP A OD1 1 
ATOM   862  O  OD2 . ASP A 1 108 ? -15.601 8.432   12.638  1.00 21.31 ? 114 ASP A OD2 1 
ATOM   863  N  N   . LEU A 1 109 ? -12.899 6.615   12.169  1.00 15.97 ? 115 LEU A N   1 
ATOM   864  C  CA  . LEU A 1 109 ? -13.140 5.387   11.415  1.00 17.76 ? 115 LEU A CA  1 
ATOM   865  C  C   . LEU A 1 109 ? -14.588 5.270   10.941  1.00 19.65 ? 115 LEU A C   1 
ATOM   866  O  O   . LEU A 1 109 ? -14.843 4.658   9.897   1.00 19.13 ? 115 LEU A O   1 
ATOM   867  C  CB  . LEU A 1 109 ? -12.738 4.130   12.203  1.00 15.99 ? 115 LEU A CB  1 
ATOM   868  C  CG  . LEU A 1 109 ? -11.269 3.961   12.609  1.00 15.11 ? 115 LEU A CG  1 
ATOM   869  C  CD1 . LEU A 1 109 ? -11.133 2.817   13.608  1.00 14.75 ? 115 LEU A CD1 1 
ATOM   870  C  CD2 . LEU A 1 109 ? -10.343 3.761   11.414  1.00 11.77 ? 115 LEU A CD2 1 
ATOM   871  N  N   . ALA A 1 110 ? -15.531 5.844   11.687  1.00 22.68 ? 116 ALA A N   1 
ATOM   872  C  CA  . ALA A 1 110 ? -16.945 5.782   11.293  1.00 19.45 ? 116 ALA A CA  1 
ATOM   873  C  C   . ALA A 1 110 ? -17.170 6.602   10.021  1.00 20.23 ? 116 ALA A C   1 
ATOM   874  O  O   . ALA A 1 110 ? -17.846 6.155   9.077   1.00 22.07 ? 116 ALA A O   1 
ATOM   875  C  CB  . ALA A 1 110 ? -17.837 6.262   12.427  1.00 13.28 ? 116 ALA A CB  1 
ATOM   876  N  N   . THR A 1 111 ? -16.573 7.789   9.985   1.00 17.02 ? 117 THR A N   1 
ATOM   877  C  CA  . THR A 1 111 ? -16.670 8.656   8.817   1.00 20.46 ? 117 THR A CA  1 
ATOM   878  C  C   . THR A 1 111 ? -15.990 7.984   7.603   1.00 17.90 ? 117 THR A C   1 
ATOM   879  O  O   . THR A 1 111 ? -16.433 8.092   6.474   1.00 20.25 ? 117 THR A O   1 
ATOM   880  C  CB  . THR A 1 111 ? -16.024 10.041  9.100   1.00 19.53 ? 117 THR A CB  1 
ATOM   881  O  OG1 . THR A 1 111 ? -16.723 10.681  10.167  1.00 20.85 ? 117 THR A OG1 1 
ATOM   882  C  CG2 . THR A 1 111 ? -16.052 10.948  7.876   1.00 15.08 ? 117 THR A CG2 1 
ATOM   883  N  N   . MET A 1 112 ? -14.894 7.293   7.855   1.00 17.70 ? 118 MET A N   1 
ATOM   884  C  CA  . MET A 1 112 ? -14.187 6.609   6.797   1.00 18.28 ? 118 MET A CA  1 
ATOM   885  C  C   . MET A 1 112 ? -15.063 5.493   6.275   1.00 20.62 ? 118 MET A C   1 
ATOM   886  O  O   . MET A 1 112 ? -15.091 5.235   5.074   1.00 19.67 ? 118 MET A O   1 
ATOM   887  C  CB  . MET A 1 112 ? -12.835 6.074   7.273   1.00 13.08 ? 118 MET A CB  1 
ATOM   888  C  CG  . MET A 1 112 ? -11.801 7.177   7.448   1.00 13.85 ? 118 MET A CG  1 
ATOM   889  S  SD  . MET A 1 112 ? -10.106 6.572   7.548   1.00 15.54 ? 118 MET A SD  1 
ATOM   890  C  CE  . MET A 1 112 ? -9.896  5.934   5.860   1.00 11.39 ? 118 MET A CE  1 
ATOM   891  N  N   . GLU A 1 113 ? -15.799 4.846   7.173   1.00 20.20 ? 119 GLU A N   1 
ATOM   892  C  CA  . GLU A 1 113 ? -16.698 3.778   6.757   1.00 20.97 ? 119 GLU A CA  1 
ATOM   893  C  C   . GLU A 1 113 ? -17.798 4.345   5.847   1.00 22.74 ? 119 GLU A C   1 
ATOM   894  O  O   . GLU A 1 113 ? -18.180 3.701   4.855   1.00 23.31 ? 119 GLU A O   1 
ATOM   895  C  CB  . GLU A 1 113 ? -17.292 3.051   7.963   1.00 22.69 ? 119 GLU A CB  1 
ATOM   896  C  CG  . GLU A 1 113 ? -18.189 1.863   7.600   1.00 26.59 ? 119 GLU A CG  1 
ATOM   897  C  CD  . GLU A 1 113 ? -18.595 1.032   8.812   1.00 35.38 ? 119 GLU A CD  1 
ATOM   898  O  OE1 . GLU A 1 113 ? -17.942 1.136   9.868   1.00 27.31 ? 119 GLU A OE1 1 
ATOM   899  O  OE2 . GLU A 1 113 ? -19.573 0.261   8.703   1.00 50.45 ? 119 GLU A OE2 1 
ATOM   900  N  N   . GLU A 1 114 ? -18.313 5.527   6.193   1.00 21.39 ? 120 GLU A N   1 
ATOM   901  C  CA  . GLU A 1 114 ? -19.327 6.186   5.365   1.00 20.42 ? 120 GLU A CA  1 
ATOM   902  C  C   . GLU A 1 114 ? -18.752 6.527   3.989   1.00 22.45 ? 120 GLU A C   1 
ATOM   903  O  O   . GLU A 1 114 ? -19.399 6.363   2.969   1.00 24.83 ? 120 GLU A O   1 
ATOM   904  C  CB  . GLU A 1 114 ? -19.848 7.467   6.040   1.00 20.58 ? 120 GLU A CB  1 
ATOM   905  C  CG  . GLU A 1 114 ? -20.639 7.225   7.330   1.00 21.49 ? 120 GLU A CG  1 
ATOM   906  C  CD  . GLU A 1 114 ? -20.922 8.498   8.153   1.00 24.85 ? 120 GLU A CD  1 
ATOM   907  O  OE1 . GLU A 1 114 ? -20.305 9.569   7.912   1.00 23.40 ? 120 GLU A OE1 1 
ATOM   908  O  OE2 . GLU A 1 114 ? -21.779 8.414   9.057   1.00 25.01 ? 120 GLU A OE2 1 
ATOM   909  N  N   . ARG A 1 115 ? -17.521 7.015   3.973   1.00 20.50 ? 121 ARG A N   1 
ATOM   910  C  CA  . ARG A 1 115 ? -16.879 7.380   2.731   1.00 19.78 ? 121 ARG A CA  1 
ATOM   911  C  C   . ARG A 1 115 ? -16.624 6.140   1.869   1.00 23.55 ? 121 ARG A C   1 
ATOM   912  O  O   . ARG A 1 115 ? -16.722 6.184   0.629   1.00 24.28 ? 121 ARG A O   1 
ATOM   913  C  CB  . ARG A 1 115 ? -15.587 8.145   3.014   1.00 18.89 ? 121 ARG A CB  1 
ATOM   914  C  CG  . ARG A 1 115 ? -15.889 9.531   3.544   1.00 19.44 ? 121 ARG A CG  1 
ATOM   915  C  CD  . ARG A 1 115 ? -14.672 10.367  3.876   1.00 15.77 ? 121 ARG A CD  1 
ATOM   916  N  NE  . ARG A 1 115 ? -15.123 11.703  4.267   1.00 18.38 ? 121 ARG A NE  1 
ATOM   917  C  CZ  . ARG A 1 115 ? -14.365 12.799  4.258   1.00 18.66 ? 121 ARG A CZ  1 
ATOM   918  N  NH1 . ARG A 1 115 ? -13.117 12.723  3.819   1.00 15.63 ? 121 ARG A NH1 1 
ATOM   919  N  NH2 . ARG A 1 115 ? -14.877 13.978  4.624   1.00 13.83 ? 121 ARG A NH2 1 
ATOM   920  N  N   . VAL A 1 116 ? -16.316 5.026   2.509   1.00 19.86 ? 122 VAL A N   1 
ATOM   921  C  CA  . VAL A 1 116 ? -16.118 3.812   1.740   1.00 21.92 ? 122 VAL A CA  1 
ATOM   922  C  C   . VAL A 1 116 ? -17.460 3.358   1.187   1.00 22.70 ? 122 VAL A C   1 
ATOM   923  O  O   . VAL A 1 116 ? -17.576 3.073   -0.001  1.00 22.56 ? 122 VAL A O   1 
ATOM   924  C  CB  . VAL A 1 116 ? -15.485 2.668   2.572   1.00 24.02 ? 122 VAL A CB  1 
ATOM   925  C  CG1 . VAL A 1 116 ? -15.719 1.326   1.882   1.00 21.68 ? 122 VAL A CG1 1 
ATOM   926  C  CG2 . VAL A 1 116 ? -13.978 2.913   2.818   1.00 15.27 ? 122 VAL A CG2 1 
ATOM   927  N  N   . GLN A 1 117 ? -18.487 3.393   2.035   1.00 23.14 ? 123 GLN A N   1 
ATOM   928  C  CA  . GLN A 1 117 ? -19.804 2.938   1.648   1.00 22.53 ? 123 GLN A CA  1 
ATOM   929  C  C   . GLN A 1 117 ? -20.300 3.656   0.387   1.00 27.74 ? 123 GLN A C   1 
ATOM   930  O  O   . GLN A 1 117 ? -20.827 3.002   -0.520  1.00 30.53 ? 123 GLN A O   1 
ATOM   931  C  CB  . GLN A 1 117 ? -20.836 3.130   2.786   1.00 22.53 ? 123 GLN A CB  1 
ATOM   932  C  CG  . GLN A 1 117 ? -20.777 2.137   3.953   1.00 23.04 ? 123 GLN A CG  1 
ATOM   933  C  CD  . GLN A 1 117 ? -21.640 2.547   5.154   1.00 22.95 ? 123 GLN A CD  1 
ATOM   934  O  OE1 . GLN A 1 117 ? -21.172 3.172   6.110   1.00 34.43 ? 123 GLN A OE1 1 
ATOM   935  N  NE2 . GLN A 1 117 ? -22.909 2.171   5.114   1.00 29.44 ? 123 GLN A NE2 1 
ATOM   936  N  N   . ARG A 1 118 ? -20.096 4.973   0.294   1.00 25.89 ? 124 ARG A N   1 
ATOM   937  C  CA  . ARG A 1 118 ? -20.592 5.730   -0.858  1.00 22.34 ? 124 ARG A CA  1 
ATOM   938  C  C   . ARG A 1 118 ? -19.543 5.932   -1.984  1.00 21.37 ? 124 ARG A C   1 
ATOM   939  O  O   . ARG A 1 118 ? -19.725 6.746   -2.901  1.00 17.32 ? 124 ARG A O   1 
ATOM   940  C  CB  . ARG A 1 118 ? -21.149 7.069   -0.375  1.00 20.23 ? 124 ARG A CB  1 
ATOM   941  C  CG  . ARG A 1 118 ? -20.125 8.100   0.086   1.00 24.02 ? 124 ARG A CG  1 
ATOM   942  C  CD  . ARG A 1 118 ? -20.833 9.441   0.357   1.00 21.65 ? 124 ARG A CD  1 
ATOM   943  N  NE  . ARG A 1 118 ? -19.909 10.527  0.719   1.00 20.38 ? 124 ARG A NE  1 
ATOM   944  C  CZ  . ARG A 1 118 ? -19.562 10.841  1.967   1.00 20.96 ? 124 ARG A CZ  1 
ATOM   945  N  NH1 . ARG A 1 118 ? -20.049 10.166  3.005   1.00 23.88 ? 124 ARG A NH1 1 
ATOM   946  N  NH2 . ARG A 1 118 ? -18.732 11.842  2.189   1.00 24.94 ? 124 ARG A NH2 1 
ATOM   947  N  N   . ARG A 1 119 ? -18.455 5.175   -1.904  1.00 23.33 ? 125 ARG A N   1 
ATOM   948  C  CA  . ARG A 1 119 ? -17.357 5.285   -2.853  1.00 20.47 ? 125 ARG A CA  1 
ATOM   949  C  C   . ARG A 1 119 ? -16.848 6.707   -3.014  1.00 22.56 ? 125 ARG A C   1 
ATOM   950  O  O   . ARG A 1 119 ? -16.626 7.172   -4.137  1.00 27.24 ? 125 ARG A O   1 
ATOM   951  C  CB  . ARG A 1 119 ? -17.775 4.726   -4.193  1.00 20.20 ? 125 ARG A CB  1 
ATOM   952  C  CG  . ARG A 1 119 ? -18.156 3.307   -4.079  1.00 28.35 ? 125 ARG A CG  1 
ATOM   953  C  CD  . ARG A 1 119 ? -17.988 2.548   -5.360  1.00 32.79 ? 125 ARG A CD  1 
ATOM   954  N  NE  . ARG A 1 119 ? -18.170 1.137   -5.054  1.00 41.32 ? 125 ARG A NE  1 
ATOM   955  C  CZ  . ARG A 1 119 ? -18.171 0.156   -5.948  1.00 43.57 ? 125 ARG A CZ  1 
ATOM   956  N  NH1 . ARG A 1 119 ? -17.999 0.423   -7.236  1.00 40.73 ? 125 ARG A NH1 1 
ATOM   957  N  NH2 . ARG A 1 119 ? -18.347 -1.096  -5.535  1.00 47.32 ? 125 ARG A NH2 1 
ATOM   958  N  N   . TYR A 1 120 ? -16.704 7.413   -1.899  1.00 19.75 ? 126 TYR A N   1 
ATOM   959  C  CA  . TYR A 1 120 ? -15.990 8.681   -1.894  1.00 20.97 ? 126 TYR A CA  1 
ATOM   960  C  C   . TYR A 1 120 ? -14.522 8.466   -2.337  1.00 18.40 ? 126 TYR A C   1 
ATOM   961  O  O   . TYR A 1 120 ? -13.966 9.279   -3.037  1.00 21.95 ? 126 TYR A O   1 
ATOM   962  C  CB  . TYR A 1 120 ? -16.096 9.309   -0.502  1.00 19.61 ? 126 TYR A CB  1 
ATOM   963  C  CG  . TYR A 1 120 ? -15.187 10.480  -0.191  1.00 21.72 ? 126 TYR A CG  1 
ATOM   964  C  CD1 . TYR A 1 120 ? -15.661 11.791  -0.257  1.00 20.04 ? 126 TYR A CD1 1 
ATOM   965  C  CD2 . TYR A 1 120 ? -13.872 10.275  0.232   1.00 18.28 ? 126 TYR A CD2 1 
ATOM   966  C  CE1 . TYR A 1 120 ? -14.842 12.856  0.062   1.00 18.74 ? 126 TYR A CE1 1 
ATOM   967  C  CE2 . TYR A 1 120 ? -13.060 11.324  0.565   1.00 18.75 ? 126 TYR A CE2 1 
ATOM   968  C  CZ  . TYR A 1 120 ? -13.539 12.613  0.474   1.00 21.91 ? 126 TYR A CZ  1 
ATOM   969  O  OH  . TYR A 1 120 ? -12.703 13.664  0.788   1.00 24.75 ? 126 TYR A OH  1 
ATOM   970  N  N   . TYR A 1 121 ? -13.913 7.352   -1.956  1.00 18.15 ? 127 TYR A N   1 
ATOM   971  C  CA  . TYR A 1 121 ? -12.548 7.052   -2.383  1.00 18.20 ? 127 TYR A CA  1 
ATOM   972  C  C   . TYR A 1 121 ? -12.547 6.368   -3.746  1.00 19.48 ? 127 TYR A C   1 
ATOM   973  O  O   . TYR A 1 121 ? -13.361 5.486   -3.994  1.00 21.10 ? 127 TYR A O   1 
ATOM   974  C  CB  . TYR A 1 121 ? -11.833 6.162   -1.356  1.00 19.65 ? 127 TYR A CB  1 
ATOM   975  C  CG  . TYR A 1 121 ? -11.858 6.707   0.057   1.00 19.79 ? 127 TYR A CG  1 
ATOM   976  C  CD1 . TYR A 1 121 ? -11.206 7.895   0.377   1.00 17.12 ? 127 TYR A CD1 1 
ATOM   977  C  CD2 . TYR A 1 121 ? -12.545 6.033   1.069   1.00 17.33 ? 127 TYR A CD2 1 
ATOM   978  C  CE1 . TYR A 1 121 ? -11.226 8.400   1.668   1.00 19.32 ? 127 TYR A CE1 1 
ATOM   979  C  CE2 . TYR A 1 121 ? -12.570 6.524   2.369   1.00 17.82 ? 127 TYR A CE2 1 
ATOM   980  C  CZ  . TYR A 1 121 ? -11.912 7.712   2.663   1.00 18.28 ? 127 TYR A CZ  1 
ATOM   981  O  OH  . TYR A 1 121 ? -11.941 8.209   3.945   1.00 15.81 ? 127 TYR A OH  1 
ATOM   982  N  N   . GLU A 1 122 ? -11.627 6.786   -4.614  1.00 19.31 ? 128 GLU A N   1 
ATOM   983  C  CA  . GLU A 1 122 ? -11.465 6.232   -5.953  1.00 22.75 ? 128 GLU A CA  1 
ATOM   984  C  C   . GLU A 1 122 ? -10.076 5.611   -6.151  1.00 24.37 ? 128 GLU A C   1 
ATOM   985  O  O   . GLU A 1 122 ? -9.846  4.830   -7.095  1.00 20.74 ? 128 GLU A O   1 
ATOM   986  C  CB  . GLU A 1 122 ? -11.694 7.320   -6.992  1.00 26.49 ? 128 GLU A CB  1 
ATOM   987  C  CG  . GLU A 1 122 ? -13.158 7.685   -7.207  1.00 33.75 ? 128 GLU A CG  1 
ATOM   988  C  CD  . GLU A 1 122 ? -13.324 9.063   -7.823  1.00 42.12 ? 128 GLU A CD  1 
ATOM   989  O  OE1 . GLU A 1 122 ? -12.694 10.029  -7.315  1.00 42.79 ? 128 GLU A OE1 1 
ATOM   990  O  OE2 . GLU A 1 122 ? -14.084 9.172   -8.808  1.00 45.88 ? 128 GLU A OE2 1 
ATOM   991  N  N   . LYS A 1 123 ? -9.159  5.987   -5.258  1.00 20.24 ? 129 LYS A N   1 
ATOM   992  C  CA  . LYS A 1 123 ? -7.798  5.475   -5.250  1.00 20.18 ? 129 LYS A CA  1 
ATOM   993  C  C   . LYS A 1 123 ? -7.380  5.133   -3.815  1.00 21.01 ? 129 LYS A C   1 
ATOM   994  O  O   . LYS A 1 123 ? -7.762  5.835   -2.855  1.00 19.44 ? 129 LYS A O   1 
ATOM   995  C  CB  . LYS A 1 123 ? -6.829  6.499   -5.811  1.00 21.68 ? 129 LYS A CB  1 
ATOM   996  C  CG  . LYS A 1 123 ? -7.184  7.119   -7.137  1.00 21.58 ? 129 LYS A CG  1 
ATOM   997  C  CD  . LYS A 1 123 ? -6.196  8.251   -7.424  1.00 21.16 ? 129 LYS A CD  1 
ATOM   998  C  CE  . LYS A 1 123 ? -6.590  9.045   -8.643  1.00 23.27 ? 129 LYS A CE  1 
ATOM   999  N  NZ  . LYS A 1 123 ? -7.998  9.456   -8.455  1.00 28.62 ? 129 LYS A NZ  1 
ATOM   1000 N  N   . LEU A 1 124 ? -6.576  4.083   -3.673  1.00 15.63 ? 130 LEU A N   1 
ATOM   1001 C  CA  . LEU A 1 124 ? -6.082  3.678   -2.364  1.00 20.31 ? 130 LEU A CA  1 
ATOM   1002 C  C   . LEU A 1 124 ? -5.393  4.844   -1.661  1.00 19.83 ? 130 LEU A C   1 
ATOM   1003 O  O   . LEU A 1 124 ? -5.548  5.017   -0.457  1.00 19.84 ? 130 LEU A O   1 
ATOM   1004 C  CB  . LEU A 1 124 ? -5.115  2.508   -2.482  1.00 20.67 ? 130 LEU A CB  1 
ATOM   1005 C  CG  . LEU A 1 124 ? -4.587  1.935   -1.170  1.00 14.93 ? 130 LEU A CG  1 
ATOM   1006 C  CD1 . LEU A 1 124 ? -5.747  1.511   -0.289  1.00 12.78 ? 130 LEU A CD1 1 
ATOM   1007 C  CD2 . LEU A 1 124 ? -3.713  0.735   -1.504  1.00 13.72 ? 130 LEU A CD2 1 
ATOM   1008 N  N   . THR A 1 125 ? -4.708  5.680   -2.434  1.00 18.74 ? 131 THR A N   1 
ATOM   1009 C  CA  . THR A 1 125 ? -4.016  6.842   -1.873  1.00 19.58 ? 131 THR A CA  1 
ATOM   1010 C  C   . THR A 1 125 ? -4.926  7.783   -1.092  1.00 16.36 ? 131 THR A C   1 
ATOM   1011 O  O   . THR A 1 125 ? -4.508  8.345   -0.090  1.00 18.28 ? 131 THR A O   1 
ATOM   1012 C  CB  . THR A 1 125 ? -3.260  7.652   -2.980  1.00 22.31 ? 131 THR A CB  1 
ATOM   1013 O  OG1 . THR A 1 125 ? -2.607  8.750   -2.348  1.00 25.28 ? 131 THR A OG1 1 
ATOM   1014 C  CG2 . THR A 1 125 ? -4.188  8.251   -4.033  1.00 14.14 ? 131 THR A CG2 1 
ATOM   1015 N  N   . GLU A 1 126 ? -6.174  7.912   -1.516  1.00 14.19 ? 132 GLU A N   1 
ATOM   1016 C  CA  . GLU A 1 126 ? -7.125  8.785   -0.837  1.00 19.19 ? 132 GLU A CA  1 
ATOM   1017 C  C   . GLU A 1 126 ? -7.548  8.231   0.519   1.00 15.73 ? 132 GLU A C   1 
ATOM   1018 O  O   . GLU A 1 126 ? -7.657  8.968   1.498   1.00 17.20 ? 132 GLU A O   1 
ATOM   1019 C  CB  . GLU A 1 126 ? -8.329  9.007   -1.764  1.00 15.90 ? 132 GLU A CB  1 
ATOM   1020 C  CG  . GLU A 1 126 ? -7.917  9.738   -3.012  1.00 16.21 ? 132 GLU A CG  1 
ATOM   1021 C  CD  . GLU A 1 126 ? -8.923  9.658   -4.144  1.00 19.73 ? 132 GLU A CD  1 
ATOM   1022 O  OE1 . GLU A 1 126 ? -9.894  8.887   -4.063  1.00 19.84 ? 132 GLU A OE1 1 
ATOM   1023 O  OE2 . GLU A 1 126 ? -8.732  10.371  -5.142  1.00 25.36 ? 132 GLU A OE2 1 
ATOM   1024 N  N   . PHE A 1 127 ? -7.713  6.912   0.563   1.00 18.58 ? 133 PHE A N   1 
ATOM   1025 C  CA  . PHE A 1 127 ? -8.102  6.171   1.759   1.00 17.08 ? 133 PHE A CA  1 
ATOM   1026 C  C   . PHE A 1 127 ? -6.992  6.242   2.792   1.00 15.09 ? 133 PHE A C   1 
ATOM   1027 O  O   . PHE A 1 127 ? -7.226  6.509   3.982   1.00 15.26 ? 133 PHE A O   1 
ATOM   1028 C  CB  . PHE A 1 127 ? -8.383  4.709   1.388   1.00 15.82 ? 133 PHE A CB  1 
ATOM   1029 C  CG  . PHE A 1 127 ? -8.700  3.825   2.561   1.00 16.30 ? 133 PHE A CG  1 
ATOM   1030 C  CD1 . PHE A 1 127 ? -10.008 3.674   2.983   1.00 14.01 ? 133 PHE A CD1 1 
ATOM   1031 C  CD2 . PHE A 1 127 ? -7.702  3.162   3.247   1.00 16.31 ? 133 PHE A CD2 1 
ATOM   1032 C  CE1 . PHE A 1 127 ? -10.303 2.881   4.038   1.00 15.44 ? 133 PHE A CE1 1 
ATOM   1033 C  CE2 . PHE A 1 127 ? -7.995  2.375   4.309   1.00 12.64 ? 133 PHE A CE2 1 
ATOM   1034 C  CZ  . PHE A 1 127 ? -9.297  2.238   4.712   1.00 16.78 ? 133 PHE A CZ  1 
ATOM   1035 N  N   . VAL A 1 128 ? -5.775  6.010   2.309   1.00 16.32 ? 134 VAL A N   1 
ATOM   1036 C  CA  . VAL A 1 128 ? -4.586  6.078   3.134   1.00 15.14 ? 134 VAL A CA  1 
ATOM   1037 C  C   . VAL A 1 128 ? -4.416  7.518   3.635   1.00 16.53 ? 134 VAL A C   1 
ATOM   1038 O  O   . VAL A 1 128 ? -4.026  7.744   4.782   1.00 18.74 ? 134 VAL A O   1 
ATOM   1039 C  CB  . VAL A 1 128 ? -3.338  5.657   2.356   1.00 18.46 ? 134 VAL A CB  1 
ATOM   1040 C  CG1 . VAL A 1 128 ? -2.071  5.908   3.203   1.00 13.13 ? 134 VAL A CG1 1 
ATOM   1041 C  CG2 . VAL A 1 128 ? -3.445  4.206   1.954   1.00 15.93 ? 134 VAL A CG2 1 
ATOM   1042 N  N   . ALA A 1 129 ? -4.776  8.497   2.805   1.00 15.76 ? 135 ALA A N   1 
ATOM   1043 C  CA  . ALA A 1 129 ? -4.652  9.893   3.234   1.00 15.28 ? 135 ALA A CA  1 
ATOM   1044 C  C   . ALA A 1 129 ? -5.580  10.167  4.398   1.00 16.57 ? 135 ALA A C   1 
ATOM   1045 O  O   . ALA A 1 129 ? -5.183  10.820  5.356   1.00 17.96 ? 135 ALA A O   1 
ATOM   1046 C  CB  . ALA A 1 129 ? -4.957  10.843  2.104   1.00 14.06 ? 135 ALA A CB  1 
ATOM   1047 N  N   . ASP A 1 130 ? -6.814  9.674   4.323   1.00 16.15 ? 136 ASP A N   1 
ATOM   1048 C  CA  . ASP A 1 130 ? -7.732  9.872   5.452   1.00 16.68 ? 136 ASP A CA  1 
ATOM   1049 C  C   . ASP A 1 130 ? -7.293  9.105   6.716   1.00 17.46 ? 136 ASP A C   1 
ATOM   1050 O  O   . ASP A 1 130 ? -7.381  9.642   7.825   1.00 23.69 ? 136 ASP A O   1 
ATOM   1051 C  CB  . ASP A 1 130 ? -9.157  9.471   5.058   1.00 18.89 ? 136 ASP A CB  1 
ATOM   1052 C  CG  . ASP A 1 130 ? -9.936  10.632  4.457   1.00 19.73 ? 136 ASP A CG  1 
ATOM   1053 O  OD1 . ASP A 1 130 ? -9.327  11.727  4.362   1.00 18.76 ? 136 ASP A OD1 1 
ATOM   1054 O  OD2 . ASP A 1 130 ? -11.119 10.440  4.062   1.00 17.57 ? 136 ASP A OD2 1 
ATOM   1055 N  N   . MET A 1 131 ? -6.771  7.887   6.570   1.00 17.55 ? 137 MET A N   1 
ATOM   1056 C  CA  . MET A 1 131 ? -6.325  7.124   7.748   1.00 17.01 ? 137 MET A CA  1 
ATOM   1057 C  C   . MET A 1 131 ? -5.153  7.877   8.445   1.00 19.55 ? 137 MET A C   1 
ATOM   1058 O  O   . MET A 1 131 ? -5.066  8.041   9.709   1.00 19.60 ? 137 MET A O   1 
ATOM   1059 C  CB  . MET A 1 131 ? -5.897  5.718   7.330   1.00 15.38 ? 137 MET A CB  1 
ATOM   1060 C  CG  . MET A 1 131 ? -5.626  4.751   8.472   1.00 18.39 ? 137 MET A CG  1 
ATOM   1061 S  SD  . MET A 1 131 ? -7.130  4.367   9.399   1.00 19.68 ? 137 MET A SD  1 
ATOM   1062 C  CE  . MET A 1 131 ? -8.075  3.467   8.163   1.00 19.06 ? 137 MET A CE  1 
ATOM   1063 N  N   . THR A 1 132 ? -4.252  8.361   7.606   1.00 18.43 ? 138 THR A N   1 
ATOM   1064 C  CA  . THR A 1 132 ? -3.124  9.139   8.096   1.00 17.67 ? 138 THR A CA  1 
ATOM   1065 C  C   . THR A 1 132 ? -3.619  10.427  8.738   1.00 19.28 ? 138 THR A C   1 
ATOM   1066 O  O   . THR A 1 132 ? -3.065  10.896  9.723   1.00 19.12 ? 138 THR A O   1 
ATOM   1067 C  CB  . THR A 1 132 ? -2.156  9.461   6.967   1.00 19.90 ? 138 THR A CB  1 
ATOM   1068 O  OG1 . THR A 1 132 ? -1.731  8.230   6.362   1.00 20.65 ? 138 THR A OG1 1 
ATOM   1069 C  CG2 . THR A 1 132 ? -0.967  10.244  7.481   1.00 16.06 ? 138 THR A CG2 1 
ATOM   1070 N  N   . LYS A 1 133 ? -4.713  10.965  8.212   1.00 18.88 ? 139 LYS A N   1 
ATOM   1071 C  CA  . LYS A 1 133 ? -5.249  12.194  8.750   1.00 19.57 ? 139 LYS A CA  1 
ATOM   1072 C  C   . LYS A 1 133 ? -5.701  11.929  10.183  1.00 20.83 ? 139 LYS A C   1 
ATOM   1073 O  O   . LYS A 1 133 ? -5.470  12.753  11.080  1.00 21.03 ? 139 LYS A O   1 
ATOM   1074 C  CB  . LYS A 1 133 ? -6.410  12.706  7.913   1.00 22.17 ? 139 LYS A CB  1 
ATOM   1075 C  CG  . LYS A 1 133 ? -6.885  14.052  8.376   1.00 24.49 ? 139 LYS A CG  1 
ATOM   1076 C  CD  . LYS A 1 133 ? -6.286  15.108  7.461   1.00 29.01 ? 139 LYS A CD  1 
ATOM   1077 C  CE  . LYS A 1 133 ? -6.223  16.465  8.115   1.00 35.97 ? 139 LYS A CE  1 
ATOM   1078 N  NZ  . LYS A 1 133 ? -5.217  17.339  7.439   1.00 41.06 ? 139 LYS A NZ  1 
ATOM   1079 N  N   . ILE A 1 134 ? -6.287  10.753  10.411  1.00 19.15 ? 140 ILE A N   1 
ATOM   1080 C  CA  . ILE A 1 134 ? -6.691  10.394  11.772  1.00 19.20 ? 140 ILE A CA  1 
ATOM   1081 C  C   . ILE A 1 134 ? -5.490  10.402  12.720  1.00 19.05 ? 140 ILE A C   1 
ATOM   1082 O  O   . ILE A 1 134 ? -5.474  11.091  13.767  1.00 18.42 ? 140 ILE A O   1 
ATOM   1083 C  CB  . ILE A 1 134 ? -7.345  8.994   11.817  1.00 16.60 ? 140 ILE A CB  1 
ATOM   1084 C  CG1 . ILE A 1 134 ? -8.720  9.023   11.129  1.00 18.17 ? 140 ILE A CG1 1 
ATOM   1085 C  CG2 . ILE A 1 134 ? -7.478  8.505   13.248  1.00 15.00 ? 140 ILE A CG2 1 
ATOM   1086 C  CD1 . ILE A 1 134 ? -9.466  7.681   11.127  1.00 14.75 ? 140 ILE A CD1 1 
ATOM   1087 N  N   . PHE A 1 135 ? -4.431  9.717   12.315  1.00 19.30 ? 141 PHE A N   1 
ATOM   1088 C  CA  . PHE A 1 135 ? -3.310  9.624   13.249  1.00 17.71 ? 141 PHE A CA  1 
ATOM   1089 C  C   . PHE A 1 135 ? -2.555  10.947  13.436  1.00 20.19 ? 141 PHE A C   1 
ATOM   1090 O  O   . PHE A 1 135 ? -2.213  11.311  14.559  1.00 21.35 ? 141 PHE A O   1 
ATOM   1091 C  CB  . PHE A 1 135 ? -2.370  8.515   12.797  1.00 16.74 ? 141 PHE A CB  1 
ATOM   1092 C  CG  . PHE A 1 135 ? -3.056  7.189   12.634  1.00 16.31 ? 141 PHE A CG  1 
ATOM   1093 C  CD1 . PHE A 1 135 ? -3.940  6.734   13.606  1.00 20.47 ? 141 PHE A CD1 1 
ATOM   1094 C  CD2 . PHE A 1 135 ? -2.911  6.447   11.483  1.00 17.31 ? 141 PHE A CD2 1 
ATOM   1095 C  CE1 . PHE A 1 135 ? -4.598  5.510   13.472  1.00 17.15 ? 141 PHE A CE1 1 
ATOM   1096 C  CE2 . PHE A 1 135 ? -3.581  5.237   11.332  1.00 16.85 ? 141 PHE A CE2 1 
ATOM   1097 C  CZ  . PHE A 1 135 ? -4.419  4.772   12.338  1.00 16.01 ? 141 PHE A CZ  1 
ATOM   1098 N  N   . ASP A 1 136 ? -2.365  11.703  12.363  1.00 19.51 ? 142 ASP A N   1 
ATOM   1099 C  CA  . ASP A 1 136 ? -1.668  12.987  12.436  1.00 18.02 ? 142 ASP A CA  1 
ATOM   1100 C  C   . ASP A 1 136 ? -2.480  14.028  13.244  1.00 19.97 ? 142 ASP A C   1 
ATOM   1101 O  O   . ASP A 1 136 ? -1.889  14.832  13.954  1.00 20.28 ? 142 ASP A O   1 
ATOM   1102 C  CB  . ASP A 1 136 ? -1.359  13.492  11.028  1.00 16.98 ? 142 ASP A CB  1 
ATOM   1103 C  CG  . ASP A 1 136 ? -0.221  12.712  10.369  1.00 20.71 ? 142 ASP A CG  1 
ATOM   1104 O  OD1 . ASP A 1 136 ? 0.510   11.980  11.066  1.00 21.88 ? 142 ASP A OD1 1 
ATOM   1105 O  OD2 . ASP A 1 136 ? -0.067  12.806  9.139   1.00 23.63 ? 142 ASP A OD2 1 
ATOM   1106 N  N   . ASN A 1 137 ? -3.815  14.028  13.125  1.00 20.14 ? 143 ASN A N   1 
ATOM   1107 C  CA  . ASN A 1 137 ? -4.641  14.938  13.920  1.00 21.75 ? 143 ASN A CA  1 
ATOM   1108 C  C   . ASN A 1 137 ? -4.386  14.629  15.365  1.00 22.91 ? 143 ASN A C   1 
ATOM   1109 O  O   . ASN A 1 137 ? -4.171  15.532  16.195  1.00 21.82 ? 143 ASN A O   1 
ATOM   1110 C  CB  . ASN A 1 137 ? -6.165  14.778  13.690  1.00 22.65 ? 143 ASN A CB  1 
ATOM   1111 C  CG  . ASN A 1 137 ? -6.701  15.486  12.452  1.00 22.21 ? 143 ASN A CG  1 
ATOM   1112 O  OD1 . ASN A 1 137 ? -6.075  16.363  11.861  1.00 23.62 ? 143 ASN A OD1 1 
ATOM   1113 N  ND2 . ASN A 1 137 ? -7.940  15.169  12.131  1.00 20.52 ? 143 ASN A ND2 1 
ATOM   1114 N  N   . CYS A 1 138 ? -4.407  13.328  15.655  1.00 19.62 ? 144 CYS A N   1 
ATOM   1115 C  CA  . CYS A 1 138 ? -4.208  12.905  17.016  1.00 19.40 ? 144 CYS A CA  1 
ATOM   1116 C  C   . CYS A 1 138 ? -2.823  13.345  17.561  1.00 21.27 ? 144 CYS A C   1 
ATOM   1117 O  O   . CYS A 1 138 ? -2.719  13.980  18.626  1.00 16.80 ? 144 CYS A O   1 
ATOM   1118 C  CB  . CYS A 1 138 ? -4.357  11.390  17.094  1.00 21.66 ? 144 CYS A CB  1 
ATOM   1119 S  SG  . CYS A 1 138 ? -4.288  10.724  18.741  1.00 20.68 ? 144 CYS A SG  1 
ATOM   1120 N  N   . ARG A 1 139 ? -1.777  13.084  16.786  1.00 21.24 ? 145 ARG A N   1 
ATOM   1121 C  CA  . ARG A 1 139 ? -0.427  13.405  17.225  1.00 20.31 ? 145 ARG A CA  1 
ATOM   1122 C  C   . ARG A 1 139 ? -0.182  14.920  17.299  1.00 21.23 ? 145 ARG A C   1 
ATOM   1123 O  O   . ARG A 1 139 ? 0.730   15.362  17.974  1.00 18.29 ? 145 ARG A O   1 
ATOM   1124 C  CB  . ARG A 1 139 ? 0.606   12.719  16.325  1.00 17.57 ? 145 ARG A CB  1 
ATOM   1125 C  CG  . ARG A 1 139 ? 0.707   11.200  16.553  1.00 20.48 ? 145 ARG A CG  1 
ATOM   1126 C  CD  . ARG A 1 139 ? 1.858   10.559  15.758  1.00 17.94 ? 145 ARG A CD  1 
ATOM   1127 N  NE  . ARG A 1 139 ? 1.551   10.606  14.336  1.00 21.92 ? 145 ARG A NE  1 
ATOM   1128 C  CZ  . ARG A 1 139 ? 1.222   9.555   13.598  1.00 20.64 ? 145 ARG A CZ  1 
ATOM   1129 N  NH1 . ARG A 1 139 ? 1.201   8.326   14.126  1.00 14.35 ? 145 ARG A NH1 1 
ATOM   1130 N  NH2 . ARG A 1 139 ? 0.946   9.744   12.313  1.00 19.99 ? 145 ARG A NH2 1 
ATOM   1131 N  N   . TYR A 1 140 ? -1.000  15.701  16.601  1.00 20.71 ? 146 TYR A N   1 
ATOM   1132 C  CA  . TYR A 1 140 ? -0.905  17.161  16.603  1.00 21.18 ? 146 TYR A CA  1 
ATOM   1133 C  C   . TYR A 1 140 ? -1.582  17.753  17.831  1.00 21.55 ? 146 TYR A C   1 
ATOM   1134 O  O   . TYR A 1 140 ? -1.189  18.788  18.355  1.00 24.12 ? 146 TYR A O   1 
ATOM   1135 C  CB  . TYR A 1 140 ? -1.588  17.716  15.354  1.00 20.78 ? 146 TYR A CB  1 
ATOM   1136 C  CG  . TYR A 1 140 ? -1.608  19.220  15.175  1.00 20.75 ? 146 TYR A CG  1 
ATOM   1137 C  CD1 . TYR A 1 140 ? -0.426  19.941  15.037  1.00 27.81 ? 146 TYR A CD1 1 
ATOM   1138 C  CD2 . TYR A 1 140 ? -2.812  19.913  15.084  1.00 25.68 ? 146 TYR A CD2 1 
ATOM   1139 C  CE1 . TYR A 1 140 ? -0.432  21.310  14.834  1.00 26.94 ? 146 TYR A CE1 1 
ATOM   1140 C  CE2 . TYR A 1 140 ? -2.836  21.289  14.883  1.00 29.25 ? 146 TYR A CE2 1 
ATOM   1141 C  CZ  . TYR A 1 140 ? -1.636  21.975  14.754  1.00 33.50 ? 146 TYR A CZ  1 
ATOM   1142 O  OH  . TYR A 1 140 ? -1.631  23.329  14.547  1.00 37.93 ? 146 TYR A OH  1 
ATOM   1143 N  N   . TYR A 1 141 ? -2.639  17.087  18.256  1.00 18.46 ? 147 TYR A N   1 
ATOM   1144 C  CA  . TYR A 1 141 ? -3.453  17.555  19.345  1.00 19.98 ? 147 TYR A CA  1 
ATOM   1145 C  C   . TYR A 1 141 ? -3.032  17.106  20.751  1.00 23.47 ? 147 TYR A C   1 
ATOM   1146 O  O   . TYR A 1 141 ? -3.403  17.753  21.726  1.00 22.35 ? 147 TYR A O   1 
ATOM   1147 C  CB  . TYR A 1 141 ? -4.890  17.131  19.067  1.00 20.34 ? 147 TYR A CB  1 
ATOM   1148 C  CG  . TYR A 1 141 ? -5.906  17.766  19.962  1.00 22.92 ? 147 TYR A CG  1 
ATOM   1149 C  CD1 . TYR A 1 141 ? -6.275  19.104  19.805  1.00 22.96 ? 147 TYR A CD1 1 
ATOM   1150 C  CD2 . TYR A 1 141 ? -6.526  17.015  20.954  1.00 22.06 ? 147 TYR A CD2 1 
ATOM   1151 C  CE1 . TYR A 1 141 ? -7.224  19.676  20.633  1.00 26.32 ? 147 TYR A CE1 1 
ATOM   1152 C  CE2 . TYR A 1 141 ? -7.482  17.567  21.771  1.00 24.68 ? 147 TYR A CE2 1 
ATOM   1153 C  CZ  . TYR A 1 141 ? -7.827  18.893  21.611  1.00 28.49 ? 147 TYR A CZ  1 
ATOM   1154 O  OH  . TYR A 1 141 ? -8.775  19.410  22.449  1.00 36.03 ? 147 TYR A OH  1 
ATOM   1155 N  N   . ASN A 1 142 ? -2.279  16.005  20.840  1.00 22.35 ? 148 ASN A N   1 
ATOM   1156 C  CA  . ASN A 1 142 ? -1.935  15.350  22.106  1.00 20.11 ? 148 ASN A CA  1 
ATOM   1157 C  C   . ASN A 1 142 ? -0.442  15.199  22.290  1.00 18.15 ? 148 ASN A C   1 
ATOM   1158 O  O   . ASN A 1 142 ? 0.264   15.032  21.327  1.00 20.53 ? 148 ASN A O   1 
ATOM   1159 C  CB  . ASN A 1 142 ? -2.562  13.947  22.187  1.00 21.75 ? 148 ASN A CB  1 
ATOM   1160 C  CG  . ASN A 1 142 ? -4.055  13.974  22.230  1.00 16.43 ? 148 ASN A CG  1 
ATOM   1161 O  OD1 . ASN A 1 142 ? -4.641  14.224  23.278  1.00 19.04 ? 148 ASN A OD1 1 
ATOM   1162 N  ND2 . ASN A 1 142 ? -4.688  13.692  21.102  1.00 16.86 ? 148 ASN A ND2 1 
ATOM   1163 N  N   . PRO A 1 143 ? 0.037   15.237  23.536  1.00 21.82 ? 149 PRO A N   1 
ATOM   1164 C  CA  . PRO A 1 143 ? 1.466   15.044  23.849  1.00 23.61 ? 149 PRO A CA  1 
ATOM   1165 C  C   . PRO A 1 143 ? 1.940   13.631  23.519  1.00 22.01 ? 149 PRO A C   1 
ATOM   1166 O  O   . PRO A 1 143 ? 1.125   12.709  23.561  1.00 26.00 ? 149 PRO A O   1 
ATOM   1167 C  CB  . PRO A 1 143 ? 1.541   15.303  25.367  1.00 24.97 ? 149 PRO A CB  1 
ATOM   1168 C  CG  . PRO A 1 143 ? 0.295   16.142  25.673  1.00 25.77 ? 149 PRO A CG  1 
ATOM   1169 C  CD  . PRO A 1 143 ? -0.753  15.637  24.720  1.00 24.80 ? 149 PRO A CD  1 
ATOM   1170 N  N   . SER A 1 144 ? 3.222   13.459  23.221  1.00 17.76 ? 150 SER A N   1 
ATOM   1171 C  CA  . SER A 1 144 ? 3.735   12.186  22.708  1.00 22.60 ? 150 SER A CA  1 
ATOM   1172 C  C   . SER A 1 144 ? 3.846   11.083  23.759  1.00 28.69 ? 150 SER A C   1 
ATOM   1173 O  O   . SER A 1 144 ? 4.002   9.899   23.425  1.00 27.17 ? 150 SER A O   1 
ATOM   1174 C  CB  . SER A 1 144 ? 5.085   12.396  22.044  1.00 22.45 ? 150 SER A CB  1 
ATOM   1175 O  OG  . SER A 1 144 ? 5.948   13.081  22.920  1.00 26.82 ? 150 SER A OG  1 
ATOM   1176 N  N   . ASP A 1 145 ? 3.764   11.459  25.026  1.00 29.89 ? 151 ASP A N   1 
ATOM   1177 C  CA  . ASP A 1 145 ? 3.749   10.465  26.086  1.00 29.59 ? 151 ASP A CA  1 
ATOM   1178 C  C   . ASP A 1 145 ? 2.324   10.106  26.478  1.00 33.46 ? 151 ASP A C   1 
ATOM   1179 O  O   . ASP A 1 145 ? 2.132   9.233   27.313  1.00 36.29 ? 151 ASP A O   1 
ATOM   1180 C  CB  . ASP A 1 145 ? 4.508   10.975  27.306  1.00 31.20 ? 151 ASP A CB  1 
ATOM   1181 C  CG  . ASP A 1 145 ? 3.884   12.218  27.886  1.00 37.76 ? 151 ASP A CG  1 
ATOM   1182 O  OD1 . ASP A 1 145 ? 3.450   13.058  27.079  1.00 43.90 ? 151 ASP A OD1 1 
ATOM   1183 O  OD2 . ASP A 1 145 ? 3.833   12.375  29.126  1.00 47.15 ? 151 ASP A OD2 1 
ATOM   1184 N  N   . SER A 1 146 ? 1.323   10.780  25.902  1.00 27.29 ? 152 SER A N   1 
ATOM   1185 C  CA  . SER A 1 146 ? -0.063  10.527  26.309  1.00 26.85 ? 152 SER A CA  1 
ATOM   1186 C  C   . SER A 1 146 ? -0.613  9.265   25.628  1.00 22.88 ? 152 SER A C   1 
ATOM   1187 O  O   . SER A 1 146 ? -0.130  8.850   24.570  1.00 23.75 ? 152 SER A O   1 
ATOM   1188 C  CB  . SER A 1 146 ? -0.958  11.734  26.016  1.00 23.33 ? 152 SER A CB  1 
ATOM   1189 O  OG  . SER A 1 146 ? -1.145  11.930  24.620  1.00 30.02 ? 152 SER A OG  1 
ATOM   1190 N  N   . PRO A 1 147 ? -1.590  8.620   26.269  1.00 21.73 ? 153 PRO A N   1 
ATOM   1191 C  CA  . PRO A 1 147 ? -2.225  7.425   25.715  1.00 19.71 ? 153 PRO A CA  1 
ATOM   1192 C  C   . PRO A 1 147 ? -2.856  7.666   24.350  1.00 21.38 ? 153 PRO A C   1 
ATOM   1193 O  O   . PRO A 1 147 ? -2.848  6.758   23.520  1.00 22.53 ? 153 PRO A O   1 
ATOM   1194 C  CB  . PRO A 1 147 ? -3.280  7.085   26.768  1.00 20.65 ? 153 PRO A CB  1 
ATOM   1195 C  CG  . PRO A 1 147 ? -2.651  7.583   28.044  1.00 18.99 ? 153 PRO A CG  1 
ATOM   1196 C  CD  . PRO A 1 147 ? -2.076  8.899   27.635  1.00 19.96 ? 153 PRO A CD  1 
ATOM   1197 N  N   . PHE A 1 148 ? -3.406  8.852   24.109  1.00 18.29 ? 154 PHE A N   1 
ATOM   1198 C  CA  . PHE A 1 148 ? -4.029  9.105   22.819  1.00 19.95 ? 154 PHE A CA  1 
ATOM   1199 C  C   . PHE A 1 148 ? -2.995  8.979   21.690  1.00 19.78 ? 154 PHE A C   1 
ATOM   1200 O  O   . PHE A 1 148 ? -3.182  8.248   20.703  1.00 17.43 ? 154 PHE A O   1 
ATOM   1201 C  CB  . PHE A 1 148 ? -4.681  10.489  22.808  1.00 21.21 ? 154 PHE A CB  1 
ATOM   1202 C  CG  . PHE A 1 148 ? -5.930  10.557  23.632  1.00 22.49 ? 154 PHE A CG  1 
ATOM   1203 C  CD1 . PHE A 1 148 ? -7.134  10.096  23.124  1.00 21.17 ? 154 PHE A CD1 1 
ATOM   1204 C  CD2 . PHE A 1 148 ? -5.902  11.072  24.917  1.00 22.51 ? 154 PHE A CD2 1 
ATOM   1205 C  CE1 . PHE A 1 148 ? -8.297  10.128  23.888  1.00 22.50 ? 154 PHE A CE1 1 
ATOM   1206 C  CE2 . PHE A 1 148 ? -7.050  11.110  25.690  1.00 20.90 ? 154 PHE A CE2 1 
ATOM   1207 C  CZ  . PHE A 1 148 ? -8.254  10.644  25.176  1.00 23.15 ? 154 PHE A CZ  1 
ATOM   1208 N  N   . TYR A 1 149 ? -1.885  9.683   21.874  1.00 20.64 ? 155 TYR A N   1 
ATOM   1209 C  CA  . TYR A 1 149 ? -0.795  9.717   20.911  1.00 17.04 ? 155 TYR A CA  1 
ATOM   1210 C  C   . TYR A 1 149 ? -0.254  8.328   20.689  1.00 14.64 ? 155 TYR A C   1 
ATOM   1211 O  O   . TYR A 1 149 ? -0.118  7.873   19.568  1.00 15.13 ? 155 TYR A O   1 
ATOM   1212 C  CB  . TYR A 1 149 ? 0.297   10.646  21.430  1.00 19.50 ? 155 TYR A CB  1 
ATOM   1213 C  CG  . TYR A 1 149 ? 1.463   10.947  20.513  1.00 20.39 ? 155 TYR A CG  1 
ATOM   1214 C  CD1 . TYR A 1 149 ? 1.637   12.229  20.000  1.00 18.93 ? 155 TYR A CD1 1 
ATOM   1215 C  CD2 . TYR A 1 149 ? 2.419   9.975   20.194  1.00 19.19 ? 155 TYR A CD2 1 
ATOM   1216 C  CE1 . TYR A 1 149 ? 2.699   12.542  19.188  1.00 16.22 ? 155 TYR A CE1 1 
ATOM   1217 C  CE2 . TYR A 1 149 ? 3.487   10.274  19.376  1.00 18.61 ? 155 TYR A CE2 1 
ATOM   1218 C  CZ  . TYR A 1 149 ? 3.623   11.562  18.869  1.00 23.56 ? 155 TYR A CZ  1 
ATOM   1219 O  OH  . TYR A 1 149 ? 4.695   11.874  18.049  1.00 21.72 ? 155 TYR A OH  1 
ATOM   1220 N  N   . GLN A 1 150 ? 0.010   7.630   21.779  1.00 18.53 ? 156 GLN A N   1 
ATOM   1221 C  CA  . GLN A 1 150 ? 0.598   6.316   21.661  1.00 17.44 ? 156 GLN A CA  1 
ATOM   1222 C  C   . GLN A 1 150 ? -0.369  5.358   21.021  1.00 15.87 ? 156 GLN A C   1 
ATOM   1223 O  O   . GLN A 1 150 ? 0.039   4.475   20.269  1.00 17.57 ? 156 GLN A O   1 
ATOM   1224 C  CB  . GLN A 1 150 ? 1.062   5.816   23.024  1.00 18.73 ? 156 GLN A CB  1 
ATOM   1225 C  CG  . GLN A 1 150 ? 2.255   6.608   23.512  1.00 19.82 ? 156 GLN A CG  1 
ATOM   1226 C  CD  . GLN A 1 150 ? 3.401   6.628   22.466  1.00 24.81 ? 156 GLN A CD  1 
ATOM   1227 O  OE1 . GLN A 1 150 ? 3.751   5.596   21.870  1.00 20.42 ? 156 GLN A OE1 1 
ATOM   1228 N  NE2 . GLN A 1 150 ? 3.986   7.805   22.258  1.00 20.41 ? 156 GLN A NE2 1 
ATOM   1229 N  N   . CYS A 1 151 ? -1.654  5.578   21.241  1.00 14.51 ? 157 CYS A N   1 
ATOM   1230 C  CA  . CYS A 1 151 ? -2.651  4.751   20.586  1.00 17.36 ? 157 CYS A CA  1 
ATOM   1231 C  C   . CYS A 1 151 ? -2.594  4.985   19.071  1.00 18.05 ? 157 CYS A C   1 
ATOM   1232 O  O   . CYS A 1 151 ? -2.715  4.031   18.271  1.00 17.77 ? 157 CYS A O   1 
ATOM   1233 C  CB  . CYS A 1 151 ? -4.048  5.067   21.107  1.00 17.15 ? 157 CYS A CB  1 
ATOM   1234 S  SG  . CYS A 1 151 ? -4.469  4.227   22.622  1.00 24.36 ? 157 CYS A SG  1 
ATOM   1235 N  N   . ALA A 1 152 ? -2.321  6.235   18.688  1.00 15.88 ? 158 ALA A N   1 
ATOM   1236 C  CA  . ALA A 1 152 ? -2.202  6.569   17.275  1.00 16.17 ? 158 ALA A CA  1 
ATOM   1237 C  C   . ALA A 1 152 ? -1.016  5.817   16.705  1.00 16.59 ? 158 ALA A C   1 
ATOM   1238 O  O   . ALA A 1 152 ? -1.100  5.245   15.625  1.00 18.53 ? 158 ALA A O   1 
ATOM   1239 C  CB  . ALA A 1 152 ? -2.034  8.044   17.085  1.00 16.42 ? 158 ALA A CB  1 
ATOM   1240 N  N   . GLU A 1 153 ? 0.072   5.763   17.462  1.00 18.34 ? 159 GLU A N   1 
ATOM   1241 C  CA  . GLU A 1 153 ? 1.272   5.031   17.026  1.00 16.18 ? 159 GLU A CA  1 
ATOM   1242 C  C   . GLU A 1 153 ? 1.014   3.532   16.826  1.00 15.43 ? 159 GLU A C   1 
ATOM   1243 O  O   . GLU A 1 153 ? 1.418   2.925   15.829  1.00 16.35 ? 159 GLU A O   1 
ATOM   1244 C  CB  . GLU A 1 153 ? 2.364   5.205   18.049  1.00 14.43 ? 159 GLU A CB  1 
ATOM   1245 C  CG  . GLU A 1 153 ? 2.862   6.618   18.211  1.00 15.35 ? 159 GLU A CG  1 
ATOM   1246 C  CD  . GLU A 1 153 ? 3.777   7.059   17.091  1.00 19.55 ? 159 GLU A CD  1 
ATOM   1247 O  OE1 . GLU A 1 153 ? 5.010   6.898   17.228  1.00 18.48 ? 159 GLU A OE1 1 
ATOM   1248 O  OE2 . GLU A 1 153 ? 3.272   7.634   16.104  1.00 23.09 ? 159 GLU A OE2 1 
ATOM   1249 N  N   . VAL A 1 154 ? 0.348   2.931   17.800  1.00 16.28 ? 160 VAL A N   1 
ATOM   1250 C  CA  . VAL A 1 154 ? 0.083   1.504   17.754  1.00 15.92 ? 160 VAL A CA  1 
ATOM   1251 C  C   . VAL A 1 154 ? -0.816  1.122   16.577  1.00 17.05 ? 160 VAL A C   1 
ATOM   1252 O  O   . VAL A 1 154 ? -0.469  0.258   15.754  1.00 18.43 ? 160 VAL A O   1 
ATOM   1253 C  CB  . VAL A 1 154 ? -0.545  1.035   19.082  1.00 16.64 ? 160 VAL A CB  1 
ATOM   1254 C  CG1 . VAL A 1 154 ? -1.066  -0.406  18.969  1.00 16.32 ? 160 VAL A CG1 1 
ATOM   1255 C  CG2 . VAL A 1 154 ? 0.462   1.223   20.246  1.00 11.09 ? 160 VAL A CG2 1 
ATOM   1256 N  N   . LEU A 1 155 ? -1.952  1.805   16.469  1.00 17.69 ? 161 LEU A N   1 
ATOM   1257 C  CA  . LEU A 1 155 ? -2.888  1.524   15.398  1.00 16.20 ? 161 LEU A CA  1 
ATOM   1258 C  C   . LEU A 1 155 ? -2.272  1.846   14.014  1.00 18.43 ? 161 LEU A C   1 
ATOM   1259 O  O   . LEU A 1 155 ? -2.558  1.165   13.046  1.00 18.39 ? 161 LEU A O   1 
ATOM   1260 C  CB  . LEU A 1 155 ? -4.194  2.297   15.596  1.00 16.20 ? 161 LEU A CB  1 
ATOM   1261 C  CG  . LEU A 1 155 ? -5.376  1.702   14.820  1.00 16.40 ? 161 LEU A CG  1 
ATOM   1262 C  CD1 . LEU A 1 155 ? -5.633  0.277   15.300  1.00 14.79 ? 161 LEU A CD1 1 
ATOM   1263 C  CD2 . LEU A 1 155 ? -6.641  2.559   14.936  1.00 14.84 ? 161 LEU A CD2 1 
ATOM   1264 N  N   . GLU A 1 156 ? -1.434  2.874   13.909  1.00 15.82 ? 162 GLU A N   1 
ATOM   1265 C  CA  . GLU A 1 156 ? -0.872  3.161   12.602  1.00 16.08 ? 162 GLU A CA  1 
ATOM   1266 C  C   . GLU A 1 156 ? 0.059   2.029   12.207  1.00 18.52 ? 162 GLU A C   1 
ATOM   1267 O  O   . GLU A 1 156 ? 0.065   1.605   11.061  1.00 18.40 ? 162 GLU A O   1 
ATOM   1268 C  CB  . GLU A 1 156 ? -0.124  4.490   12.571  1.00 11.97 ? 162 GLU A CB  1 
ATOM   1269 C  CG  . GLU A 1 156 ? 0.372   4.764   11.184  1.00 14.74 ? 162 GLU A CG  1 
ATOM   1270 C  CD  . GLU A 1 156 ? 0.796   6.200   10.949  1.00 17.24 ? 162 GLU A CD  1 
ATOM   1271 O  OE1 . GLU A 1 156 ? 1.324   6.829   11.877  1.00 18.45 ? 162 GLU A OE1 1 
ATOM   1272 O  OE2 . GLU A 1 156 ? 0.586   6.709   9.833   1.00 17.41 ? 162 GLU A OE2 1 
ATOM   1273 N  N   . SER A 1 157 ? 0.824   1.522   13.173  1.00 19.23 ? 163 SER A N   1 
ATOM   1274 C  CA  . SER A 1 157 ? 1.716   0.394   12.912  1.00 16.72 ? 163 SER A CA  1 
ATOM   1275 C  C   . SER A 1 157 ? 0.934   -0.869  12.459  1.00 16.40 ? 163 SER A C   1 
ATOM   1276 O  O   . SER A 1 157 ? 1.238   -1.492  11.416  1.00 18.97 ? 163 SER A O   1 
ATOM   1277 C  CB  . SER A 1 157 ? 2.522   0.129   14.176  1.00 13.48 ? 163 SER A CB  1 
ATOM   1278 O  OG  . SER A 1 157 ? 3.363   -0.981  14.032  1.00 18.92 ? 163 SER A OG  1 
ATOM   1279 N  N   . PHE A 1 158 ? -0.154  -1.148  13.173  1.00 17.72 ? 164 PHE A N   1 
ATOM   1280 C  CA  . PHE A 1 158 ? -1.055  -2.261  12.844  1.00 17.48 ? 164 PHE A CA  1 
ATOM   1281 C  C   . PHE A 1 158 ? -1.634  -2.083  11.427  1.00 18.84 ? 164 PHE A C   1 
ATOM   1282 O  O   . PHE A 1 158 ? -1.717  -3.033  10.649  1.00 22.62 ? 164 PHE A O   1 
ATOM   1283 C  CB  . PHE A 1 158 ? -2.185  -2.299  13.857  1.00 12.87 ? 164 PHE A CB  1 
ATOM   1284 C  CG  . PHE A 1 158 ? -3.211  -3.365  13.608  1.00 16.36 ? 164 PHE A CG  1 
ATOM   1285 C  CD1 . PHE A 1 158 ? -3.047  -4.649  14.110  1.00 20.86 ? 164 PHE A CD1 1 
ATOM   1286 C  CD2 . PHE A 1 158 ? -4.355  -3.087  12.874  1.00 15.94 ? 164 PHE A CD2 1 
ATOM   1287 C  CE1 . PHE A 1 158 ? -4.026  -5.630  13.908  1.00 17.72 ? 164 PHE A CE1 1 
ATOM   1288 C  CE2 . PHE A 1 158 ? -5.318  -4.080  12.637  1.00 18.53 ? 164 PHE A CE2 1 
ATOM   1289 C  CZ  . PHE A 1 158 ? -5.153  -5.345  13.167  1.00 14.64 ? 164 PHE A CZ  1 
ATOM   1290 N  N   . PHE A 1 159 ? -2.036  -0.852  11.114  1.00 17.98 ? 165 PHE A N   1 
ATOM   1291 C  CA  . PHE A 1 159 ? -2.598  -0.464  9.820   1.00 21.17 ? 165 PHE A CA  1 
ATOM   1292 C  C   . PHE A 1 159 ? -1.611  -0.719  8.683   1.00 19.80 ? 165 PHE A C   1 
ATOM   1293 O  O   . PHE A 1 159 ? -1.945  -1.348  7.667   1.00 18.84 ? 165 PHE A O   1 
ATOM   1294 C  CB  . PHE A 1 159 ? -2.971  1.025   9.848   1.00 20.03 ? 165 PHE A CB  1 
ATOM   1295 C  CG  . PHE A 1 159 ? -3.397  1.578   8.517   1.00 20.87 ? 165 PHE A CG  1 
ATOM   1296 C  CD1 . PHE A 1 159 ? -4.578  1.158   7.904   1.00 22.69 ? 165 PHE A CD1 1 
ATOM   1297 C  CD2 . PHE A 1 159 ? -2.589  2.484   7.847   1.00 17.93 ? 165 PHE A CD2 1 
ATOM   1298 C  CE1 . PHE A 1 159 ? -4.949  1.661   6.684   1.00 17.46 ? 165 PHE A CE1 1 
ATOM   1299 C  CE2 . PHE A 1 159 ? -2.958  2.984   6.604   1.00 17.03 ? 165 PHE A CE2 1 
ATOM   1300 C  CZ  . PHE A 1 159 ? -4.132  2.570   6.026   1.00 18.71 ? 165 PHE A CZ  1 
ATOM   1301 N  N   . VAL A 1 160 ? -0.383  -0.251  8.877   1.00 20.04 ? 166 VAL A N   1 
ATOM   1302 C  CA  . VAL A 1 160 ? 0.636   -0.429  7.858   1.00 21.97 ? 166 VAL A CA  1 
ATOM   1303 C  C   . VAL A 1 160 ? 0.810   -1.915  7.556   1.00 23.85 ? 166 VAL A C   1 
ATOM   1304 O  O   . VAL A 1 160 ? 0.860   -2.301  6.389   1.00 21.77 ? 166 VAL A O   1 
ATOM   1305 C  CB  . VAL A 1 160 ? 1.965   0.217   8.270   1.00 21.51 ? 166 VAL A CB  1 
ATOM   1306 C  CG1 . VAL A 1 160 ? 3.098   -0.296  7.401   1.00 23.50 ? 166 VAL A CG1 1 
ATOM   1307 C  CG2 . VAL A 1 160 ? 1.844   1.729   8.185   1.00 15.11 ? 166 VAL A CG2 1 
ATOM   1308 N  N   . GLN A 1 161 ? 0.802   -2.757  8.589   1.00 23.48 ? 167 GLN A N   1 
ATOM   1309 C  CA  . GLN A 1 161 ? 0.921   -4.190  8.308   1.00 25.36 ? 167 GLN A CA  1 
ATOM   1310 C  C   . GLN A 1 161 ? -0.307  -4.764  7.619   1.00 25.52 ? 167 GLN A C   1 
ATOM   1311 O  O   . GLN A 1 161 ? -0.187  -5.527  6.660   1.00 28.69 ? 167 GLN A O   1 
ATOM   1312 C  CB  . GLN A 1 161 ? 1.210   -4.979  9.582   1.00 26.71 ? 167 GLN A CB  1 
ATOM   1313 C  CG  . GLN A 1 161 ? 2.614   -4.767  10.122  1.00 31.08 ? 167 GLN A CG  1 
ATOM   1314 C  CD  . GLN A 1 161 ? 3.701   -5.069  9.087   1.00 36.89 ? 167 GLN A CD  1 
ATOM   1315 O  OE1 . GLN A 1 161 ? 4.255   -4.172  8.448   1.00 39.02 ? 167 GLN A OE1 1 
ATOM   1316 N  NE2 . GLN A 1 161 ? 3.992   -6.353  8.909   1.00 45.14 ? 167 GLN A NE2 1 
ATOM   1317 N  N   . LYS A 1 162 ? -1.481  -4.368  8.077   1.00 22.10 ? 168 LYS A N   1 
ATOM   1318 C  CA  . LYS A 1 162 ? -2.702  -4.832  7.467   1.00 19.75 ? 168 LYS A CA  1 
ATOM   1319 C  C   . LYS A 1 162 ? -2.815  -4.452  6.012   1.00 22.98 ? 168 LYS A C   1 
ATOM   1320 O  O   . LYS A 1 162 ? -3.549  -5.079  5.265   1.00 28.15 ? 168 LYS A O   1 
ATOM   1321 C  CB  . LYS A 1 162 ? -3.902  -4.271  8.209   1.00 20.28 ? 168 LYS A CB  1 
ATOM   1322 C  CG  . LYS A 1 162 ? -4.850  -5.339  8.743   1.00 26.84 ? 168 LYS A CG  1 
ATOM   1323 C  CD  . LYS A 1 162 ? -4.133  -6.343  9.672   1.00 26.52 ? 168 LYS A CD  1 
ATOM   1324 C  CE  . LYS A 1 162 ? -5.146  -7.291  10.283  1.00 27.59 ? 168 LYS A CE  1 
ATOM   1325 N  NZ  . LYS A 1 162 ? -6.147  -7.669  9.251   1.00 34.50 ? 168 LYS A NZ  1 
ATOM   1326 N  N   . LEU A 1 163 ? -2.107  -3.417  5.596   1.00 25.06 ? 169 LEU A N   1 
ATOM   1327 C  CA  . LEU A 1 163 ? -2.282  -2.945  4.238   1.00 24.23 ? 169 LEU A CA  1 
ATOM   1328 C  C   . LEU A 1 163 ? -1.391  -3.719  3.279   1.00 25.89 ? 169 LEU A C   1 
ATOM   1329 O  O   . LEU A 1 163 ? -1.620  -3.691  2.082   1.00 29.54 ? 169 LEU A O   1 
ATOM   1330 C  CB  . LEU A 1 163 ? -2.005  -1.436  4.135   1.00 20.72 ? 169 LEU A CB  1 
ATOM   1331 C  CG  . LEU A 1 163 ? -2.823  -0.815  3.002   1.00 25.51 ? 169 LEU A CG  1 
ATOM   1332 C  CD1 . LEU A 1 163 ? -4.304  -1.132  3.224   1.00 22.37 ? 169 LEU A CD1 1 
ATOM   1333 C  CD2 . LEU A 1 163 ? -2.606  0.687   2.846   1.00 17.88 ? 169 LEU A CD2 1 
ATOM   1334 N  N   . LYS A 1 164 ? -0.395  -4.431  3.794   1.00 25.56 ? 170 LYS A N   1 
ATOM   1335 C  CA  . LYS A 1 164 ? 0.539   -5.141  2.920   1.00 28.31 ? 170 LYS A CA  1 
ATOM   1336 C  C   . LYS A 1 164 ? -0.129  -6.175  2.018   1.00 28.01 ? 170 LYS A C   1 
ATOM   1337 O  O   . LYS A 1 164 ? -0.987  -6.937  2.470   1.00 35.86 ? 170 LYS A O   1 
ATOM   1338 C  CB  . LYS A 1 164 ? 1.630   -5.812  3.753   1.00 34.35 ? 170 LYS A CB  1 
ATOM   1339 C  CG  . LYS A 1 164 ? 2.565   -4.831  4.433   1.00 28.11 ? 170 LYS A CG  1 
ATOM   1340 C  CD  . LYS A 1 164 ? 3.908   -5.457  4.706   1.00 31.79 ? 170 LYS A CD  1 
ATOM   1341 C  CE  . LYS A 1 164 ? 4.889   -4.398  5.199   1.00 43.33 ? 170 LYS A CE  1 
ATOM   1342 N  NZ  . LYS A 1 164 ? 4.751   -3.137  4.392   1.00 41.53 ? 170 LYS A NZ  1 
ATOM   1343 N  N   . GLY A 1 165 ? 0.262   -6.176  0.742   1.00 33.25 ? 171 GLY A N   1 
ATOM   1344 C  CA  . GLY A 1 165 ? -0.272  -7.086  -0.267  1.00 28.31 ? 171 GLY A CA  1 
ATOM   1345 C  C   . GLY A 1 165 ? -1.727  -6.848  -0.655  1.00 30.97 ? 171 GLY A C   1 
ATOM   1346 O  O   . GLY A 1 165 ? -2.396  -7.767  -1.128  1.00 33.84 ? 171 GLY A O   1 
ATOM   1347 N  N   . PHE A 1 166 ? -2.221  -5.622  -0.466  1.00 30.15 ? 172 PHE A N   1 
ATOM   1348 C  CA  . PHE A 1 166 ? -3.663  -5.352  -0.561  1.00 28.57 ? 172 PHE A CA  1 
ATOM   1349 C  C   . PHE A 1 166 ? -4.234  -5.403  -1.980  1.00 29.88 ? 172 PHE A C   1 
ATOM   1350 O  O   . PHE A 1 166 ? -5.333  -5.933  -2.188  1.00 30.48 ? 172 PHE A O   1 
ATOM   1351 C  CB  . PHE A 1 166 ? -4.002  -3.986  0.058   1.00 28.42 ? 172 PHE A CB  1 
ATOM   1352 C  CG  . PHE A 1 166 ? -5.453  -3.618  -0.069  1.00 23.72 ? 172 PHE A CG  1 
ATOM   1353 C  CD1 . PHE A 1 166 ? -6.396  -4.181  0.778   1.00 23.55 ? 172 PHE A CD1 1 
ATOM   1354 C  CD2 . PHE A 1 166 ? -5.878  -2.732  -1.056  1.00 23.40 ? 172 PHE A CD2 1 
ATOM   1355 C  CE1 . PHE A 1 166 ? -7.741  -3.875  0.649   1.00 24.94 ? 172 PHE A CE1 1 
ATOM   1356 C  CE2 . PHE A 1 166 ? -7.217  -2.410  -1.203  1.00 25.86 ? 172 PHE A CE2 1 
ATOM   1357 C  CZ  . PHE A 1 166 ? -8.156  -2.977  -0.342  1.00 27.48 ? 172 PHE A CZ  1 
ATOM   1358 N  N   . LYS A 1 167 ? -3.531  -4.809  -2.941  1.00 26.90 ? 173 LYS A N   1 
ATOM   1359 C  CA  . LYS A 1 167 ? -4.004  -4.779  -4.321  1.00 31.59 ? 173 LYS A CA  1 
ATOM   1360 C  C   . LYS A 1 167 ? -3.432  -5.954  -5.083  1.00 37.70 ? 173 LYS A C   1 
ATOM   1361 O  O   . LYS A 1 167 ? -2.215  -6.040  -5.253  1.00 38.95 ? 173 LYS A O   1 
ATOM   1362 C  CB  . LYS A 1 167 ? -3.609  -3.482  -5.014  1.00 33.07 ? 173 LYS A CB  1 
ATOM   1363 C  CG  . LYS A 1 167 ? -4.089  -2.226  -4.314  1.00 28.69 ? 173 LYS A CG  1 
ATOM   1364 C  CD  . LYS A 1 167 ? -5.360  -1.680  -4.955  1.00 23.94 ? 173 LYS A CD  1 
ATOM   1365 C  CE  . LYS A 1 167 ? -5.136  -1.350  -6.424  1.00 23.20 ? 173 LYS A CE  1 
ATOM   1366 N  NZ  . LYS A 1 167 ? -6.227  -0.490  -6.994  1.00 20.23 ? 173 LYS A NZ  1 
ATOM   1367 N  N   . ALA B 2 1   ? 7.726   -19.413 -16.343 1.00 27.89 ? 1   ALA P N   1 
ATOM   1368 C  CA  . ALA B 2 1   ? 8.288   -18.164 -16.832 1.00 24.78 ? 1   ALA P CA  1 
ATOM   1369 C  C   . ALA B 2 1   ? 8.934   -18.355 -18.204 1.00 29.54 ? 1   ALA P C   1 
ATOM   1370 O  O   . ALA B 2 1   ? 9.198   -19.480 -18.612 1.00 26.08 ? 1   ALA P O   1 
ATOM   1371 C  CB  . ALA B 2 1   ? 9.296   -17.625 -15.840 1.00 30.50 ? 1   ALA P CB  1 
ATOM   1372 N  N   . ARG B 2 2   ? 9.178   -17.251 -18.913 1.00 27.44 ? 2   ARG P N   1 
ATOM   1373 C  CA  . ARG B 2 2   ? 9.817   -17.301 -20.208 1.00 21.31 ? 2   ARG P CA  1 
ATOM   1374 C  C   . ARG B 2 2   ? 11.305  -17.039 -20.049 1.00 24.43 ? 2   ARG P C   1 
ATOM   1375 O  O   . ARG B 2 2   ? 11.737  -15.971 -19.602 1.00 21.76 ? 2   ARG P O   1 
ATOM   1376 C  CB  . ARG B 2 2   ? 9.193   -16.299 -21.172 1.00 21.29 ? 2   ARG P CB  1 
ATOM   1377 C  CG  . ARG B 2 2   ? 7.734   -16.577 -21.491 1.00 22.61 ? 2   ARG P CG  1 
ATOM   1378 C  CD  . ARG B 2 2   ? 7.166   -15.532 -22.452 1.00 19.99 ? 2   ARG P CD  1 
ATOM   1379 N  NE  . ARG B 2 2   ? 7.180   -14.204 -21.854 1.00 18.51 ? 2   ARG P NE  1 
ATOM   1380 C  CZ  . ARG B 2 2   ? 8.074   -13.260 -22.143 1.00 23.65 ? 2   ARG P CZ  1 
ATOM   1381 N  NH1 . ARG B 2 2   ? 9.032   -13.476 -23.057 1.00 20.61 ? 2   ARG P NH1 1 
ATOM   1382 N  NH2 . ARG B 2 2   ? 8.006   -12.086 -21.520 1.00 19.64 ? 2   ARG P NH2 1 
ATOM   1383 N  N   . THR B 2 3   ? 12.095  -18.037 -20.421 1.00 26.16 ? 3   THR P N   1 
ATOM   1384 C  CA  . THR B 2 3   ? 13.535  -17.962 -20.293 1.00 24.11 ? 3   THR P CA  1 
ATOM   1385 C  C   . THR B 2 3   ? 14.260  -18.440 -21.558 1.00 26.38 ? 3   THR P C   1 
ATOM   1386 O  O   . THR B 2 3   ? 13.662  -19.062 -22.460 1.00 27.29 ? 3   THR P O   1 
ATOM   1387 C  CB  . THR B 2 3   ? 14.015  -18.791 -19.096 1.00 24.21 ? 3   THR P CB  1 
ATOM   1388 O  OG1 . THR B 2 3   ? 13.656  -20.158 -19.291 1.00 27.92 ? 3   THR P OG1 1 
ATOM   1389 C  CG2 . THR B 2 3   ? 13.387  -18.278 -17.793 1.00 20.92 ? 3   THR P CG2 1 
HETATM 1390 N  N   . ML3 B 2 4   ? 15.547  -18.120 -21.633 1.00 27.64 ? 4   ML3 P N   1 
HETATM 1391 C  CA  . ML3 B 2 4   ? 16.422  -18.714 -22.620 1.00 29.13 ? 4   ML3 P CA  1 
HETATM 1392 C  CB  . ML3 B 2 4   ? 16.943  -17.760 -23.707 1.00 28.95 ? 4   ML3 P CB  1 
HETATM 1393 S  SG  . ML3 B 2 4   ? 15.653  -16.979 -24.661 1.00 37.12 ? 4   ML3 P SG  1 
HETATM 1394 C  CD  . ML3 B 2 4   ? 16.604  -15.686 -25.405 1.00 24.33 ? 4   ML3 P CD  1 
HETATM 1395 C  CE  . ML3 B 2 4   ? 15.680  -14.770 -26.177 1.00 24.68 ? 4   ML3 P CE  1 
HETATM 1396 N  NZ  . ML3 B 2 4   ? 16.351  -13.599 -26.862 1.00 28.90 ? 4   ML3 P NZ  1 
HETATM 1397 C  CM1 . ML3 B 2 4   ? 17.257  -14.039 -27.961 1.00 28.33 ? 4   ML3 P CM1 1 
HETATM 1398 C  CM2 . ML3 B 2 4   ? 15.322  -12.677 -27.443 1.00 23.66 ? 4   ML3 P CM2 1 
HETATM 1399 C  CM3 . ML3 B 2 4   ? 17.163  -12.880 -25.847 1.00 28.98 ? 4   ML3 P CM3 1 
HETATM 1400 C  C   . ML3 B 2 4   ? 17.641  -19.260 -21.901 1.00 29.25 ? 4   ML3 P C   1 
HETATM 1401 O  O   . ML3 B 2 4   ? 18.415  -18.517 -21.305 1.00 27.56 ? 4   ML3 P O   1 
ATOM   1402 N  N   . GLN B 2 5   ? 17.793  -20.585 -21.925 1.00 34.01 ? 5   GLN P N   1 
ATOM   1403 C  CA  . GLN B 2 5   ? 18.916  -21.257 -21.260 1.00 35.59 ? 5   GLN P CA  1 
ATOM   1404 C  C   . GLN B 2 5   ? 19.969  -21.691 -22.291 1.00 47.38 ? 5   GLN P C   1 
ATOM   1405 O  O   . GLN B 2 5   ? 19.813  -21.407 -23.482 1.00 47.68 ? 5   GLN P O   1 
ATOM   1406 C  CB  . GLN B 2 5   ? 18.415  -22.457 -20.447 1.00 39.76 ? 5   GLN P CB  1 
ATOM   1407 N  N   . THR B 2 6   ? 21.045  -22.353 -21.852 1.00 49.89 ? 6   THR P N   1 
ATOM   1408 C  CA  . THR B 2 6   ? 22.058  -22.860 -22.792 1.00 50.28 ? 6   THR P CA  1 
ATOM   1409 C  C   . THR B 2 6   ? 21.862  -24.346 -23.105 1.00 53.21 ? 6   THR P C   1 
ATOM   1410 O  O   . THR B 2 6   ? 22.240  -24.826 -24.183 1.00 58.36 ? 6   THR P O   1 
ATOM   1411 C  CB  . THR B 2 6   ? 23.492  -22.649 -22.258 1.00 53.30 ? 6   THR P CB  1 
ATOM   1412 O  OG1 . THR B 2 6   ? 23.681  -21.271 -21.907 1.00 51.42 ? 6   THR P OG1 1 
ATOM   1413 C  CG2 . THR B 2 6   ? 24.529  -23.051 -23.309 1.00 47.70 ? 6   THR P CG2 1 
HETATM 1414 ZN ZN  . ZN  C 3 .   ? 22.668  -7.917  -18.209 1.00 20.83 ? 201 ZN  A ZN  1 
HETATM 1415 ZN ZN  . ZN  D 3 .   ? 9.870   -5.113  -17.419 1.00 17.53 ? 202 ZN  A ZN  1 
HETATM 1416 O  O   . HOH E 4 .   ? -13.229 15.442  5.029   1.00 22.53 ? 301 HOH A O   1 
HETATM 1417 O  O   . HOH E 4 .   ? -18.604 0.136   -3.009  1.00 35.47 ? 302 HOH A O   1 
HETATM 1418 O  O   . HOH E 4 .   ? 21.940  -9.110  -23.636 1.00 18.95 ? 303 HOH A O   1 
HETATM 1419 O  O   . HOH E 4 .   ? -9.492  14.001  13.781  1.00 19.26 ? 304 HOH A O   1 
HETATM 1420 O  O   . HOH E 4 .   ? -6.404  -1.189  28.371  1.00 19.32 ? 305 HOH A O   1 
HETATM 1421 O  O   . HOH E 4 .   ? 20.799  -18.816 -23.864 1.00 29.33 ? 306 HOH A O   1 
HETATM 1422 O  O   . HOH E 4 .   ? -19.855 10.827  5.905   1.00 20.81 ? 307 HOH A O   1 
HETATM 1423 O  O   . HOH E 4 .   ? -7.597  21.641  10.798  1.00 28.65 ? 308 HOH A O   1 
HETATM 1424 O  O   . HOH E 4 .   ? 8.731   3.147   -11.505 1.00 21.71 ? 309 HOH A O   1 
HETATM 1425 O  O   . HOH E 4 .   ? 1.023   7.022   27.525  1.00 32.24 ? 310 HOH A O   1 
HETATM 1426 O  O   . HOH E 4 .   ? -7.787  -5.535  -3.159  1.00 27.39 ? 311 HOH A O   1 
HETATM 1427 O  O   . HOH E 4 .   ? 28.796  -11.795 -23.786 1.00 25.60 ? 312 HOH A O   1 
HETATM 1428 O  O   . HOH E 4 .   ? -17.962 3.282   17.163  1.00 24.64 ? 313 HOH A O   1 
HETATM 1429 O  O   . HOH E 4 .   ? -4.949  16.943  4.942   1.00 33.48 ? 314 HOH A O   1 
HETATM 1430 O  O   . HOH E 4 .   ? -2.609  -6.762  -7.661  1.00 28.67 ? 315 HOH A O   1 
HETATM 1431 O  O   . HOH E 4 .   ? -21.960 2.814   8.525   1.00 19.97 ? 316 HOH A O   1 
HETATM 1432 O  O   . HOH E 4 .   ? -10.256 13.284  1.583   1.00 29.45 ? 317 HOH A O   1 
HETATM 1433 O  O   . HOH E 4 .   ? 21.185  -9.612  -29.470 1.00 27.43 ? 318 HOH A O   1 
HETATM 1434 O  O   . HOH E 4 .   ? -13.058 16.426  7.910   1.00 19.70 ? 319 HOH A O   1 
HETATM 1435 O  O   . HOH E 4 .   ? 20.262  0.708   -18.163 1.00 16.45 ? 320 HOH A O   1 
HETATM 1436 O  O   . HOH E 4 .   ? -0.961  5.875   7.842   1.00 17.88 ? 321 HOH A O   1 
HETATM 1437 O  O   . HOH E 4 .   ? -11.700 -0.306  19.632  1.00 33.83 ? 322 HOH A O   1 
HETATM 1438 O  O   . HOH E 4 .   ? 8.516   -9.519  -9.749  1.00 18.55 ? 323 HOH A O   1 
HETATM 1439 O  O   . HOH E 4 .   ? -12.027 -7.670  8.888   1.00 23.50 ? 324 HOH A O   1 
HETATM 1440 O  O   . HOH E 4 .   ? -10.843 14.483  4.801   1.00 29.18 ? 325 HOH A O   1 
HETATM 1441 O  O   . HOH E 4 .   ? -8.932  -6.686  14.575  1.00 26.17 ? 326 HOH A O   1 
HETATM 1442 O  O   . HOH E 4 .   ? -5.544  2.085   -5.715  1.00 19.32 ? 327 HOH A O   1 
HETATM 1443 O  O   . HOH E 4 .   ? 8.612   1.473   -6.382  1.00 26.35 ? 328 HOH A O   1 
HETATM 1444 O  O   . HOH E 4 .   ? 5.643   4.266   20.353  1.00 33.28 ? 329 HOH A O   1 
HETATM 1445 O  O   . HOH E 4 .   ? -19.642 12.273  24.833  1.00 43.71 ? 330 HOH A O   1 
HETATM 1446 O  O   . HOH E 4 .   ? 9.154   1.548   -15.428 1.00 16.66 ? 331 HOH A O   1 
HETATM 1447 O  O   . HOH E 4 .   ? -10.406 -0.451  23.704  1.00 25.57 ? 332 HOH A O   1 
HETATM 1448 O  O   . HOH E 4 .   ? -19.644 4.187   9.940   1.00 28.51 ? 333 HOH A O   1 
HETATM 1449 O  O   . HOH E 4 .   ? -3.454  13.016  5.133   1.00 17.72 ? 334 HOH A O   1 
HETATM 1450 O  O   . HOH E 4 .   ? 12.188  -8.527  -10.372 1.00 19.01 ? 335 HOH A O   1 
HETATM 1451 O  O   . HOH E 4 .   ? 5.837   -22.135 -7.318  1.00 29.30 ? 336 HOH A O   1 
HETATM 1452 O  O   . HOH E 4 .   ? 0.817   15.458  13.402  1.00 20.43 ? 337 HOH A O   1 
HETATM 1453 O  O   . HOH E 4 .   ? -12.201 11.159  16.942  1.00 17.91 ? 338 HOH A O   1 
HETATM 1454 O  O   . HOH E 4 .   ? -2.586  -1.598  -8.374  1.00 22.73 ? 339 HOH A O   1 
HETATM 1455 O  O   . HOH E 4 .   ? -16.078 3.019   13.884  1.00 22.01 ? 340 HOH A O   1 
HETATM 1456 O  O   . HOH E 4 .   ? 10.928  -12.221 -27.671 1.00 40.30 ? 341 HOH A O   1 
HETATM 1457 O  O   . HOH E 4 .   ? 18.101  -12.073 -30.687 1.00 33.02 ? 342 HOH A O   1 
HETATM 1458 O  O   . HOH E 4 .   ? 22.516  -14.444 -16.646 1.00 20.54 ? 343 HOH A O   1 
HETATM 1459 O  O   . HOH E 4 .   ? -7.894  13.440  16.912  1.00 29.37 ? 344 HOH A O   1 
HETATM 1460 O  O   . HOH E 4 .   ? 10.367  -10.542 -23.134 1.00 22.71 ? 345 HOH A O   1 
HETATM 1461 O  O   . HOH E 4 .   ? -9.556  -1.940  26.717  1.00 45.54 ? 346 HOH A O   1 
HETATM 1462 O  O   . HOH E 4 .   ? 17.676  -3.024  -23.259 1.00 26.63 ? 347 HOH A O   1 
HETATM 1463 O  O   . HOH E 4 .   ? 25.660  -16.261 -28.621 1.00 34.77 ? 348 HOH A O   1 
HETATM 1464 O  O   . HOH E 4 .   ? -8.468  11.718  0.838   1.00 23.82 ? 349 HOH A O   1 
HETATM 1465 O  O   . HOH E 4 .   ? -15.402 14.768  13.427  1.00 22.05 ? 350 HOH A O   1 
HETATM 1466 O  O   . HOH E 4 .   ? -7.108  6.103   -10.930 1.00 20.00 ? 351 HOH A O   1 
HETATM 1467 O  O   . HOH E 4 .   ? 2.164   13.630  12.941  1.00 23.18 ? 352 HOH A O   1 
HETATM 1468 O  O   . HOH E 4 .   ? -15.914 -1.783  17.362  1.00 24.59 ? 353 HOH A O   1 
HETATM 1469 O  O   . HOH E 4 .   ? 1.736   13.183  6.753   1.00 22.93 ? 354 HOH A O   1 
HETATM 1470 O  O   . HOH E 4 .   ? 11.381  -4.172  -7.800  1.00 22.46 ? 355 HOH A O   1 
HETATM 1471 O  O   . HOH E 4 .   ? -7.217  19.347  10.704  1.00 30.96 ? 356 HOH A O   1 
HETATM 1472 O  O   . HOH E 4 .   ? -9.238  -9.458  4.650   1.00 29.08 ? 357 HOH A O   1 
HETATM 1473 O  O   . HOH E 4 .   ? -15.822 7.055   -10.200 1.00 39.98 ? 358 HOH A O   1 
HETATM 1474 O  O   . HOH E 4 .   ? -1.150  20.708  20.763  1.00 24.23 ? 359 HOH A O   1 
HETATM 1475 O  O   . HOH E 4 .   ? 13.145  1.996   -9.387  1.00 34.55 ? 360 HOH A O   1 
HETATM 1476 O  O   . HOH E 4 .   ? -11.839 -12.657 -8.173  1.00 33.96 ? 361 HOH A O   1 
HETATM 1477 O  O   . HOH E 4 .   ? -6.170  -5.447  19.549  1.00 21.35 ? 362 HOH A O   1 
HETATM 1478 O  O   . HOH E 4 .   ? -22.249 7.955   3.204   1.00 24.88 ? 363 HOH A O   1 
HETATM 1479 O  O   . HOH E 4 .   ? -14.530 10.002  20.018  1.00 25.11 ? 364 HOH A O   1 
HETATM 1480 O  O   . HOH E 4 .   ? 8.620   -11.539 -10.777 1.00 18.40 ? 365 HOH A O   1 
HETATM 1481 O  O   . HOH E 4 .   ? -14.354 7.248   19.642  1.00 21.92 ? 366 HOH A O   1 
HETATM 1482 O  O   . HOH E 4 .   ? -10.312 9.779   15.415  1.00 18.91 ? 367 HOH A O   1 
HETATM 1483 O  O   . HOH E 4 .   ? -6.842  -4.290  -7.465  1.00 39.92 ? 368 HOH A O   1 
HETATM 1484 O  O   . HOH E 4 .   ? -2.465  25.232  12.189  1.00 37.57 ? 369 HOH A O   1 
HETATM 1485 O  O   . HOH E 4 .   ? 11.041  -17.952 -7.171  1.00 25.86 ? 370 HOH A O   1 
HETATM 1486 O  O   . HOH E 4 .   ? 1.392   -20.594 -18.328 1.00 40.73 ? 371 HOH A O   1 
HETATM 1487 O  O   . HOH E 4 .   ? -14.993 -5.360  14.141  1.00 30.19 ? 372 HOH A O   1 
HETATM 1488 O  O   . HOH E 4 .   ? -0.745  9.333   3.486   1.00 22.15 ? 373 HOH A O   1 
HETATM 1489 O  O   . HOH E 4 .   ? -12.687 13.327  15.116  1.00 22.49 ? 374 HOH A O   1 
HETATM 1490 O  O   . HOH E 4 .   ? -8.127  12.270  15.221  1.00 22.93 ? 375 HOH A O   1 
HETATM 1491 O  O   . HOH E 4 .   ? -8.239  -8.209  2.253   1.00 39.09 ? 376 HOH A O   1 
HETATM 1492 O  O   . HOH E 4 .   ? -14.916 4.829   22.565  1.00 19.91 ? 377 HOH A O   1 
HETATM 1493 O  O   . HOH E 4 .   ? -9.101  -6.832  -1.433  1.00 36.72 ? 378 HOH A O   1 
HETATM 1494 O  O   . HOH E 4 .   ? 21.343  -19.497 -14.004 1.00 26.25 ? 379 HOH A O   1 
HETATM 1495 O  O   . HOH E 4 .   ? -1.079  -8.552  -16.828 1.00 27.08 ? 380 HOH A O   1 
HETATM 1496 O  O   . HOH E 4 .   ? -5.689  20.950  11.608  1.00 34.57 ? 381 HOH A O   1 
HETATM 1497 O  O   . HOH E 4 .   ? -8.499  -6.933  3.984   1.00 29.87 ? 382 HOH A O   1 
HETATM 1498 O  O   . HOH E 4 .   ? -16.064 12.080  -8.879  1.00 53.19 ? 383 HOH A O   1 
HETATM 1499 O  O   . HOH E 4 .   ? -3.363  -4.984  -8.589  1.00 28.28 ? 384 HOH A O   1 
HETATM 1500 O  O   . HOH E 4 .   ? -16.407 11.145  -10.882 1.00 48.77 ? 385 HOH A O   1 
HETATM 1501 O  O   . HOH E 4 .   ? 10.465  -0.972  -17.074 1.00 19.72 ? 386 HOH A O   1 
HETATM 1502 O  O   . HOH E 4 .   ? 2.028   17.465  15.008  1.00 27.81 ? 387 HOH A O   1 
HETATM 1503 O  O   . HOH E 4 .   ? -4.971  15.125  3.573   1.00 30.59 ? 388 HOH A O   1 
HETATM 1504 O  O   . HOH E 4 .   ? 4.631   2.018   18.338  1.00 21.67 ? 389 HOH A O   1 
HETATM 1505 O  O   . HOH E 4 .   ? -17.096 1.463   15.995  1.00 24.11 ? 390 HOH A O   1 
HETATM 1506 O  O   . HOH E 4 .   ? 25.585  -7.550  -10.974 1.00 31.63 ? 391 HOH A O   1 
HETATM 1507 O  O   . HOH E 4 .   ? -24.190 4.863   9.230   1.00 27.62 ? 392 HOH A O   1 
HETATM 1508 O  O   . HOH E 4 .   ? -14.508 5.226   -10.574 1.00 37.81 ? 393 HOH A O   1 
HETATM 1509 O  O   . HOH E 4 .   ? -1.017  11.503  3.562   1.00 18.57 ? 394 HOH A O   1 
HETATM 1510 O  O   . HOH E 4 .   ? -16.591 -8.067  9.905   1.00 31.37 ? 395 HOH A O   1 
HETATM 1511 O  O   . HOH E 4 .   ? -5.801  -0.377  -13.008 1.00 26.74 ? 396 HOH A O   1 
HETATM 1512 O  O   . HOH E 4 .   ? -13.774 1.823   23.043  1.00 20.33 ? 397 HOH A O   1 
HETATM 1513 O  O   . HOH E 4 .   ? -17.837 4.155   20.238  1.00 26.47 ? 398 HOH A O   1 
HETATM 1514 O  O   . HOH E 4 .   ? -16.758 5.585   20.738  1.00 20.72 ? 399 HOH A O   1 
HETATM 1515 O  O   . HOH E 4 .   ? 11.735  -7.226  -7.580  1.00 23.79 ? 400 HOH A O   1 
HETATM 1516 O  O   . HOH E 4 .   ? 24.852  -5.756  -9.338  1.00 34.52 ? 401 HOH A O   1 
HETATM 1517 O  O   . HOH F 4 .   ? 8.552   -14.809 -18.359 1.00 20.65 ? 101 HOH P O   1 
# 
